data_9NLK
# 
_entry.id   9NLK 
# 
_audit_conform.dict_name       mmcif_pdbx.dic 
_audit_conform.dict_version    5.406 
_audit_conform.dict_location   http://mmcif.pdb.org/dictionaries/ascii/mmcif_pdbx.dic 
# 
loop_
_database_2.database_id 
_database_2.database_code 
_database_2.pdbx_database_accession 
_database_2.pdbx_DOI 
PDB   9NLK         pdb_00009nlk 10.2210/pdb9nlk/pdb 
WWPDB D_1000293619 ?            ?                   
# 
_pdbx_audit_revision_history.ordinal             1 
_pdbx_audit_revision_history.data_content_type   'Structure model' 
_pdbx_audit_revision_history.major_revision      1 
_pdbx_audit_revision_history.minor_revision      0 
_pdbx_audit_revision_history.revision_date       2025-09-10 
_pdbx_audit_revision_history.part_number         ? 
# 
_pdbx_audit_revision_details.ordinal             1 
_pdbx_audit_revision_details.revision_ordinal    1 
_pdbx_audit_revision_details.data_content_type   'Structure model' 
_pdbx_audit_revision_details.provider            repository 
_pdbx_audit_revision_details.type                'Initial release' 
_pdbx_audit_revision_details.description         ? 
_pdbx_audit_revision_details.details             ? 
# 
_pdbx_database_status.status_code                     REL 
_pdbx_database_status.status_code_sf                  REL 
_pdbx_database_status.status_code_mr                  ? 
_pdbx_database_status.entry_id                        9NLK 
_pdbx_database_status.recvd_initial_deposition_date   2025-03-03 
_pdbx_database_status.SG_entry                        N 
_pdbx_database_status.deposit_site                    RCSB 
_pdbx_database_status.process_site                    RCSB 
_pdbx_database_status.status_code_cs                  ? 
_pdbx_database_status.status_code_nmr_data            ? 
_pdbx_database_status.methods_development_category    ? 
_pdbx_database_status.pdb_format_compatible           Y 
# 
_pdbx_contact_author.id                 4 
_pdbx_contact_author.email              rs17@nyu.edu 
_pdbx_contact_author.name_first         Ruojie 
_pdbx_contact_author.name_last          Sha 
_pdbx_contact_author.name_mi            ? 
_pdbx_contact_author.role               'principal investigator/group leader' 
_pdbx_contact_author.identifier_ORCID   0000-0002-0807-734X 
# 
loop_
_audit_author.name 
_audit_author.pdbx_ordinal 
_audit_author.identifier_ORCID 
'Horvath, A.'   1 0009-0008-5770-8014 
'Vecchioni, S.' 2 0000-0001-8243-650X 
'Woloszyn, K.'  3 0000-0003-1200-583X 
'Ohayon, Y.P.'  4 0000-0001-7500-4282 
'Sha, R.'       5 0000-0002-0807-734X 
# 
_citation.abstract                  ? 
_citation.abstract_id_CAS           ? 
_citation.book_id_ISBN              ? 
_citation.book_publisher            ? 
_citation.book_publisher_city       ? 
_citation.book_title                ? 
_citation.coordinate_linkage        ? 
_citation.country                   ? 
_citation.database_id_Medline       ? 
_citation.details                   ? 
_citation.id                        primary 
_citation.journal_abbrev            'To Be Published' 
_citation.journal_id_ASTM           ? 
_citation.journal_id_CSD            0353 
_citation.journal_id_ISSN           ? 
_citation.journal_full              ? 
_citation.journal_issue             ? 
_citation.journal_volume            ? 
_citation.language                  ? 
_citation.page_first                ? 
_citation.page_last                 ? 
_citation.title                     'Shifted tensegrity triangles' 
_citation.year                      ? 
_citation.database_id_CSD           ? 
_citation.pdbx_database_id_DOI      ? 
_citation.pdbx_database_id_PubMed   ? 
_citation.pdbx_database_id_patent   ? 
_citation.unpublished_flag          ? 
# 
loop_
_citation_author.citation_id 
_citation_author.name 
_citation_author.ordinal 
_citation_author.identifier_ORCID 
primary 'Horvath, A.'   1 0009-0008-5770-8014 
primary 'Vecchioni, S.' 2 0000-0001-8243-650X 
primary 'Woloszyn, K.'  3 0000-0003-1200-583X 
primary 'Ohayon, Y.P.'  4 0000-0001-7500-4282 
primary 'Sha, R.'       5 0000-0002-0807-734X 
# 
loop_
_entity.id 
_entity.type 
_entity.src_method 
_entity.pdbx_description 
_entity.formula_weight 
_entity.pdbx_number_of_molecules 
_entity.pdbx_ec 
_entity.pdbx_mutation 
_entity.pdbx_fragment 
_entity.details 
1 polymer syn 
;DNA (5'-D(P*GP*TP*GP*CP*GP*TP*GP*TP*GP*AP*CP*TP*GP*T)-3')
;
4342.812 1 ? ? ? ? 
2 polymer syn 
;DNA (5'-D(P*CP*GP*GP*AP*CP*AP*GP*T*CP*AP*CP*AP*CP*GP*CP*A)-3')
;
4877.183 1 ? ? ? ? 
3 polymer syn 
;DNA (5'-D(P*AP*CP*AP*CP*CP*GP*T)-3')
;
2082.400 1 ? ? ? ? 
4 polymer syn 
;DNA (5'-D(P*CP*TP*GP*TP*A)-3')
;
1495.023 1 ? ? ? ? 
# 
loop_
_entity_poly.entity_id 
_entity_poly.type 
_entity_poly.nstd_linkage 
_entity_poly.nstd_monomer 
_entity_poly.pdbx_seq_one_letter_code 
_entity_poly.pdbx_seq_one_letter_code_can 
_entity_poly.pdbx_strand_id 
_entity_poly.pdbx_target_identifier 
1 polydeoxyribonucleotide no no '(DG)(DT)(DG)(DC)(DG)(DT)(DG)(DT)(DG)(DA)(DC)(DT)(DG)(DT)'         GTGCGTGTGACTGT   A ? 
2 polydeoxyribonucleotide no no '(DC)(DG)(DG)(DA)(DC)(DA)(DG)(DT)(DC)(DA)(DC)(DA)(DC)(DG)(DC)(DA)' CGGACAGTCACACGCA B ? 
3 polydeoxyribonucleotide no no '(DA)(DC)(DA)(DC)(DC)(DG)(DT)'                                     ACACCGT          C ? 
4 polydeoxyribonucleotide no no '(DC)(DT)(DG)(DT)(DA)'                                             CTGTA            F ? 
# 
loop_
_entity_poly_seq.entity_id 
_entity_poly_seq.num 
_entity_poly_seq.mon_id 
_entity_poly_seq.hetero 
1 1  DG n 
1 2  DT n 
1 3  DG n 
1 4  DC n 
1 5  DG n 
1 6  DT n 
1 7  DG n 
1 8  DT n 
1 9  DG n 
1 10 DA n 
1 11 DC n 
1 12 DT n 
1 13 DG n 
1 14 DT n 
2 1  DC n 
2 2  DG n 
2 3  DG n 
2 4  DA n 
2 5  DC n 
2 6  DA n 
2 7  DG n 
2 8  DT n 
2 9  DC n 
2 10 DA n 
2 11 DC n 
2 12 DA n 
2 13 DC n 
2 14 DG n 
2 15 DC n 
2 16 DA n 
3 1  DA n 
3 2  DC n 
3 3  DA n 
3 4  DC n 
3 5  DC n 
3 6  DG n 
3 7  DT n 
4 1  DC n 
4 2  DT n 
4 3  DG n 
4 4  DT n 
4 5  DA n 
# 
loop_
_pdbx_entity_src_syn.entity_id 
_pdbx_entity_src_syn.pdbx_src_id 
_pdbx_entity_src_syn.pdbx_alt_source_flag 
_pdbx_entity_src_syn.pdbx_beg_seq_num 
_pdbx_entity_src_syn.pdbx_end_seq_num 
_pdbx_entity_src_syn.organism_scientific 
_pdbx_entity_src_syn.organism_common_name 
_pdbx_entity_src_syn.ncbi_taxonomy_id 
_pdbx_entity_src_syn.details 
1 1 sample 1 14 'synthetic construct' ? 32630 ? 
2 1 sample 1 16 'synthetic construct' ? 32630 ? 
3 1 sample 1 7  'synthetic construct' ? 32630 ? 
4 1 sample 1 5  'synthetic construct' ? 32630 ? 
# 
loop_
_chem_comp.id 
_chem_comp.type 
_chem_comp.mon_nstd_flag 
_chem_comp.name 
_chem_comp.pdbx_synonyms 
_chem_comp.formula 
_chem_comp.formula_weight 
DA 'DNA linking' y "2'-DEOXYADENOSINE-5'-MONOPHOSPHATE" ? 'C10 H14 N5 O6 P' 331.222 
DC 'DNA linking' y "2'-DEOXYCYTIDINE-5'-MONOPHOSPHATE"  ? 'C9 H14 N3 O7 P'  307.197 
DG 'DNA linking' y "2'-DEOXYGUANOSINE-5'-MONOPHOSPHATE" ? 'C10 H14 N5 O7 P' 347.221 
DT 'DNA linking' y "THYMIDINE-5'-MONOPHOSPHATE"         ? 'C10 H15 N2 O8 P' 322.208 
# 
loop_
_pdbx_poly_seq_scheme.asym_id 
_pdbx_poly_seq_scheme.entity_id 
_pdbx_poly_seq_scheme.seq_id 
_pdbx_poly_seq_scheme.mon_id 
_pdbx_poly_seq_scheme.ndb_seq_num 
_pdbx_poly_seq_scheme.pdb_seq_num 
_pdbx_poly_seq_scheme.auth_seq_num 
_pdbx_poly_seq_scheme.pdb_mon_id 
_pdbx_poly_seq_scheme.auth_mon_id 
_pdbx_poly_seq_scheme.pdb_strand_id 
_pdbx_poly_seq_scheme.pdb_ins_code 
_pdbx_poly_seq_scheme.hetero 
A 1 1  DG 1  1  1  DG DG A . n 
A 1 2  DT 2  2  2  DT DT A . n 
A 1 3  DG 3  3  3  DG DG A . n 
A 1 4  DC 4  4  4  DC DC A . n 
A 1 5  DG 5  5  5  DG DG A . n 
A 1 6  DT 6  6  6  DT DT A . n 
A 1 7  DG 7  7  7  DG DG A . n 
A 1 8  DT 8  8  8  DT DT A . n 
A 1 9  DG 9  9  9  DG DG A . n 
A 1 10 DA 10 10 10 DA DA A . n 
A 1 11 DC 11 11 11 DC DC A . n 
A 1 12 DT 12 12 12 DT DT A . n 
A 1 13 DG 13 13 13 DG DG A . n 
A 1 14 DT 14 14 14 DT DT A . n 
B 2 1  DC 1  7  7  DC DC B . n 
B 2 2  DG 2  8  8  DG DG B . n 
B 2 3  DG 3  9  9  DG DG B . n 
B 2 4  DA 4  10 10 DA DA B . n 
B 2 5  DC 5  11 11 DC DC B . n 
B 2 6  DA 6  12 12 DA DA B . n 
B 2 7  DG 7  13 13 DG DG B . n 
B 2 8  DT 8  14 14 DT DT B . n 
B 2 9  DC 9  15 15 DC DC B . n 
B 2 10 DA 10 16 16 DA DA B . n 
B 2 11 DC 11 17 17 DC DC B . n 
B 2 12 DA 12 18 18 DA DA B . n 
B 2 13 DC 13 19 19 DC DC B . n 
B 2 14 DG 14 20 20 DG DG B . n 
B 2 15 DC 15 21 21 DC DC B . n 
B 2 16 DA 16 22 22 DA DA B . n 
C 3 1  DA 1  19 19 DA DA C . n 
C 3 2  DC 2  20 20 DC DC C . n 
C 3 3  DA 3  21 21 DA DA C . n 
C 3 4  DC 4  22 22 DC DC C . n 
C 3 5  DC 5  23 23 DC DC C . n 
C 3 6  DG 6  24 24 DG DG C . n 
C 3 7  DT 7  25 25 DT DT C . n 
D 4 1  DC 1  2  2  DC DC F . n 
D 4 2  DT 2  3  3  DT DT F . n 
D 4 3  DG 3  4  4  DG DG F . n 
D 4 4  DT 4  5  5  DT DT F . n 
D 4 5  DA 5  6  6  DA DA F . n 
# 
loop_
_software.citation_id 
_software.classification 
_software.compiler_name 
_software.compiler_version 
_software.contact_author 
_software.contact_author_email 
_software.date 
_software.description 
_software.dependencies 
_software.hardware 
_software.language 
_software.location 
_software.mods 
_software.name 
_software.os 
_software.os_version 
_software.type 
_software.version 
_software.pdbx_ordinal 
? refinement       ? ? ? ? ? ? ? ? ? ? ? PHENIX    ? ? ? 1.20.1_4487 1 
? 'data reduction' ? ? ? ? ? ? ? ? ? ? ? autoPROC  ? ? ? .           2 
? 'data scaling'   ? ? ? ? ? ? ? ? ? ? ? STARANISO ? ? ? .           3 
? phasing          ? ? ? ? ? ? ? ? ? ? ? PHASER    ? ? ? .           4 
# 
_cell.angle_alpha                  90.000 
_cell.angle_alpha_esd              ? 
_cell.angle_beta                   90.000 
_cell.angle_beta_esd               ? 
_cell.angle_gamma                  120.000 
_cell.angle_gamma_esd              ? 
_cell.entry_id                     9NLK 
_cell.details                      ? 
_cell.formula_units_Z              ? 
_cell.length_a                     115.243 
_cell.length_a_esd                 ? 
_cell.length_b                     115.243 
_cell.length_b_esd                 ? 
_cell.length_c                     67.158 
_cell.length_c_esd                 ? 
_cell.volume                       772427.090 
_cell.volume_esd                   ? 
_cell.Z_PDB                        9 
_cell.reciprocal_angle_alpha       ? 
_cell.reciprocal_angle_beta        ? 
_cell.reciprocal_angle_gamma       ? 
_cell.reciprocal_angle_alpha_esd   ? 
_cell.reciprocal_angle_beta_esd    ? 
_cell.reciprocal_angle_gamma_esd   ? 
_cell.reciprocal_length_a          ? 
_cell.reciprocal_length_b          ? 
_cell.reciprocal_length_c          ? 
_cell.reciprocal_length_a_esd      ? 
_cell.reciprocal_length_b_esd      ? 
_cell.reciprocal_length_c_esd      ? 
_cell.pdbx_unique_axis             ? 
_cell.pdbx_esd_method              ? 
# 
_symmetry.entry_id                         9NLK 
_symmetry.cell_setting                     ? 
_symmetry.Int_Tables_number                146 
_symmetry.space_group_name_Hall            'R 3' 
_symmetry.space_group_name_H-M             'H 3' 
_symmetry.pdbx_full_space_group_name_H-M   ? 
# 
_exptl.absorpt_coefficient_mu     ? 
_exptl.absorpt_correction_T_max   ? 
_exptl.absorpt_correction_T_min   ? 
_exptl.absorpt_correction_type    ? 
_exptl.absorpt_process_details    ? 
_exptl.entry_id                   9NLK 
_exptl.crystals_number            1 
_exptl.details                    ? 
_exptl.method                     'X-RAY DIFFRACTION' 
_exptl.method_details             ? 
# 
_exptl_crystal.colour                       ? 
_exptl_crystal.density_diffrn               ? 
_exptl_crystal.density_Matthews             6.71 
_exptl_crystal.density_method               ? 
_exptl_crystal.density_percent_sol          81.66 
_exptl_crystal.description                  ? 
_exptl_crystal.F_000                        ? 
_exptl_crystal.id                           1 
_exptl_crystal.preparation                  ? 
_exptl_crystal.size_max                     ? 
_exptl_crystal.size_mid                     ? 
_exptl_crystal.size_min                     ? 
_exptl_crystal.size_rad                     ? 
_exptl_crystal.colour_lustre                ? 
_exptl_crystal.colour_modifier              ? 
_exptl_crystal.colour_primary               ? 
_exptl_crystal.density_meas                 ? 
_exptl_crystal.density_meas_esd             ? 
_exptl_crystal.density_meas_gt              ? 
_exptl_crystal.density_meas_lt              ? 
_exptl_crystal.density_meas_temp            ? 
_exptl_crystal.density_meas_temp_esd        ? 
_exptl_crystal.density_meas_temp_gt         ? 
_exptl_crystal.density_meas_temp_lt         ? 
_exptl_crystal.pdbx_crystal_image_url       ? 
_exptl_crystal.pdbx_crystal_image_format    ? 
_exptl_crystal.pdbx_mosaicity               ? 
_exptl_crystal.pdbx_mosaicity_esd           ? 
_exptl_crystal.pdbx_mosaic_method           ? 
_exptl_crystal.pdbx_mosaic_block_size       ? 
_exptl_crystal.pdbx_mosaic_block_size_esd   ? 
# 
_exptl_crystal_grow.apparatus       ? 
_exptl_crystal_grow.atmosphere      ? 
_exptl_crystal_grow.crystal_id      1 
_exptl_crystal_grow.details         ? 
_exptl_crystal_grow.method          'VAPOR DIFFUSION, HANGING DROP' 
_exptl_crystal_grow.method_ref      ? 
_exptl_crystal_grow.pH              ? 
_exptl_crystal_grow.pressure        ? 
_exptl_crystal_grow.pressure_esd    ? 
_exptl_crystal_grow.seeding         ? 
_exptl_crystal_grow.seeding_ref     ? 
_exptl_crystal_grow.temp_details    '338-293 at 0.4/hr' 
_exptl_crystal_grow.temp_esd        ? 
_exptl_crystal_grow.time            ? 
_exptl_crystal_grow.pdbx_details    '100 mM MOPS, 1.25 M magnesium sulfate' 
_exptl_crystal_grow.pdbx_pH_range   ? 
_exptl_crystal_grow.temp            293 
# 
_diffrn.ambient_environment              ? 
_diffrn.ambient_temp                     100 
_diffrn.ambient_temp_details             ? 
_diffrn.ambient_temp_esd                 ? 
_diffrn.crystal_id                       1 
_diffrn.crystal_support                  ? 
_diffrn.crystal_treatment                ? 
_diffrn.details                          ? 
_diffrn.id                               1 
_diffrn.ambient_pressure                 ? 
_diffrn.ambient_pressure_esd             ? 
_diffrn.ambient_pressure_gt              ? 
_diffrn.ambient_pressure_lt              ? 
_diffrn.ambient_temp_gt                  ? 
_diffrn.ambient_temp_lt                  ? 
_diffrn.pdbx_serial_crystal_experiment   N 
# 
_diffrn_detector.details                      ? 
_diffrn_detector.detector                     PIXEL 
_diffrn_detector.diffrn_id                    1 
_diffrn_detector.type                         'DECTRIS EIGER X 9M' 
_diffrn_detector.area_resol_mean              ? 
_diffrn_detector.dtime                        ? 
_diffrn_detector.pdbx_frames_total            ? 
_diffrn_detector.pdbx_collection_time_total   ? 
_diffrn_detector.pdbx_collection_date         2023-03-19 
_diffrn_detector.pdbx_frequency               ? 
_diffrn_detector.id                           ? 
_diffrn_detector.number_of_axes               ? 
# 
_diffrn_radiation.collimation                      ? 
_diffrn_radiation.diffrn_id                        1 
_diffrn_radiation.filter_edge                      ? 
_diffrn_radiation.inhomogeneity                    ? 
_diffrn_radiation.monochromator                    ? 
_diffrn_radiation.polarisn_norm                    ? 
_diffrn_radiation.polarisn_ratio                   ? 
_diffrn_radiation.probe                            ? 
_diffrn_radiation.type                             ? 
_diffrn_radiation.xray_symbol                      ? 
_diffrn_radiation.wavelength_id                    1 
_diffrn_radiation.pdbx_monochromatic_or_laue_m_l   M 
_diffrn_radiation.pdbx_wavelength_list             ? 
_diffrn_radiation.pdbx_wavelength                  ? 
_diffrn_radiation.pdbx_diffrn_protocol             'SINGLE WAVELENGTH' 
_diffrn_radiation.pdbx_analyzer                    ? 
_diffrn_radiation.pdbx_scattering_type             x-ray 
# 
_diffrn_radiation_wavelength.id           1 
_diffrn_radiation_wavelength.wavelength   0.991870 
_diffrn_radiation_wavelength.wt           1.0 
# 
_diffrn_source.current                     ? 
_diffrn_source.details                     ? 
_diffrn_source.diffrn_id                   1 
_diffrn_source.power                       ? 
_diffrn_source.size                        ? 
_diffrn_source.source                      SYNCHROTRON 
_diffrn_source.target                      ? 
_diffrn_source.type                        'APS BEAMLINE 17-ID' 
_diffrn_source.voltage                     ? 
_diffrn_source.take-off_angle              ? 
_diffrn_source.pdbx_wavelength_list        0.991870 
_diffrn_source.pdbx_wavelength             ? 
_diffrn_source.pdbx_synchrotron_beamline   17-ID 
_diffrn_source.pdbx_synchrotron_site       APS 
# 
_reflns.B_iso_Wilson_estimate                          310.81 
_reflns.entry_id                                       9NLK 
_reflns.data_reduction_details                         ? 
_reflns.data_reduction_method                          ? 
_reflns.d_resolution_high                              7.42 
_reflns.d_resolution_low                               57.621 
_reflns.details                                        ? 
_reflns.limit_h_max                                    ? 
_reflns.limit_h_min                                    ? 
_reflns.limit_k_max                                    ? 
_reflns.limit_k_min                                    ? 
_reflns.limit_l_max                                    ? 
_reflns.limit_l_min                                    ? 
_reflns.number_all                                     ? 
_reflns.number_obs                                     370 
_reflns.observed_criterion                             ? 
_reflns.observed_criterion_F_max                       ? 
_reflns.observed_criterion_F_min                       ? 
_reflns.observed_criterion_I_max                       ? 
_reflns.observed_criterion_I_min                       ? 
_reflns.observed_criterion_sigma_F                     ? 
_reflns.observed_criterion_sigma_I                     ? 
_reflns.percent_possible_obs                           84.5 
_reflns.R_free_details                                 ? 
_reflns.Rmerge_F_all                                   ? 
_reflns.Rmerge_F_obs                                   ? 
_reflns.Friedel_coverage                               ? 
_reflns.number_gt                                      ? 
_reflns.threshold_expression                           ? 
_reflns.pdbx_redundancy                                8.3 
_reflns.pdbx_netI_over_av_sigmaI                       ? 
_reflns.pdbx_netI_over_sigmaI                          3.1 
_reflns.pdbx_res_netI_over_av_sigmaI_2                 ? 
_reflns.pdbx_res_netI_over_sigmaI_2                    ? 
_reflns.pdbx_chi_squared                               ? 
_reflns.pdbx_scaling_rejects                           ? 
_reflns.pdbx_d_res_high_opt                            ? 
_reflns.pdbx_d_res_low_opt                             ? 
_reflns.pdbx_d_res_opt_method                          ? 
_reflns.phase_calculation_details                      ? 
_reflns.pdbx_Rrim_I_all                                ? 
_reflns.pdbx_Rpim_I_all                                ? 
_reflns.pdbx_d_opt                                     ? 
_reflns.pdbx_number_measured_all                       ? 
_reflns.pdbx_diffrn_id                                 1 
_reflns.pdbx_ordinal                                   1 
_reflns.pdbx_CC_half                                   0.963 
_reflns.pdbx_CC_star                                   ? 
_reflns.pdbx_R_split                                   ? 
_reflns.pdbx_Rmerge_I_obs                              ? 
_reflns.pdbx_Rmerge_I_all                              ? 
_reflns.pdbx_Rsym_value                                ? 
_reflns.pdbx_CC_split_method                           ? 
_reflns.pdbx_aniso_diffraction_limit_axis_1_ortho[1]   ? 
_reflns.pdbx_aniso_diffraction_limit_axis_1_ortho[2]   ? 
_reflns.pdbx_aniso_diffraction_limit_axis_1_ortho[3]   ? 
_reflns.pdbx_aniso_diffraction_limit_axis_2_ortho[1]   ? 
_reflns.pdbx_aniso_diffraction_limit_axis_2_ortho[2]   ? 
_reflns.pdbx_aniso_diffraction_limit_axis_2_ortho[3]   ? 
_reflns.pdbx_aniso_diffraction_limit_axis_3_ortho[1]   ? 
_reflns.pdbx_aniso_diffraction_limit_axis_3_ortho[2]   ? 
_reflns.pdbx_aniso_diffraction_limit_axis_3_ortho[3]   ? 
_reflns.pdbx_aniso_diffraction_limit_1                 ? 
_reflns.pdbx_aniso_diffraction_limit_2                 ? 
_reflns.pdbx_aniso_diffraction_limit_3                 ? 
_reflns.pdbx_aniso_B_tensor_eigenvector_1_ortho[1]     ? 
_reflns.pdbx_aniso_B_tensor_eigenvector_1_ortho[2]     ? 
_reflns.pdbx_aniso_B_tensor_eigenvector_1_ortho[3]     ? 
_reflns.pdbx_aniso_B_tensor_eigenvector_2_ortho[1]     ? 
_reflns.pdbx_aniso_B_tensor_eigenvector_2_ortho[2]     ? 
_reflns.pdbx_aniso_B_tensor_eigenvector_2_ortho[3]     ? 
_reflns.pdbx_aniso_B_tensor_eigenvector_3_ortho[1]     ? 
_reflns.pdbx_aniso_B_tensor_eigenvector_3_ortho[2]     ? 
_reflns.pdbx_aniso_B_tensor_eigenvector_3_ortho[3]     ? 
_reflns.pdbx_aniso_B_tensor_eigenvalue_1               ? 
_reflns.pdbx_aniso_B_tensor_eigenvalue_2               ? 
_reflns.pdbx_aniso_B_tensor_eigenvalue_3               ? 
_reflns.pdbx_orthogonalization_convention              ? 
_reflns.pdbx_percent_possible_ellipsoidal              ? 
_reflns.pdbx_percent_possible_spherical                ? 
_reflns.pdbx_percent_possible_ellipsoidal_anomalous    ? 
_reflns.pdbx_percent_possible_spherical_anomalous      ? 
_reflns.pdbx_redundancy_anomalous                      ? 
_reflns.pdbx_CC_half_anomalous                         ? 
_reflns.pdbx_absDiff_over_sigma_anomalous              ? 
_reflns.pdbx_percent_possible_anomalous                ? 
_reflns.pdbx_observed_signal_threshold                 ? 
_reflns.pdbx_signal_type                               ? 
_reflns.pdbx_signal_details                            ? 
_reflns.pdbx_signal_software_id                        ? 
# 
loop_
_reflns_shell.d_res_high 
_reflns_shell.d_res_low 
_reflns_shell.meanI_over_sigI_all 
_reflns_shell.meanI_over_sigI_obs 
_reflns_shell.number_measured_all 
_reflns_shell.number_measured_obs 
_reflns_shell.number_possible 
_reflns_shell.number_unique_all 
_reflns_shell.number_unique_obs 
_reflns_shell.percent_possible_obs 
_reflns_shell.Rmerge_F_all 
_reflns_shell.Rmerge_F_obs 
_reflns_shell.meanI_over_sigI_gt 
_reflns_shell.meanI_over_uI_all 
_reflns_shell.meanI_over_uI_gt 
_reflns_shell.number_measured_gt 
_reflns_shell.number_unique_gt 
_reflns_shell.percent_possible_gt 
_reflns_shell.Rmerge_F_gt 
_reflns_shell.Rmerge_I_gt 
_reflns_shell.pdbx_redundancy 
_reflns_shell.pdbx_chi_squared 
_reflns_shell.pdbx_netI_over_sigmaI_all 
_reflns_shell.pdbx_netI_over_sigmaI_obs 
_reflns_shell.pdbx_Rrim_I_all 
_reflns_shell.pdbx_Rpim_I_all 
_reflns_shell.pdbx_rejects 
_reflns_shell.pdbx_ordinal 
_reflns_shell.pdbx_diffrn_id 
_reflns_shell.pdbx_CC_half 
_reflns_shell.pdbx_CC_star 
_reflns_shell.pdbx_R_split 
_reflns_shell.percent_possible_all 
_reflns_shell.Rmerge_I_all 
_reflns_shell.Rmerge_I_obs 
_reflns_shell.pdbx_Rsym_value 
_reflns_shell.pdbx_percent_possible_ellipsoidal 
_reflns_shell.pdbx_percent_possible_spherical 
_reflns_shell.pdbx_percent_possible_ellipsoidal_anomalous 
_reflns_shell.pdbx_percent_possible_spherical_anomalous 
_reflns_shell.pdbx_redundancy_anomalous 
_reflns_shell.pdbx_CC_half_anomalous 
_reflns_shell.pdbx_absDiff_over_sigma_anomalous 
_reflns_shell.pdbx_percent_possible_anomalous 
7.422 9.872  ? ? ? ? ? ? 185 ? ? ? ? ? ? ? ? ? ? ? ? ? ? ? ? ? ? 1 1 0.748 ? ? ? ? ? ? ? ? ? ? ? ? ? ? 
9.937 57.621 ? ? ? ? ? ? 185 ? ? ? ? ? ? ? ? ? ? ? ? ? ? ? ? ? ? 2 1 0.961 ? ? ? ? ? ? ? ? ? ? ? ? ? ? 
# 
_refine.aniso_B[1][1]                            ? 
_refine.aniso_B[1][2]                            ? 
_refine.aniso_B[1][3]                            ? 
_refine.aniso_B[2][2]                            ? 
_refine.aniso_B[2][3]                            ? 
_refine.aniso_B[3][3]                            ? 
_refine.B_iso_max                                ? 
_refine.B_iso_mean                               578.90 
_refine.B_iso_min                                ? 
_refine.correlation_coeff_Fo_to_Fc               ? 
_refine.correlation_coeff_Fo_to_Fc_free          ? 
_refine.details                                  ? 
_refine.diff_density_max                         ? 
_refine.diff_density_max_esd                     ? 
_refine.diff_density_min                         ? 
_refine.diff_density_min_esd                     ? 
_refine.diff_density_rms                         ? 
_refine.diff_density_rms_esd                     ? 
_refine.entry_id                                 9NLK 
_refine.pdbx_refine_id                           'X-RAY DIFFRACTION' 
_refine.ls_abs_structure_details                 ? 
_refine.ls_abs_structure_Flack                   ? 
_refine.ls_abs_structure_Flack_esd               ? 
_refine.ls_abs_structure_Rogers                  ? 
_refine.ls_abs_structure_Rogers_esd              ? 
_refine.ls_d_res_high                            7.42 
_refine.ls_d_res_low                             33.27 
_refine.ls_extinction_coef                       ? 
_refine.ls_extinction_coef_esd                   ? 
_refine.ls_extinction_expression                 ? 
_refine.ls_extinction_method                     ? 
_refine.ls_goodness_of_fit_all                   ? 
_refine.ls_goodness_of_fit_all_esd               ? 
_refine.ls_goodness_of_fit_obs                   ? 
_refine.ls_goodness_of_fit_obs_esd               ? 
_refine.ls_hydrogen_treatment                    ? 
_refine.ls_matrix_type                           ? 
_refine.ls_number_constraints                    ? 
_refine.ls_number_parameters                     ? 
_refine.ls_number_reflns_all                     ? 
_refine.ls_number_reflns_obs                     358 
_refine.ls_number_reflns_R_free                  21 
_refine.ls_number_reflns_R_work                  337 
_refine.ls_number_restraints                     ? 
_refine.ls_percent_reflns_obs                    81.92 
_refine.ls_percent_reflns_R_free                 5.87 
_refine.ls_R_factor_all                          ? 
_refine.ls_R_factor_obs                          0.1747 
_refine.ls_R_factor_R_free                       0.3120 
_refine.ls_R_factor_R_free_error                 ? 
_refine.ls_R_factor_R_free_error_details         ? 
_refine.ls_R_factor_R_work                       0.1692 
_refine.ls_R_Fsqd_factor_obs                     ? 
_refine.ls_R_I_factor_obs                        ? 
_refine.ls_redundancy_reflns_all                 ? 
_refine.ls_redundancy_reflns_obs                 ? 
_refine.ls_restrained_S_all                      ? 
_refine.ls_restrained_S_obs                      ? 
_refine.ls_shift_over_esd_max                    ? 
_refine.ls_shift_over_esd_mean                   ? 
_refine.ls_structure_factor_coef                 ? 
_refine.ls_weighting_details                     ? 
_refine.ls_weighting_scheme                      ? 
_refine.ls_wR_factor_all                         ? 
_refine.ls_wR_factor_obs                         ? 
_refine.ls_wR_factor_R_free                      ? 
_refine.ls_wR_factor_R_work                      ? 
_refine.occupancy_max                            ? 
_refine.occupancy_min                            ? 
_refine.solvent_model_details                    'FLAT BULK SOLVENT MODEL' 
_refine.solvent_model_param_bsol                 ? 
_refine.solvent_model_param_ksol                 ? 
_refine.correlation_coeff_I_to_Fcsqd_work        ? 
_refine.correlation_coeff_I_to_Fcsqd_free        ? 
_refine.pdbx_R_complete                          ? 
_refine.ls_R_factor_gt                           ? 
_refine.ls_goodness_of_fit_gt                    ? 
_refine.ls_goodness_of_fit_ref                   ? 
_refine.ls_shift_over_su_max                     ? 
_refine.ls_shift_over_su_max_lt                  ? 
_refine.ls_shift_over_su_mean                    ? 
_refine.ls_shift_over_su_mean_lt                 ? 
_refine.pdbx_ls_sigma_I                          ? 
_refine.pdbx_ls_sigma_F                          2.00 
_refine.pdbx_ls_sigma_Fsqd                       ? 
_refine.pdbx_data_cutoff_high_absF               ? 
_refine.pdbx_data_cutoff_high_rms_absF           ? 
_refine.pdbx_data_cutoff_low_absF                ? 
_refine.pdbx_isotropic_thermal_model             ? 
_refine.pdbx_ls_cross_valid_method               'FREE R-VALUE' 
_refine.pdbx_method_to_determine_struct          'MOLECULAR REPLACEMENT' 
_refine.pdbx_starting_model                      ? 
_refine.pdbx_stereochemistry_target_values       'GeoStd + Monomer Library + CDL v1.2' 
_refine.pdbx_R_Free_selection_details            ? 
_refine.pdbx_stereochem_target_val_spec_case     ? 
_refine.pdbx_overall_ESU_R                       ? 
_refine.pdbx_overall_ESU_R_Free                  ? 
_refine.pdbx_solvent_vdw_probe_radii             1.1000 
_refine.pdbx_solvent_ion_probe_radii             ? 
_refine.pdbx_solvent_shrinkage_radii             0.9000 
_refine.pdbx_real_space_R                        ? 
_refine.pdbx_density_correlation                 ? 
_refine.pdbx_pd_number_of_powder_patterns        ? 
_refine.pdbx_pd_number_of_points                 ? 
_refine.pdbx_pd_meas_number_of_points            ? 
_refine.pdbx_pd_proc_ls_prof_R_factor            ? 
_refine.pdbx_pd_proc_ls_prof_wR_factor           ? 
_refine.pdbx_pd_Marquardt_correlation_coeff      ? 
_refine.pdbx_pd_Fsqrd_R_factor                   ? 
_refine.pdbx_pd_ls_matrix_band_width             ? 
_refine.pdbx_overall_phase_error                 24.4418 
_refine.pdbx_overall_SU_R_free_Cruickshank_DPI   ? 
_refine.pdbx_overall_SU_R_free_Blow_DPI          ? 
_refine.pdbx_overall_SU_R_Blow_DPI               ? 
_refine.pdbx_TLS_residual_ADP_flag               ? 
_refine.pdbx_diffrn_id                           1 
_refine.overall_SU_B                             ? 
_refine.overall_SU_ML                            0.8098 
_refine.overall_SU_R_Cruickshank_DPI             ? 
_refine.overall_SU_R_free                        ? 
_refine.overall_FOM_free_R_set                   ? 
_refine.overall_FOM_work_R_set                   ? 
_refine.pdbx_average_fsc_overall                 ? 
_refine.pdbx_average_fsc_work                    ? 
_refine.pdbx_average_fsc_free                    ? 
# 
_refine_hist.pdbx_refine_id                   'X-RAY DIFFRACTION' 
_refine_hist.cycle_id                         LAST 
_refine_hist.details                          ? 
_refine_hist.d_res_high                       7.42 
_refine_hist.d_res_low                        33.27 
_refine_hist.number_atoms_solvent             0 
_refine_hist.number_atoms_total               861 
_refine_hist.number_reflns_all                ? 
_refine_hist.number_reflns_obs                ? 
_refine_hist.number_reflns_R_free             ? 
_refine_hist.number_reflns_R_work             ? 
_refine_hist.R_factor_all                     ? 
_refine_hist.R_factor_obs                     ? 
_refine_hist.R_factor_R_free                  ? 
_refine_hist.R_factor_R_work                  ? 
_refine_hist.pdbx_number_residues_total       ? 
_refine_hist.pdbx_B_iso_mean_ligand           ? 
_refine_hist.pdbx_B_iso_mean_solvent          ? 
_refine_hist.pdbx_number_atoms_protein        0 
_refine_hist.pdbx_number_atoms_nucleic_acid   861 
_refine_hist.pdbx_number_atoms_ligand         0 
_refine_hist.pdbx_number_atoms_lipid          ? 
_refine_hist.pdbx_number_atoms_carb           ? 
_refine_hist.pdbx_pseudo_atom_details         ? 
# 
loop_
_refine_ls_restr.pdbx_refine_id 
_refine_ls_restr.criterion 
_refine_ls_restr.dev_ideal 
_refine_ls_restr.dev_ideal_target 
_refine_ls_restr.number 
_refine_ls_restr.rejects 
_refine_ls_restr.type 
_refine_ls_restr.weight 
_refine_ls_restr.pdbx_restraint_function 
'X-RAY DIFFRACTION' ? 0.0051  ? 962  ? f_bond_d           ? ? 
'X-RAY DIFFRACTION' ? 0.7279  ? 1475 ? f_angle_d          ? ? 
'X-RAY DIFFRACTION' ? 0.0360  ? 168  ? f_chiral_restr     ? ? 
'X-RAY DIFFRACTION' ? 0.0039  ? 42   ? f_plane_restr      ? ? 
'X-RAY DIFFRACTION' ? 35.6852 ? 408  ? f_dihedral_angle_d ? ? 
# 
_refine_ls_shell.pdbx_refine_id                      'X-RAY DIFFRACTION' 
_refine_ls_shell.d_res_high                          7.42 
_refine_ls_shell.d_res_low                           33.27 
_refine_ls_shell.number_reflns_all                   ? 
_refine_ls_shell.number_reflns_obs                   ? 
_refine_ls_shell.number_reflns_R_free                21 
_refine_ls_shell.number_reflns_R_work                337 
_refine_ls_shell.percent_reflns_obs                  81.92 
_refine_ls_shell.percent_reflns_R_free               ? 
_refine_ls_shell.R_factor_all                        ? 
_refine_ls_shell.R_factor_obs                        ? 
_refine_ls_shell.R_factor_R_free_error               ? 
_refine_ls_shell.R_factor_R_work                     0.1692 
_refine_ls_shell.redundancy_reflns_all               ? 
_refine_ls_shell.redundancy_reflns_obs               ? 
_refine_ls_shell.wR_factor_all                       ? 
_refine_ls_shell.wR_factor_obs                       ? 
_refine_ls_shell.wR_factor_R_free                    ? 
_refine_ls_shell.wR_factor_R_work                    ? 
_refine_ls_shell.pdbx_R_complete                     ? 
_refine_ls_shell.correlation_coeff_Fo_to_Fc          ? 
_refine_ls_shell.correlation_coeff_Fo_to_Fc_free     ? 
_refine_ls_shell.correlation_coeff_I_to_Fcsqd_work   ? 
_refine_ls_shell.correlation_coeff_I_to_Fcsqd_free   ? 
_refine_ls_shell.pdbx_total_number_of_bins_used      ? 
_refine_ls_shell.pdbx_phase_error                    ? 
_refine_ls_shell.pdbx_fsc_work                       ? 
_refine_ls_shell.pdbx_fsc_free                       ? 
_refine_ls_shell.R_factor_R_free                     0.3120 
# 
_struct.entry_id                     9NLK 
_struct.title                        
;[0,7,13,P-->14] Shifted tensegrity triangle with an (arm,center,arm) distribution of (0,7,13) base pairs, 1 nt sticky ends, and 5' phosphates containing a semi-junction that becomes left-handed
;
_struct.pdbx_model_details           ? 
_struct.pdbx_formula_weight          ? 
_struct.pdbx_formula_weight_method   ? 
_struct.pdbx_model_type_details      ? 
_struct.pdbx_CASP_flag               N 
# 
_struct_keywords.entry_id        9NLK 
_struct_keywords.text            'tensegrity triangle, DNA' 
_struct_keywords.pdbx_keywords   DNA 
# 
loop_
_struct_asym.id 
_struct_asym.pdbx_blank_PDB_chainid_flag 
_struct_asym.pdbx_modified 
_struct_asym.entity_id 
_struct_asym.details 
A N N 1 ? 
B N N 2 ? 
C N N 3 ? 
D N N 4 ? 
# 
loop_
_struct_ref.id 
_struct_ref.db_name 
_struct_ref.db_code 
_struct_ref.pdbx_db_accession 
_struct_ref.pdbx_db_isoform 
_struct_ref.entity_id 
_struct_ref.pdbx_seq_one_letter_code 
_struct_ref.pdbx_align_begin 
1 PDB 9NLK 9NLK ? 1 ? 1 
2 PDB 9NLK 9NLK ? 2 ? 1 
3 PDB 9NLK 9NLK ? 3 ? 1 
4 PDB 9NLK 9NLK ? 4 ? 1 
# 
loop_
_struct_ref_seq.align_id 
_struct_ref_seq.ref_id 
_struct_ref_seq.pdbx_PDB_id_code 
_struct_ref_seq.pdbx_strand_id 
_struct_ref_seq.seq_align_beg 
_struct_ref_seq.pdbx_seq_align_beg_ins_code 
_struct_ref_seq.seq_align_end 
_struct_ref_seq.pdbx_seq_align_end_ins_code 
_struct_ref_seq.pdbx_db_accession 
_struct_ref_seq.db_align_beg 
_struct_ref_seq.pdbx_db_align_beg_ins_code 
_struct_ref_seq.db_align_end 
_struct_ref_seq.pdbx_db_align_end_ins_code 
_struct_ref_seq.pdbx_auth_seq_align_beg 
_struct_ref_seq.pdbx_auth_seq_align_end 
1 1 9NLK A 1 ? 14 ? 9NLK 1  ? 14 ? 1  14 
2 2 9NLK B 1 ? 16 ? 9NLK 7  ? 22 ? 7  22 
3 3 9NLK C 1 ? 7  ? 9NLK 19 ? 25 ? 19 25 
4 4 9NLK F 1 ? 5  ? 9NLK 2  ? 6  ? 2  6  
# 
_pdbx_struct_assembly.id                   1 
_pdbx_struct_assembly.details              author_defined_assembly 
_pdbx_struct_assembly.method_details       ? 
_pdbx_struct_assembly.oligomeric_details   dodecameric 
_pdbx_struct_assembly.oligomeric_count     12 
# 
loop_
_pdbx_struct_assembly_gen.assembly_id 
_pdbx_struct_assembly_gen.oper_expression 
_pdbx_struct_assembly_gen.asym_id_list 
1 1 A,B,C,D 
1 2 A,B,C,D 
1 3 A,B,C,D 
# 
_pdbx_struct_assembly_auth_evidence.id                     1 
_pdbx_struct_assembly_auth_evidence.assembly_id            1 
_pdbx_struct_assembly_auth_evidence.experimental_support   'native gel electrophoresis' 
_pdbx_struct_assembly_auth_evidence.details                ? 
# 
loop_
_pdbx_struct_oper_list.id 
_pdbx_struct_oper_list.type 
_pdbx_struct_oper_list.name 
_pdbx_struct_oper_list.symmetry_operation 
_pdbx_struct_oper_list.matrix[1][1] 
_pdbx_struct_oper_list.matrix[1][2] 
_pdbx_struct_oper_list.matrix[1][3] 
_pdbx_struct_oper_list.vector[1] 
_pdbx_struct_oper_list.matrix[2][1] 
_pdbx_struct_oper_list.matrix[2][2] 
_pdbx_struct_oper_list.matrix[2][3] 
_pdbx_struct_oper_list.vector[2] 
_pdbx_struct_oper_list.matrix[3][1] 
_pdbx_struct_oper_list.matrix[3][2] 
_pdbx_struct_oper_list.matrix[3][3] 
_pdbx_struct_oper_list.vector[3] 
1 'identity operation'         1_555 x,y,z     1.0000000000  0.0000000000  0.0000000000  0.0000000000  0.0000000000  1.0000000000  0.0000000000  0.0000000000  0.0000000000  0.0000000000  1.0000000000 0.0000000000  
2 'crystal symmetry operation' 2_555 -y,x-y,z  -0.2258087711 -0.6156531014 -0.7549712959 32.7329741979 0.9017121413  -0.4253898687 0.0771924466  11.6984147319 -0.3686809096 -0.6633360523 0.6511986399 18.9530408272 
3 'crystal symmetry operation' 3_555 -x+y,-x,z -0.2258087711 0.9017121413  -0.3686809096 3.8304144130  -0.6156531014 -0.4253898687 -0.6633360523 37.7007794720 -0.7549712959 0.0771924466  0.6511986399 11.4672322858 
# 
loop_
_struct_conn.id 
_struct_conn.conn_type_id 
_struct_conn.pdbx_leaving_atom_flag 
_struct_conn.pdbx_PDB_id 
_struct_conn.ptnr1_label_asym_id 
_struct_conn.ptnr1_label_comp_id 
_struct_conn.ptnr1_label_seq_id 
_struct_conn.ptnr1_label_atom_id 
_struct_conn.pdbx_ptnr1_label_alt_id 
_struct_conn.pdbx_ptnr1_PDB_ins_code 
_struct_conn.pdbx_ptnr1_standard_comp_id 
_struct_conn.ptnr1_symmetry 
_struct_conn.ptnr2_label_asym_id 
_struct_conn.ptnr2_label_comp_id 
_struct_conn.ptnr2_label_seq_id 
_struct_conn.ptnr2_label_atom_id 
_struct_conn.pdbx_ptnr2_label_alt_id 
_struct_conn.pdbx_ptnr2_PDB_ins_code 
_struct_conn.ptnr1_auth_asym_id 
_struct_conn.ptnr1_auth_comp_id 
_struct_conn.ptnr1_auth_seq_id 
_struct_conn.ptnr2_auth_asym_id 
_struct_conn.ptnr2_auth_comp_id 
_struct_conn.ptnr2_auth_seq_id 
_struct_conn.ptnr2_symmetry 
_struct_conn.pdbx_ptnr3_label_atom_id 
_struct_conn.pdbx_ptnr3_label_seq_id 
_struct_conn.pdbx_ptnr3_label_comp_id 
_struct_conn.pdbx_ptnr3_label_asym_id 
_struct_conn.pdbx_ptnr3_label_alt_id 
_struct_conn.pdbx_ptnr3_PDB_ins_code 
_struct_conn.details 
_struct_conn.pdbx_dist_value 
_struct_conn.pdbx_value_order 
_struct_conn.pdbx_role 
hydrog1  hydrog ? ? A DT 2  N3 ? ? ? 1_555 B DA 16 N1 ? ? A DT 2  B DA 22 1_555 ? ? ? ? ? ? WATSON-CRICK ? ? ? 
hydrog2  hydrog ? ? A DT 2  O4 ? ? ? 1_555 B DA 16 N6 ? ? A DT 2  B DA 22 1_555 ? ? ? ? ? ? WATSON-CRICK ? ? ? 
hydrog3  hydrog ? ? A DG 3  O6 ? ? ? 1_555 B DC 15 N4 ? ? A DG 3  B DC 21 1_555 ? ? ? ? ? ? 'DG-DC PAIR' ? ? ? 
hydrog4  hydrog ? ? A DC 4  N3 ? ? ? 1_555 B DG 14 N1 ? ? A DC 4  B DG 20 1_555 ? ? ? ? ? ? WATSON-CRICK ? ? ? 
hydrog5  hydrog ? ? A DC 4  N4 ? ? ? 1_555 B DG 14 O6 ? ? A DC 4  B DG 20 1_555 ? ? ? ? ? ? WATSON-CRICK ? ? ? 
hydrog6  hydrog ? ? A DC 4  O2 ? ? ? 1_555 B DG 14 N2 ? ? A DC 4  B DG 20 1_555 ? ? ? ? ? ? WATSON-CRICK ? ? ? 
hydrog7  hydrog ? ? A DG 5  N1 ? ? ? 1_555 B DC 13 N3 ? ? A DG 5  B DC 19 1_555 ? ? ? ? ? ? WATSON-CRICK ? ? ? 
hydrog8  hydrog ? ? A DG 5  N2 ? ? ? 1_555 B DC 13 O2 ? ? A DG 5  B DC 19 1_555 ? ? ? ? ? ? WATSON-CRICK ? ? ? 
hydrog9  hydrog ? ? A DG 5  O6 ? ? ? 1_555 B DC 13 N4 ? ? A DG 5  B DC 19 1_555 ? ? ? ? ? ? WATSON-CRICK ? ? ? 
hydrog10 hydrog ? ? A DT 6  N3 ? ? ? 1_555 B DA 12 N1 ? ? A DT 6  B DA 18 1_555 ? ? ? ? ? ? WATSON-CRICK ? ? ? 
hydrog11 hydrog ? ? A DT 6  O4 ? ? ? 1_555 B DA 12 N6 ? ? A DT 6  B DA 18 1_555 ? ? ? ? ? ? WATSON-CRICK ? ? ? 
hydrog12 hydrog ? ? A DG 7  N1 ? ? ? 1_555 B DC 11 N3 ? ? A DG 7  B DC 17 1_555 ? ? ? ? ? ? WATSON-CRICK ? ? ? 
hydrog13 hydrog ? ? A DG 7  N2 ? ? ? 1_555 B DC 11 O2 ? ? A DG 7  B DC 17 1_555 ? ? ? ? ? ? WATSON-CRICK ? ? ? 
hydrog14 hydrog ? ? A DG 7  O6 ? ? ? 1_555 B DC 11 N4 ? ? A DG 7  B DC 17 1_555 ? ? ? ? ? ? WATSON-CRICK ? ? ? 
hydrog15 hydrog ? ? A DT 8  N3 ? ? ? 1_555 B DA 10 N1 ? ? A DT 8  B DA 16 1_555 ? ? ? ? ? ? WATSON-CRICK ? ? ? 
hydrog16 hydrog ? ? A DT 8  O4 ? ? ? 1_555 B DA 10 N6 ? ? A DT 8  B DA 16 1_555 ? ? ? ? ? ? WATSON-CRICK ? ? ? 
hydrog17 hydrog ? ? A DG 9  N1 ? ? ? 1_555 B DC 9  N3 ? ? A DG 9  B DC 15 1_555 ? ? ? ? ? ? WATSON-CRICK ? ? ? 
hydrog18 hydrog ? ? A DG 9  N2 ? ? ? 1_555 B DC 9  O2 ? ? A DG 9  B DC 15 1_555 ? ? ? ? ? ? WATSON-CRICK ? ? ? 
hydrog19 hydrog ? ? A DG 9  O6 ? ? ? 1_555 B DC 9  N4 ? ? A DG 9  B DC 15 1_555 ? ? ? ? ? ? WATSON-CRICK ? ? ? 
hydrog20 hydrog ? ? A DA 10 N1 ? ? ? 1_555 B DT 8  N3 ? ? A DA 10 B DT 14 1_555 ? ? ? ? ? ? WATSON-CRICK ? ? ? 
hydrog21 hydrog ? ? A DA 10 N6 ? ? ? 1_555 B DT 8  O4 ? ? A DA 10 B DT 14 1_555 ? ? ? ? ? ? WATSON-CRICK ? ? ? 
hydrog22 hydrog ? ? A DC 11 N3 ? ? ? 1_555 B DG 7  N1 ? ? A DC 11 B DG 13 1_555 ? ? ? ? ? ? WATSON-CRICK ? ? ? 
hydrog23 hydrog ? ? A DC 11 N4 ? ? ? 1_555 B DG 7  O6 ? ? A DC 11 B DG 13 1_555 ? ? ? ? ? ? WATSON-CRICK ? ? ? 
hydrog24 hydrog ? ? A DC 11 O2 ? ? ? 1_555 B DG 7  N2 ? ? A DC 11 B DG 13 1_555 ? ? ? ? ? ? WATSON-CRICK ? ? ? 
hydrog25 hydrog ? ? A DT 12 N3 ? ? ? 1_555 B DA 6  N1 ? ? A DT 12 B DA 12 1_555 ? ? ? ? ? ? WATSON-CRICK ? ? ? 
hydrog26 hydrog ? ? A DT 12 O4 ? ? ? 1_555 B DA 6  N6 ? ? A DT 12 B DA 12 1_555 ? ? ? ? ? ? WATSON-CRICK ? ? ? 
hydrog27 hydrog ? ? A DG 13 N1 ? ? ? 1_555 B DC 5  N3 ? ? A DG 13 B DC 11 1_555 ? ? ? ? ? ? WATSON-CRICK ? ? ? 
hydrog28 hydrog ? ? A DG 13 N2 ? ? ? 1_555 B DC 5  O2 ? ? A DG 13 B DC 11 1_555 ? ? ? ? ? ? WATSON-CRICK ? ? ? 
hydrog29 hydrog ? ? A DG 13 O6 ? ? ? 1_555 B DC 5  N4 ? ? A DG 13 B DC 11 1_555 ? ? ? ? ? ? WATSON-CRICK ? ? ? 
hydrog30 hydrog ? ? A DT 14 N3 ? ? ? 1_555 B DA 4  N1 ? ? A DT 14 B DA 10 1_555 ? ? ? ? ? ? WATSON-CRICK ? ? ? 
hydrog31 hydrog ? ? A DT 14 O4 ? ? ? 1_555 B DA 4  N6 ? ? A DT 14 B DA 10 1_555 ? ? ? ? ? ? WATSON-CRICK ? ? ? 
hydrog32 hydrog ? ? B DC 1  N3 ? ? ? 1_555 C DG 6  N1 ? ? B DC 7  C DG 24 1_555 ? ? ? ? ? ? WATSON-CRICK ? ? ? 
hydrog33 hydrog ? ? B DC 1  N4 ? ? ? 1_555 C DG 6  O6 ? ? B DC 7  C DG 24 1_555 ? ? ? ? ? ? WATSON-CRICK ? ? ? 
hydrog34 hydrog ? ? B DC 1  O2 ? ? ? 1_555 C DG 6  N2 ? ? B DC 7  C DG 24 1_555 ? ? ? ? ? ? WATSON-CRICK ? ? ? 
hydrog35 hydrog ? ? B DG 2  N1 ? ? ? 1_555 C DC 5  N3 ? ? B DG 8  C DC 23 1_555 ? ? ? ? ? ? WATSON-CRICK ? ? ? 
hydrog36 hydrog ? ? B DG 2  N2 ? ? ? 1_555 C DC 5  O2 ? ? B DG 8  C DC 23 1_555 ? ? ? ? ? ? WATSON-CRICK ? ? ? 
hydrog37 hydrog ? ? B DG 2  O6 ? ? ? 1_555 C DC 5  N4 ? ? B DG 8  C DC 23 1_555 ? ? ? ? ? ? WATSON-CRICK ? ? ? 
hydrog38 hydrog ? ? B DG 3  N1 ? ? ? 1_555 C DC 4  N3 ? ? B DG 9  C DC 22 1_555 ? ? ? ? ? ? WATSON-CRICK ? ? ? 
hydrog39 hydrog ? ? B DG 3  N2 ? ? ? 1_555 C DC 4  O2 ? ? B DG 9  C DC 22 1_555 ? ? ? ? ? ? WATSON-CRICK ? ? ? 
hydrog40 hydrog ? ? B DG 3  O6 ? ? ? 1_555 C DC 4  N4 ? ? B DG 9  C DC 22 1_555 ? ? ? ? ? ? WATSON-CRICK ? ? ? 
hydrog41 hydrog ? ? C DA 1  N1 ? ? ? 1_555 D DG 3  N1 ? ? C DA 19 F DG 4  1_555 ? ? ? ? ? ? TYPE_8_PAIR  ? ? ? 
hydrog42 hydrog ? ? C DA 1  N6 ? ? ? 1_555 D DG 3  O6 ? ? C DA 19 F DG 4  1_555 ? ? ? ? ? ? TYPE_8_PAIR  ? ? ? 
hydrog43 hydrog ? ? C DA 1  N1 ? ? ? 1_555 D DT 4  N3 ? ? C DA 19 F DT 5  1_555 ? ? ? ? ? ? WATSON-CRICK ? ? ? 
hydrog44 hydrog ? ? C DA 1  N6 ? ? ? 1_555 D DT 4  O4 ? ? C DA 19 F DT 5  1_555 ? ? ? ? ? ? WATSON-CRICK ? ? ? 
hydrog45 hydrog ? ? C DC 2  N3 ? ? ? 1_555 D DG 3  N1 ? ? C DC 20 F DG 4  1_555 ? ? ? ? ? ? WATSON-CRICK ? ? ? 
hydrog46 hydrog ? ? C DC 2  N4 ? ? ? 1_555 D DG 3  O6 ? ? C DC 20 F DG 4  1_555 ? ? ? ? ? ? WATSON-CRICK ? ? ? 
hydrog47 hydrog ? ? C DC 2  O2 ? ? ? 1_555 D DG 3  N2 ? ? C DC 20 F DG 4  1_555 ? ? ? ? ? ? WATSON-CRICK ? ? ? 
hydrog48 hydrog ? ? C DA 3  N1 ? ? ? 1_555 D DT 2  N3 ? ? C DA 21 F DT 3  1_555 ? ? ? ? ? ? WATSON-CRICK ? ? ? 
hydrog49 hydrog ? ? C DA 3  N6 ? ? ? 1_555 D DT 2  O4 ? ? C DA 21 F DT 3  1_555 ? ? ? ? ? ? WATSON-CRICK ? ? ? 
# 
_struct_conn_type.id          hydrog 
_struct_conn_type.criteria    ? 
_struct_conn_type.reference   ? 
# 
_pdbx_entry_details.entry_id                   9NLK 
_pdbx_entry_details.compound_details           ? 
_pdbx_entry_details.source_details             ? 
_pdbx_entry_details.nonpolymer_details         ? 
_pdbx_entry_details.sequence_details           ? 
_pdbx_entry_details.has_ligand_of_interest     ? 
_pdbx_entry_details.has_protein_modification   N 
# 
loop_
_space_group_symop.id 
_space_group_symop.operation_xyz 
1 x,y,z                 
2 -y,x-y,z              
3 -x+y,-x,z             
4 x+1/3,y+2/3,z+2/3     
5 -y+1/3,x-y+2/3,z+2/3  
6 -x+y+1/3,-x+2/3,z+2/3 
7 x+2/3,y+1/3,z+1/3     
8 -y+2/3,x-y+1/3,z+1/3  
9 -x+y+2/3,-x+1/3,z+1/3 
# 
loop_
_pdbx_refine_tls.id 
_pdbx_refine_tls.pdbx_refine_id 
_pdbx_refine_tls.details 
_pdbx_refine_tls.method 
_pdbx_refine_tls.origin_x 
_pdbx_refine_tls.origin_y 
_pdbx_refine_tls.origin_z 
_pdbx_refine_tls.T[1][1] 
_pdbx_refine_tls.T[1][1]_esd 
_pdbx_refine_tls.T[1][2] 
_pdbx_refine_tls.T[1][2]_esd 
_pdbx_refine_tls.T[1][3] 
_pdbx_refine_tls.T[1][3]_esd 
_pdbx_refine_tls.T[2][2] 
_pdbx_refine_tls.T[2][2]_esd 
_pdbx_refine_tls.T[2][3] 
_pdbx_refine_tls.T[2][3]_esd 
_pdbx_refine_tls.T[3][3] 
_pdbx_refine_tls.T[3][3]_esd 
_pdbx_refine_tls.L[1][1] 
_pdbx_refine_tls.L[1][1]_esd 
_pdbx_refine_tls.L[1][2] 
_pdbx_refine_tls.L[1][2]_esd 
_pdbx_refine_tls.L[1][3] 
_pdbx_refine_tls.L[1][3]_esd 
_pdbx_refine_tls.L[2][2] 
_pdbx_refine_tls.L[2][2]_esd 
_pdbx_refine_tls.L[2][3] 
_pdbx_refine_tls.L[2][3]_esd 
_pdbx_refine_tls.L[3][3] 
_pdbx_refine_tls.L[3][3]_esd 
_pdbx_refine_tls.S[1][1] 
_pdbx_refine_tls.S[1][1]_esd 
_pdbx_refine_tls.S[1][2] 
_pdbx_refine_tls.S[1][2]_esd 
_pdbx_refine_tls.S[1][3] 
_pdbx_refine_tls.S[1][3]_esd 
_pdbx_refine_tls.S[2][1] 
_pdbx_refine_tls.S[2][1]_esd 
_pdbx_refine_tls.S[2][2] 
_pdbx_refine_tls.S[2][2]_esd 
_pdbx_refine_tls.S[2][3] 
_pdbx_refine_tls.S[2][3]_esd 
_pdbx_refine_tls.S[3][1] 
_pdbx_refine_tls.S[3][1]_esd 
_pdbx_refine_tls.S[3][2] 
_pdbx_refine_tls.S[3][2]_esd 
_pdbx_refine_tls.S[3][3] 
_pdbx_refine_tls.S[3][3]_esd 
1 'X-RAY DIFFRACTION' ? refined 10.22585385136 -3.7414834803   3.895093854691 1.24467496031 ? 0.86702778749  ? -1.41180543199  ? 8.18032160754 ? 2.63875630368  ? 8.92491024781  ? 3.76720189188 ? 1.25147565781  ? 0.77726720236   ? 0.117175328118 ? 0.385397707759 ? -1.390936679835 ? 4.38295958661  ? 0.3368399028   ? -2.33951071662  ? 3.85121699798   ? 1.263636316287  ? 0.272365559782 ? -1.32102435661 ? -2.75292263186  ? -1.9424756265   ? 
2 'X-RAY DIFFRACTION' ? refined -15.680885878  -0.48948450162  4.7289136514   4.87903032741 ? 1.31854837596  ? -3.432625944540 ? 8.54675067407 ? 1.81475725915  ? 8.37644425755  ? 2.70036857446 ? 1.042254458602 ? 0.00385570907   ? 3.79531853702  ? -0.26086128503 ? 0.45528050652   ? 1.11255412098  ? 4.01569343348  ? -1.405763850703 ? -1.521037700249 ? 0.790919756699  ? 3.96373654085  ? 0.200113341315 ? -0.45425552509  ? 1.91841337735   ? 
3 'X-RAY DIFFRACTION' ? refined 2.5631826104   0.7310839199    1.47818805006  4.1112572543  ? 0.41766582141  ? 4.56516583080   ? 6.4755027809  ? 1.945282097927 ? 12.93170278773 ? 1.59145354669 ? 2.6233096029   ? 4.08353098006   ? 5.94015383070  ? 7.90167392936  ? 13.45120172717  ? 0.380105285993 ? -3.27125457542 ? -0.89571407213  ? 2.51665776904   ? -1.10067820787  ? -2.20173182641 ? 4.44900677672  ? -4.21407457451  ? -3.89118654482  ? 
4 'X-RAY DIFFRACTION' ? refined 19.09015813441 -11.0524578236  4.25409843145  1.68772199744 ? 0.98847912667  ? -0.66182624300  ? 14.5131439478 ? 2.475056649106 ? 11.41963419725 ? 3.87279968055 ? 3.09001075140  ? -1.36134497661  ? 8.52705006177  ? 3.58647938307  ? 3.76416467799   ? -2.33088270078 ? 0.394555851818 ? -0.01774635057  ? -2.94541879919  ? -1.394636354507 ? -0.37585140718 ? -0.51091786956 ? -0.094309246896 ? 0.457013810045  ? 
5 'X-RAY DIFFRACTION' ? refined -19.6250543694 7.55236849027   -5.05969877722 4.91048572937 ? 0.836016781558 ? 0.071606738187  ? 3.94135501560 ? 0.953356500689 ? 3.22406559433  ? 0.97814452167 ? 2.58152219281  ? 1.77163518069   ? 6.67442804980  ? 4.99746788313  ? 5.39938556058   ? -2.07467228063 ? -9.79683643450 ? -1.754005302267 ? 0.94859541976   ? -2.456365313065 ? -5.28943860655 ? -6.90694806830 ? 9.4704367570    ? -0.598996701882 ? 
6 'X-RAY DIFFRACTION' ? refined -11.5614124070 13.187950530624 -15.3917302907 5.2183583445  ? -1.76485250005 ? -2.529101892894 ? 4.36898307872 ? 0.45724400771  ? 8.1177588373   ? 2.25761045508 ? 0.00328118648  ? -0.278733281169 ? 1.85958510288  ? -2.1833654949  ? 3.20345347466   ? -2.6636057592  ? 1.413435985103 ? 3.79527179999   ? 0.29520244569   ? -0.84678381650  ? -3.94737123015 ? 0.209113901364 ? -2.78503468481  ? -1.88773830132  ? 
# 
loop_
_pdbx_refine_tls_group.id 
_pdbx_refine_tls_group.pdbx_refine_id 
_pdbx_refine_tls_group.refine_tls_id 
_pdbx_refine_tls_group.beg_label_asym_id 
_pdbx_refine_tls_group.beg_label_seq_id 
_pdbx_refine_tls_group.beg_auth_asym_id 
_pdbx_refine_tls_group.beg_auth_seq_id 
_pdbx_refine_tls_group.beg_PDB_ins_code 
_pdbx_refine_tls_group.end_label_asym_id 
_pdbx_refine_tls_group.end_label_seq_id 
_pdbx_refine_tls_group.end_auth_asym_id 
_pdbx_refine_tls_group.end_auth_seq_id 
_pdbx_refine_tls_group.end_PDB_ins_code 
_pdbx_refine_tls_group.selection 
_pdbx_refine_tls_group.selection_details 
1 'X-RAY DIFFRACTION' 1 A ? A 1  ? A ? A 14 ? ? 
;chain 'A' and (resid 1 through 14 )
;
2 'X-RAY DIFFRACTION' 2 B ? B 7  ? B ? B 11 ? ? 
;chain 'B' and (resid 7 through 11 )
;
3 'X-RAY DIFFRACTION' 3 B ? B 12 ? B ? B 16 ? ? 
;chain 'B' and (resid 12 through 16 )
;
4 'X-RAY DIFFRACTION' 4 B ? B 17 ? B ? B 22 ? ? 
;chain 'B' and (resid 17 through 22 )
;
5 'X-RAY DIFFRACTION' 5 C ? C 19 ? C ? C 25 ? ? 
;chain 'C' and (resid 19 through 25 )
;
6 'X-RAY DIFFRACTION' 6 D ? F 2  ? D ? F 6  ? ? 
;chain 'F' and (resid 2 through 6 )
;
# 
loop_
_chem_comp_atom.comp_id 
_chem_comp_atom.atom_id 
_chem_comp_atom.type_symbol 
_chem_comp_atom.pdbx_aromatic_flag 
_chem_comp_atom.pdbx_stereo_config 
_chem_comp_atom.pdbx_ordinal 
DA OP3    O N N 1   
DA P      P N N 2   
DA OP1    O N N 3   
DA OP2    O N N 4   
DA "O5'"  O N N 5   
DA "C5'"  C N N 6   
DA "C4'"  C N R 7   
DA "O4'"  O N N 8   
DA "C3'"  C N S 9   
DA "O3'"  O N N 10  
DA "C2'"  C N N 11  
DA "C1'"  C N R 12  
DA N9     N Y N 13  
DA C8     C Y N 14  
DA N7     N Y N 15  
DA C5     C Y N 16  
DA C6     C Y N 17  
DA N6     N N N 18  
DA N1     N Y N 19  
DA C2     C Y N 20  
DA N3     N Y N 21  
DA C4     C Y N 22  
DA HOP3   H N N 23  
DA HOP2   H N N 24  
DA "H5'"  H N N 25  
DA "H5''" H N N 26  
DA "H4'"  H N N 27  
DA "H3'"  H N N 28  
DA "HO3'" H N N 29  
DA "H2'"  H N N 30  
DA "H2''" H N N 31  
DA "H1'"  H N N 32  
DA H8     H N N 33  
DA H61    H N N 34  
DA H62    H N N 35  
DA H2     H N N 36  
DC OP3    O N N 37  
DC P      P N N 38  
DC OP1    O N N 39  
DC OP2    O N N 40  
DC "O5'"  O N N 41  
DC "C5'"  C N N 42  
DC "C4'"  C N R 43  
DC "O4'"  O N N 44  
DC "C3'"  C N S 45  
DC "O3'"  O N N 46  
DC "C2'"  C N N 47  
DC "C1'"  C N R 48  
DC N1     N N N 49  
DC C2     C N N 50  
DC O2     O N N 51  
DC N3     N N N 52  
DC C4     C N N 53  
DC N4     N N N 54  
DC C5     C N N 55  
DC C6     C N N 56  
DC HOP3   H N N 57  
DC HOP2   H N N 58  
DC "H5'"  H N N 59  
DC "H5''" H N N 60  
DC "H4'"  H N N 61  
DC "H3'"  H N N 62  
DC "HO3'" H N N 63  
DC "H2'"  H N N 64  
DC "H2''" H N N 65  
DC "H1'"  H N N 66  
DC H41    H N N 67  
DC H42    H N N 68  
DC H5     H N N 69  
DC H6     H N N 70  
DG OP3    O N N 71  
DG P      P N N 72  
DG OP1    O N N 73  
DG OP2    O N N 74  
DG "O5'"  O N N 75  
DG "C5'"  C N N 76  
DG "C4'"  C N R 77  
DG "O4'"  O N N 78  
DG "C3'"  C N S 79  
DG "O3'"  O N N 80  
DG "C2'"  C N N 81  
DG "C1'"  C N R 82  
DG N9     N Y N 83  
DG C8     C Y N 84  
DG N7     N Y N 85  
DG C5     C Y N 86  
DG C6     C N N 87  
DG O6     O N N 88  
DG N1     N N N 89  
DG C2     C N N 90  
DG N2     N N N 91  
DG N3     N N N 92  
DG C4     C Y N 93  
DG HOP3   H N N 94  
DG HOP2   H N N 95  
DG "H5'"  H N N 96  
DG "H5''" H N N 97  
DG "H4'"  H N N 98  
DG "H3'"  H N N 99  
DG "HO3'" H N N 100 
DG "H2'"  H N N 101 
DG "H2''" H N N 102 
DG "H1'"  H N N 103 
DG H8     H N N 104 
DG H1     H N N 105 
DG H21    H N N 106 
DG H22    H N N 107 
DT OP3    O N N 108 
DT P      P N N 109 
DT OP1    O N N 110 
DT OP2    O N N 111 
DT "O5'"  O N N 112 
DT "C5'"  C N N 113 
DT "C4'"  C N R 114 
DT "O4'"  O N N 115 
DT "C3'"  C N S 116 
DT "O3'"  O N N 117 
DT "C2'"  C N N 118 
DT "C1'"  C N R 119 
DT N1     N N N 120 
DT C2     C N N 121 
DT O2     O N N 122 
DT N3     N N N 123 
DT C4     C N N 124 
DT O4     O N N 125 
DT C5     C N N 126 
DT C7     C N N 127 
DT C6     C N N 128 
DT HOP3   H N N 129 
DT HOP2   H N N 130 
DT "H5'"  H N N 131 
DT "H5''" H N N 132 
DT "H4'"  H N N 133 
DT "H3'"  H N N 134 
DT "HO3'" H N N 135 
DT "H2'"  H N N 136 
DT "H2''" H N N 137 
DT "H1'"  H N N 138 
DT H3     H N N 139 
DT H71    H N N 140 
DT H72    H N N 141 
DT H73    H N N 142 
DT H6     H N N 143 
# 
loop_
_chem_comp_bond.comp_id 
_chem_comp_bond.atom_id_1 
_chem_comp_bond.atom_id_2 
_chem_comp_bond.value_order 
_chem_comp_bond.pdbx_aromatic_flag 
_chem_comp_bond.pdbx_stereo_config 
_chem_comp_bond.pdbx_ordinal 
DA OP3   P      sing N N 1   
DA OP3   HOP3   sing N N 2   
DA P     OP1    doub N N 3   
DA P     OP2    sing N N 4   
DA P     "O5'"  sing N N 5   
DA OP2   HOP2   sing N N 6   
DA "O5'" "C5'"  sing N N 7   
DA "C5'" "C4'"  sing N N 8   
DA "C5'" "H5'"  sing N N 9   
DA "C5'" "H5''" sing N N 10  
DA "C4'" "O4'"  sing N N 11  
DA "C4'" "C3'"  sing N N 12  
DA "C4'" "H4'"  sing N N 13  
DA "O4'" "C1'"  sing N N 14  
DA "C3'" "O3'"  sing N N 15  
DA "C3'" "C2'"  sing N N 16  
DA "C3'" "H3'"  sing N N 17  
DA "O3'" "HO3'" sing N N 18  
DA "C2'" "C1'"  sing N N 19  
DA "C2'" "H2'"  sing N N 20  
DA "C2'" "H2''" sing N N 21  
DA "C1'" N9     sing N N 22  
DA "C1'" "H1'"  sing N N 23  
DA N9    C8     sing Y N 24  
DA N9    C4     sing Y N 25  
DA C8    N7     doub Y N 26  
DA C8    H8     sing N N 27  
DA N7    C5     sing Y N 28  
DA C5    C6     sing Y N 29  
DA C5    C4     doub Y N 30  
DA C6    N6     sing N N 31  
DA C6    N1     doub Y N 32  
DA N6    H61    sing N N 33  
DA N6    H62    sing N N 34  
DA N1    C2     sing Y N 35  
DA C2    N3     doub Y N 36  
DA C2    H2     sing N N 37  
DA N3    C4     sing Y N 38  
DC OP3   P      sing N N 39  
DC OP3   HOP3   sing N N 40  
DC P     OP1    doub N N 41  
DC P     OP2    sing N N 42  
DC P     "O5'"  sing N N 43  
DC OP2   HOP2   sing N N 44  
DC "O5'" "C5'"  sing N N 45  
DC "C5'" "C4'"  sing N N 46  
DC "C5'" "H5'"  sing N N 47  
DC "C5'" "H5''" sing N N 48  
DC "C4'" "O4'"  sing N N 49  
DC "C4'" "C3'"  sing N N 50  
DC "C4'" "H4'"  sing N N 51  
DC "O4'" "C1'"  sing N N 52  
DC "C3'" "O3'"  sing N N 53  
DC "C3'" "C2'"  sing N N 54  
DC "C3'" "H3'"  sing N N 55  
DC "O3'" "HO3'" sing N N 56  
DC "C2'" "C1'"  sing N N 57  
DC "C2'" "H2'"  sing N N 58  
DC "C2'" "H2''" sing N N 59  
DC "C1'" N1     sing N N 60  
DC "C1'" "H1'"  sing N N 61  
DC N1    C2     sing N N 62  
DC N1    C6     sing N N 63  
DC C2    O2     doub N N 64  
DC C2    N3     sing N N 65  
DC N3    C4     doub N N 66  
DC C4    N4     sing N N 67  
DC C4    C5     sing N N 68  
DC N4    H41    sing N N 69  
DC N4    H42    sing N N 70  
DC C5    C6     doub N N 71  
DC C5    H5     sing N N 72  
DC C6    H6     sing N N 73  
DG OP3   P      sing N N 74  
DG OP3   HOP3   sing N N 75  
DG P     OP1    doub N N 76  
DG P     OP2    sing N N 77  
DG P     "O5'"  sing N N 78  
DG OP2   HOP2   sing N N 79  
DG "O5'" "C5'"  sing N N 80  
DG "C5'" "C4'"  sing N N 81  
DG "C5'" "H5'"  sing N N 82  
DG "C5'" "H5''" sing N N 83  
DG "C4'" "O4'"  sing N N 84  
DG "C4'" "C3'"  sing N N 85  
DG "C4'" "H4'"  sing N N 86  
DG "O4'" "C1'"  sing N N 87  
DG "C3'" "O3'"  sing N N 88  
DG "C3'" "C2'"  sing N N 89  
DG "C3'" "H3'"  sing N N 90  
DG "O3'" "HO3'" sing N N 91  
DG "C2'" "C1'"  sing N N 92  
DG "C2'" "H2'"  sing N N 93  
DG "C2'" "H2''" sing N N 94  
DG "C1'" N9     sing N N 95  
DG "C1'" "H1'"  sing N N 96  
DG N9    C8     sing Y N 97  
DG N9    C4     sing Y N 98  
DG C8    N7     doub Y N 99  
DG C8    H8     sing N N 100 
DG N7    C5     sing Y N 101 
DG C5    C6     sing N N 102 
DG C5    C4     doub Y N 103 
DG C6    O6     doub N N 104 
DG C6    N1     sing N N 105 
DG N1    C2     sing N N 106 
DG N1    H1     sing N N 107 
DG C2    N2     sing N N 108 
DG C2    N3     doub N N 109 
DG N2    H21    sing N N 110 
DG N2    H22    sing N N 111 
DG N3    C4     sing N N 112 
DT OP3   P      sing N N 113 
DT OP3   HOP3   sing N N 114 
DT P     OP1    doub N N 115 
DT P     OP2    sing N N 116 
DT P     "O5'"  sing N N 117 
DT OP2   HOP2   sing N N 118 
DT "O5'" "C5'"  sing N N 119 
DT "C5'" "C4'"  sing N N 120 
DT "C5'" "H5'"  sing N N 121 
DT "C5'" "H5''" sing N N 122 
DT "C4'" "O4'"  sing N N 123 
DT "C4'" "C3'"  sing N N 124 
DT "C4'" "H4'"  sing N N 125 
DT "O4'" "C1'"  sing N N 126 
DT "C3'" "O3'"  sing N N 127 
DT "C3'" "C2'"  sing N N 128 
DT "C3'" "H3'"  sing N N 129 
DT "O3'" "HO3'" sing N N 130 
DT "C2'" "C1'"  sing N N 131 
DT "C2'" "H2'"  sing N N 132 
DT "C2'" "H2''" sing N N 133 
DT "C1'" N1     sing N N 134 
DT "C1'" "H1'"  sing N N 135 
DT N1    C2     sing N N 136 
DT N1    C6     sing N N 137 
DT C2    O2     doub N N 138 
DT C2    N3     sing N N 139 
DT N3    C4     sing N N 140 
DT N3    H3     sing N N 141 
DT C4    O4     doub N N 142 
DT C4    C5     sing N N 143 
DT C5    C7     sing N N 144 
DT C5    C6     doub N N 145 
DT C7    H71    sing N N 146 
DT C7    H72    sing N N 147 
DT C7    H73    sing N N 148 
DT C6    H6     sing N N 149 
# 
loop_
_ndb_struct_conf_na.entry_id 
_ndb_struct_conf_na.feature 
9NLK 'double helix'        
9NLK 'b-form double helix' 
# 
loop_
_ndb_struct_na_base_pair.model_number 
_ndb_struct_na_base_pair.i_label_asym_id 
_ndb_struct_na_base_pair.i_label_comp_id 
_ndb_struct_na_base_pair.i_label_seq_id 
_ndb_struct_na_base_pair.i_symmetry 
_ndb_struct_na_base_pair.j_label_asym_id 
_ndb_struct_na_base_pair.j_label_comp_id 
_ndb_struct_na_base_pair.j_label_seq_id 
_ndb_struct_na_base_pair.j_symmetry 
_ndb_struct_na_base_pair.shear 
_ndb_struct_na_base_pair.stretch 
_ndb_struct_na_base_pair.stagger 
_ndb_struct_na_base_pair.buckle 
_ndb_struct_na_base_pair.propeller 
_ndb_struct_na_base_pair.opening 
_ndb_struct_na_base_pair.pair_number 
_ndb_struct_na_base_pair.pair_name 
_ndb_struct_na_base_pair.i_auth_asym_id 
_ndb_struct_na_base_pair.i_auth_seq_id 
_ndb_struct_na_base_pair.i_PDB_ins_code 
_ndb_struct_na_base_pair.j_auth_asym_id 
_ndb_struct_na_base_pair.j_auth_seq_id 
_ndb_struct_na_base_pair.j_PDB_ins_code 
_ndb_struct_na_base_pair.hbond_type_28 
_ndb_struct_na_base_pair.hbond_type_12 
1 A DT 2  1_555 B DA 16 1_555 -0.081 -0.234 -0.669 -0.537  -15.771 4.163   1  A_DT2:DA22_B  A 2  ? B 22 ? 20 1 
1 A DG 3  1_555 B DC 15 1_555 -1.289 0.395  -1.440 -16.773 -0.638  -16.757 2  A_DG3:DC21_B  A 3  ? B 21 ? ?  ? 
1 A DC 4  1_555 B DG 14 1_555 0.193  -0.199 -0.692 -8.319  2.635   -0.813  3  A_DC4:DG20_B  A 4  ? B 20 ? 19 1 
1 A DG 5  1_555 B DC 13 1_555 -0.176 -0.215 0.769  0.536   -7.440  -2.460  4  A_DG5:DC19_B  A 5  ? B 19 ? 19 1 
1 A DT 6  1_555 B DA 12 1_555 -0.121 -0.144 0.563  -0.179  -2.838  -3.242  5  A_DT6:DA18_B  A 6  ? B 18 ? 20 1 
1 A DG 7  1_555 B DC 11 1_555 -0.183 -0.222 0.883  3.698   -1.633  -0.564  6  A_DG7:DC17_B  A 7  ? B 17 ? 19 1 
1 A DT 8  1_555 B DA 10 1_555 -0.078 -0.142 0.562  3.768   -2.768  -0.849  7  A_DT8:DA16_B  A 8  ? B 16 ? 20 1 
1 A DG 9  1_555 B DC 9  1_555 -0.204 -0.120 0.241  2.992   -5.045  -0.514  8  A_DG9:DC15_B  A 9  ? B 15 ? 19 1 
1 A DA 10 1_555 B DT 8  1_555 0.089  -0.103 -0.019 0.924   -11.784 -1.938  9  A_DA10:DT14_B A 10 ? B 14 ? 20 1 
1 A DC 11 1_555 B DG 7  1_555 0.177  -0.125 0.133  -1.733  -15.602 1.229   10 A_DC11:DG13_B A 11 ? B 13 ? 19 1 
1 A DT 12 1_555 B DA 6  1_555 -0.088 -0.138 -0.154 -5.193  -14.564 4.439   11 A_DT12:DA12_B A 12 ? B 12 ? 20 1 
1 A DG 13 1_555 B DC 5  1_555 -0.226 -0.192 -0.873 -7.278  -4.380  1.140   12 A_DG13:DC11_B A 13 ? B 11 ? 19 1 
1 A DT 14 1_555 B DA 4  1_555 -0.106 -0.254 -0.916 -4.794  -7.467  -1.424  13 A_DT14:DA10_B A 14 ? B 10 ? 20 1 
1 C DC 4  1_555 B DG 3  1_555 0.162  -0.308 -0.898 5.703   -3.897  0.830   14 C_DC22:DG9_B  C 22 ? B 9  ? 19 1 
1 C DC 5  1_555 B DG 2  1_555 0.166  -0.134 -0.314 14.562  -2.974  1.588   15 C_DC23:DG8_B  C 23 ? B 8  ? 19 1 
1 C DG 6  1_555 B DC 1  1_555 -0.265 -0.318 -1.006 11.592  -6.525  7.458   16 C_DG24:DC7_B  C 24 ? B 7  ? 19 1 
1 C DA 1  1_555 D DT 4  1_555 0.424  -0.472 1.622  -0.408  -10.697 -23.562 17 C_DA19:DT5_F  C 19 ? F 5  ? 20 1 
1 C DC 2  1_555 D DG 3  1_555 0.187  -0.196 0.642  -1.978  -5.481  -2.596  18 C_DC20:DG4_F  C 20 ? F 4  ? 19 1 
1 C DA 3  1_555 D DT 2  1_555 0.083  -0.224 -0.871 -0.523  -1.315  -6.058  19 C_DA21:DT3_F  C 21 ? F 3  ? 20 1 
# 
loop_
_ndb_struct_na_base_pair_step.model_number 
_ndb_struct_na_base_pair_step.i_label_asym_id_1 
_ndb_struct_na_base_pair_step.i_label_comp_id_1 
_ndb_struct_na_base_pair_step.i_label_seq_id_1 
_ndb_struct_na_base_pair_step.i_symmetry_1 
_ndb_struct_na_base_pair_step.j_label_asym_id_1 
_ndb_struct_na_base_pair_step.j_label_comp_id_1 
_ndb_struct_na_base_pair_step.j_label_seq_id_1 
_ndb_struct_na_base_pair_step.j_symmetry_1 
_ndb_struct_na_base_pair_step.i_label_asym_id_2 
_ndb_struct_na_base_pair_step.i_label_comp_id_2 
_ndb_struct_na_base_pair_step.i_label_seq_id_2 
_ndb_struct_na_base_pair_step.i_symmetry_2 
_ndb_struct_na_base_pair_step.j_label_asym_id_2 
_ndb_struct_na_base_pair_step.j_label_comp_id_2 
_ndb_struct_na_base_pair_step.j_label_seq_id_2 
_ndb_struct_na_base_pair_step.j_symmetry_2 
_ndb_struct_na_base_pair_step.shift 
_ndb_struct_na_base_pair_step.slide 
_ndb_struct_na_base_pair_step.rise 
_ndb_struct_na_base_pair_step.tilt 
_ndb_struct_na_base_pair_step.roll 
_ndb_struct_na_base_pair_step.twist 
_ndb_struct_na_base_pair_step.x_displacement 
_ndb_struct_na_base_pair_step.y_displacement 
_ndb_struct_na_base_pair_step.helical_rise 
_ndb_struct_na_base_pair_step.inclination 
_ndb_struct_na_base_pair_step.tip 
_ndb_struct_na_base_pair_step.helical_twist 
_ndb_struct_na_base_pair_step.step_number 
_ndb_struct_na_base_pair_step.step_name 
_ndb_struct_na_base_pair_step.i_auth_asym_id_1 
_ndb_struct_na_base_pair_step.i_auth_seq_id_1 
_ndb_struct_na_base_pair_step.i_PDB_ins_code_1 
_ndb_struct_na_base_pair_step.j_auth_asym_id_1 
_ndb_struct_na_base_pair_step.j_auth_seq_id_1 
_ndb_struct_na_base_pair_step.j_PDB_ins_code_1 
_ndb_struct_na_base_pair_step.i_auth_asym_id_2 
_ndb_struct_na_base_pair_step.i_auth_seq_id_2 
_ndb_struct_na_base_pair_step.i_PDB_ins_code_2 
_ndb_struct_na_base_pair_step.j_auth_asym_id_2 
_ndb_struct_na_base_pair_step.j_auth_seq_id_2 
_ndb_struct_na_base_pair_step.j_PDB_ins_code_2 
1 A DT 2  1_555 B DA 16 1_555 A DG 3  1_555 B DC 15 1_555 -2.357 0.833  3.920 -8.379  4.246  41.140 0.598  2.169  4.358 5.950  
11.739 42.153 1  AA_DT2DG3:DC21DA22_BB   A 2  ? B 22 ? A 3  ? B 21 ? 
1 A DG 3  1_555 B DC 15 1_555 A DC 4  1_555 B DG 14 1_555 0.489  0.316  3.045 -6.763  1.599  33.791 0.304  -1.790 2.907 2.716  
11.484 34.477 2  AA_DG3DC4:DG20DC21_BB   A 3  ? B 21 ? A 4  ? B 20 ? 
1 A DC 4  1_555 B DG 14 1_555 A DG 5  1_555 B DC 13 1_555 -0.391 -1.160 2.819 -13.457 9.124  26.681 -3.619 -1.426 2.253 17.823 
26.288 31.168 3  AA_DC4DG5:DC19DG20_BB   A 4  ? B 20 ? A 5  ? B 19 ? 
1 A DG 5  1_555 B DC 13 1_555 A DT 6  1_555 B DA 12 1_555 -0.692 0.063  3.676 2.284   2.538  33.343 -0.358 1.621  3.616 4.409  
-3.968 33.513 4  AA_DG5DT6:DA18DC19_BB   A 5  ? B 19 ? A 6  ? B 18 ? 
1 A DT 6  1_555 B DA 12 1_555 A DG 7  1_555 B DC 11 1_555 0.232  0.315  3.092 -6.656  0.836  41.717 0.356  -0.966 3.027 1.164  
9.275  42.229 5  AA_DT6DG7:DC17DA18_BB   A 6  ? B 18 ? A 7  ? B 17 ? 
1 A DG 7  1_555 B DC 11 1_555 A DT 8  1_555 B DA 10 1_555 0.103  -1.225 3.319 0.118   1.422  29.791 -2.677 -0.176 3.258 2.763  
-0.230 29.824 6  AA_DG7DT8:DA16DC17_BB   A 7  ? B 17 ? A 8  ? B 16 ? 
1 A DT 8  1_555 B DA 10 1_555 A DG 9  1_555 B DC 9  1_555 -0.540 0.182  3.356 -0.897  1.578  35.399 0.061  0.752  3.373 2.593  
1.474  35.444 7  AA_DT8DG9:DC15DA16_BB   A 8  ? B 16 ? A 9  ? B 15 ? 
1 A DG 9  1_555 B DC 9  1_555 A DA 10 1_555 B DT 8  1_555 -0.461 -0.097 3.283 -2.924  0.660  35.597 -0.254 0.325  3.307 1.077  
4.773  35.719 8  AA_DG9DA10:DT14DC15_BB  A 9  ? B 15 ? A 10 ? B 14 ? 
1 A DA 10 1_555 B DT 8  1_555 A DC 11 1_555 B DG 7  1_555 0.201  -1.206 3.157 -3.663  -0.189 36.331 -1.899 -0.809 3.129 -0.301 
5.856  36.510 9  AA_DA10DC11:DG13DT14_BB A 10 ? B 14 ? A 11 ? B 13 ? 
1 A DC 11 1_555 B DG 7  1_555 A DT 12 1_555 B DA 6  1_555 0.502  0.899  3.303 -0.016  -2.563 37.470 1.730  -0.781 3.237 -3.983 
0.025  37.554 10 AA_DC11DT12:DA12DG13_BB A 11 ? B 13 ? A 12 ? B 12 ? 
1 A DT 12 1_555 B DA 6  1_555 A DG 13 1_555 B DC 5  1_555 -1.213 -0.374 3.711 -1.531  4.015  32.490 -1.449 1.851  3.691 7.138  
2.721  32.766 11 AA_DT12DG13:DC11DA12_BB A 12 ? B 12 ? A 13 ? B 11 ? 
1 A DG 13 1_555 B DC 5  1_555 A DT 14 1_555 B DA 4  1_555 -0.319 -0.124 3.351 -2.035  0.390  30.790 -0.312 0.192  3.363 0.734  
3.828  30.858 12 AA_DG13DT14:DA10DC11_BB A 13 ? B 11 ? A 14 ? B 10 ? 
1 A DT 14 1_555 B DA 4  1_555 C DC 4  1_555 B DG 3  1_555 -0.931 0.671  3.179 3.491   2.773  45.686 0.629  1.486  3.136 3.562  
-4.483 45.891 13 AC_DT14DC22:DG9DA10_BB  A 14 ? B 10 ? C 22 ? B 9  ? 
1 C DC 4  1_555 B DG 3  1_555 C DC 5  1_555 B DG 2  1_555 0.120  -0.476 3.232 -2.428  -0.206 34.825 -0.762 -0.563 3.219 -0.343 
4.051  34.907 14 CC_DC22DC23:DG8DG9_BB   C 22 ? B 9  ? C 23 ? B 8  ? 
1 C DC 5  1_555 B DG 2  1_555 C DG 6  1_555 B DC 1  1_555 0.551  0.594  3.752 2.721   1.903  30.395 0.689  -0.419 3.815 3.617  
-5.171 30.572 15 CC_DC23DG24:DC7DG8_BB   C 23 ? B 8  ? C 24 ? B 7  ? 
1 C DA 1  1_555 D DT 4  1_555 C DC 2  1_555 D DG 3  1_555 0.351  -1.160 3.551 1.081   -0.763 37.945 -1.676 -0.389 3.581 -1.174 
-1.661 37.967 16 CC_DA19DC20:DG4DT5_FF   C 19 ? F 5  ? C 20 ? F 4  ? 
1 C DC 2  1_555 D DG 3  1_555 C DA 3  1_555 D DT 2  1_555 -0.182 -0.667 3.516 2.925   1.039  29.942 -1.512 0.990  3.458 2.004  
-5.642 30.099 17 CC_DC20DA21:DT3DG4_FF   C 20 ? F 4  ? C 21 ? F 3  ? 
# 
loop_
_pdbx_audit_support.funding_organization 
_pdbx_audit_support.country 
_pdbx_audit_support.grant_number 
_pdbx_audit_support.ordinal 
'Office of Naval Research (ONR)'                   'United States' N000141912596 1 
'Department of Energy (DOE, United States)'        'United States' DE-SC0007991  2 
'National Science Foundation (NSF, United States)' 'United States' CCF-2106790   3 
'National Science Foundation (NSF, United States)' 'United States' GCR-2317843   4 
# 
_pdbx_initial_refinement_model.id               1 
_pdbx_initial_refinement_model.entity_id_list   ? 
_pdbx_initial_refinement_model.type             'experimental model' 
_pdbx_initial_refinement_model.source_name      PDB 
_pdbx_initial_refinement_model.accession_code   8D93 
_pdbx_initial_refinement_model.details          'tensegrity triangle' 
# 
_space_group.name_H-M_alt     'R 3 :H' 
_space_group.name_Hall        'R 3' 
_space_group.IT_number        146 
_space_group.crystal_system   trigonal 
_space_group.id               1 
# 
_atom_sites.entry_id                    9NLK 
_atom_sites.Cartn_transf_matrix[1][1]   ? 
_atom_sites.Cartn_transf_matrix[1][2]   ? 
_atom_sites.Cartn_transf_matrix[1][3]   ? 
_atom_sites.Cartn_transf_matrix[2][1]   ? 
_atom_sites.Cartn_transf_matrix[2][2]   ? 
_atom_sites.Cartn_transf_matrix[2][3]   ? 
_atom_sites.Cartn_transf_matrix[3][1]   ? 
_atom_sites.Cartn_transf_matrix[3][2]   ? 
_atom_sites.Cartn_transf_matrix[3][3]   ? 
_atom_sites.Cartn_transf_vector[1]      ? 
_atom_sites.Cartn_transf_vector[2]      ? 
_atom_sites.Cartn_transf_vector[3]      ? 
_atom_sites.Cartn_transform_axes        ? 
_atom_sites.fract_transf_matrix[1][1]   0.00623355 
_atom_sites.fract_transf_matrix[1][2]   0.00631718 
_atom_sites.fract_transf_matrix[1][3]   0.00465042 
_atom_sites.fract_transf_matrix[2][1]   -0.00257405 
_atom_sites.fract_transf_matrix[2][2]   0.00961029 
_atom_sites.fract_transf_matrix[2][3]   0.00119036 
_atom_sites.fract_transf_matrix[3][1]   -0.00636614 
_atom_sites.fract_transf_matrix[3][2]   -0.00332084 
_atom_sites.fract_transf_matrix[3][3]   0.01304440 
_atom_sites.fract_transf_vector[1]      -0.227150 
_atom_sites.fract_transf_vector[2]      -0.138945 
_atom_sites.fract_transf_vector[3]      -0.005085 
_atom_sites.solution_primary            ? 
_atom_sites.solution_secondary          ? 
_atom_sites.solution_hydrogens          ? 
_atom_sites.special_details             ? 
# 
loop_
_atom_type.symbol 
_atom_type.scat_dispersion_real 
_atom_type.scat_dispersion_imag 
_atom_type.scat_Cromer_Mann_a1 
_atom_type.scat_Cromer_Mann_a2 
_atom_type.scat_Cromer_Mann_a3 
_atom_type.scat_Cromer_Mann_a4 
_atom_type.scat_Cromer_Mann_b1 
_atom_type.scat_Cromer_Mann_b2 
_atom_type.scat_Cromer_Mann_b3 
_atom_type.scat_Cromer_Mann_b4 
_atom_type.scat_Cromer_Mann_c 
_atom_type.scat_source 
_atom_type.scat_dispersion_source 
C ? ? 5.96793  ? ? ? 14.89577 ? ? ? 0.0 
;1-Gaussian fit: Grosse-Kunstleve RW, Sauter NK, Adams PD: Newsletter of the IUCr Commission on Crystallographic Computing 2004, 3, 22-31.
;
? 
N ? ? 6.96715  ? ? ? 11.43723 ? ? ? 0.0 
;1-Gaussian fit: Grosse-Kunstleve RW, Sauter NK, Adams PD: Newsletter of the IUCr Commission on Crystallographic Computing 2004, 3, 22-31.
;
? 
O ? ? 7.96527  ? ? ? 9.05267  ? ? ? 0.0 
;1-Gaussian fit: Grosse-Kunstleve RW, Sauter NK, Adams PD: Newsletter of the IUCr Commission on Crystallographic Computing 2004, 3, 22-31.
;
? 
P ? ? 14.90797 ? ? ? 11.91318 ? ? ? 0.0 
;1-Gaussian fit: Grosse-Kunstleve RW, Sauter NK, Adams PD: Newsletter of the IUCr Commission on Crystallographic Computing 2004, 3, 22-31.
;
? 
# 
loop_
_atom_site.group_PDB 
_atom_site.id 
_atom_site.type_symbol 
_atom_site.label_atom_id 
_atom_site.label_alt_id 
_atom_site.label_comp_id 
_atom_site.label_asym_id 
_atom_site.label_entity_id 
_atom_site.label_seq_id 
_atom_site.pdbx_PDB_ins_code 
_atom_site.Cartn_x 
_atom_site.Cartn_y 
_atom_site.Cartn_z 
_atom_site.occupancy 
_atom_site.B_iso_or_equiv 
_atom_site.pdbx_formal_charge 
_atom_site.auth_seq_id 
_atom_site.auth_comp_id 
_atom_site.auth_asym_id 
_atom_site.auth_atom_id 
_atom_site.pdbx_PDB_model_num 
ATOM 1   P P     . DG A 1 1  ? 27.32446  -9.88956  14.10750  1.000 502.33614 ? 1  DG A P     1 
ATOM 2   O OP1   . DG A 1 1  ? 26.82195  -9.33129  15.37973  1.000 507.78736 ? 1  DG A OP1   1 
ATOM 3   O OP2   . DG A 1 1  ? 26.40660  -10.66024 13.24094  1.000 503.22660 ? 1  DG A OP2   1 
ATOM 4   O "O5'" . DG A 1 1  ? 27.94726  -8.68912  13.25364  1.000 495.38686 ? 1  DG A "O5'" 1 
ATOM 5   C "C5'" . DG A 1 1  ? 27.52428  -7.35061  13.50125  1.000 495.60626 ? 1  DG A "C5'" 1 
ATOM 6   C "C4'" . DG A 1 1  ? 28.61163  -6.35963  13.13168  1.000 489.33586 ? 1  DG A "C4'" 1 
ATOM 7   O "O4'" . DG A 1 1  ? 29.72004  -7.06121  12.51339  1.000 484.60487 ? 1  DG A "O4'" 1 
ATOM 8   C "C3'" . DG A 1 1  ? 28.18343  -5.28913  12.14030  1.000 485.65001 ? 1  DG A "C3'" 1 
ATOM 9   O "O3'" . DG A 1 1  ? 28.81109  -4.05910  12.45116  1.000 483.00519 ? 1  DG A "O3'" 1 
ATOM 10  C "C2'" . DG A 1 1  ? 28.66044  -5.84539  10.80220  1.000 480.24437 ? 1  DG A "C2'" 1 
ATOM 11  C "C1'" . DG A 1 1  ? 29.92555  -6.59489  11.19525  1.000 478.63376 ? 1  DG A "C1'" 1 
ATOM 12  N N9    . DG A 1 1  ? 30.20100  -7.75747  10.35410  1.000 476.61803 ? 1  DG A N9    1 
ATOM 13  C C8    . DG A 1 1  ? 30.18609  -9.07279  10.74814  1.000 480.06039 ? 1  DG A C8    1 
ATOM 14  N N7    . DG A 1 1  ? 30.46129  -9.90857  9.78889   1.000 477.25585 ? 1  DG A N7    1 
ATOM 15  C C5    . DG A 1 1  ? 30.67181  -9.09954  8.68227   1.000 471.60217 ? 1  DG A C5    1 
ATOM 16  C C6    . DG A 1 1  ? 31.00374  -9.44959  7.35432   1.000 466.78191 ? 1  DG A C6    1 
ATOM 17  O O6    . DG A 1 1  ? 31.18591  -10.58120 6.88236   1.000 467.45323 ? 1  DG A O6    1 
ATOM 18  N N1    . DG A 1 1  ? 31.12846  -8.32535  6.54220   1.000 462.03520 ? 1  DG A N1    1 
ATOM 19  C C2    . DG A 1 1  ? 30.95119  -7.02703  6.96336   1.000 461.95661 ? 1  DG A C2    1 
ATOM 20  N N2    . DG A 1 1  ? 31.11206  -6.07416  6.03418   1.000 457.11237 ? 1  DG A N2    1 
ATOM 21  N N3    . DG A 1 1  ? 30.63837  -6.68500  8.20752   1.000 466.45065 ? 1  DG A N3    1 
ATOM 22  C C4    . DG A 1 1  ? 30.52022  -7.76880  9.01148   1.000 471.10427 ? 1  DG A C4    1 
ATOM 23  P P     . DT A 1 2  ? 28.14450  -2.67836  11.97602  1.000 503.20910 ? 2  DT A P     1 
ATOM 24  O OP1   . DT A 1 2  ? 28.96377  -1.58126  12.53671  1.000 501.06275 ? 2  DT A OP1   1 
ATOM 25  O OP2   . DT A 1 2  ? 26.70149  -2.75422  12.29523  1.000 509.12652 ? 2  DT A OP2   1 
ATOM 26  O "O5'" . DT A 1 2  ? 28.32288  -2.69790  10.38463  1.000 497.16055 ? 2  DT A "O5'" 1 
ATOM 27  C "C5'" . DT A 1 2  ? 27.19106  -2.60134  9.53094   1.000 497.81156 ? 2  DT A "C5'" 1 
ATOM 28  C "C4'" . DT A 1 2  ? 27.63021  -2.43162  8.08824   1.000 491.40489 ? 2  DT A "C4'" 1 
ATOM 29  O "O4'" . DT A 1 2  ? 28.24611  -3.66422  7.61976   1.000 489.49766 ? 2  DT A "O4'" 1 
ATOM 30  C "C3'" . DT A 1 2  ? 26.50539  -2.14359  7.09681   1.000 491.43293 ? 2  DT A "C3'" 1 
ATOM 31  O "O3'" . DT A 1 2  ? 27.01915  -1.37117  6.01382   1.000 485.42104 ? 2  DT A "O3'" 1 
ATOM 32  C "C2'" . DT A 1 2  ? 26.14318  -3.54912  6.63806   1.000 492.85421 ? 2  DT A "C2'" 1 
ATOM 33  C "C1'" . DT A 1 2  ? 27.53660  -4.12708  6.48994   1.000 488.73782 ? 2  DT A "C1'" 1 
ATOM 34  N N1    . DT A 1 2  ? 27.60842  -5.61733  6.45477   1.000 490.40137 ? 2  DT A N1    1 
ATOM 35  C C2    . DT A 1 2  ? 27.89309  -6.24138  5.26373   1.000 486.62956 ? 2  DT A C2    1 
ATOM 36  O O2    . DT A 1 2  ? 28.06326  -5.63877  4.21821   1.000 482.05486 ? 2  DT A O2    1 
ATOM 37  N N3    . DT A 1 2  ? 27.96431  -7.60567  5.33582   1.000 488.57225 ? 2  DT A N3    1 
ATOM 38  C C4    . DT A 1 2  ? 27.78963  -8.39368  6.45496   1.000 493.80017 ? 2  DT A C4    1 
ATOM 39  O O4    . DT A 1 2  ? 27.87305  -9.61544  6.41404   1.000 495.25253 ? 2  DT A O4    1 
ATOM 40  C C5    . DT A 1 2  ? 27.50366  -7.67979  7.67518   1.000 497.58313 ? 2  DT A C5    1 
ATOM 41  C C7    . DT A 1 2  ? 27.28770  -8.43512  8.95380   1.000 503.60476 ? 2  DT A C7    1 
ATOM 42  C C6    . DT A 1 2  ? 27.43200  -6.33899  7.61877   1.000 495.70535 ? 2  DT A C6    1 
ATOM 43  P P     . DG A 1 3  ? 26.23477  -0.07600  5.47199   1.000 502.05740 ? 3  DG A P     1 
ATOM 44  O OP1   . DG A 1 3  ? 26.98001  1.12158   5.91555   1.000 499.70290 ? 3  DG A OP1   1 
ATOM 45  O OP2   . DG A 1 3  ? 24.80186  -0.22443  5.80717   1.000 507.83489 ? 3  DG A OP2   1 
ATOM 46  O "O5'" . DG A 1 3  ? 26.37452  -0.18919  3.88373   1.000 496.88731 ? 3  DG A "O5'" 1 
ATOM 47  C "C5'" . DG A 1 3  ? 26.39632  0.98403   3.07733   1.000 493.12786 ? 3  DG A "C5'" 1 
ATOM 48  C "C4'" . DG A 1 3  ? 25.92019  0.66795   1.67282   1.000 490.89638 ? 3  DG A "C4'" 1 
ATOM 49  O "O4'" . DG A 1 3  ? 26.09782  -0.75314  1.42264   1.000 491.18009 ? 3  DG A "O4'" 1 
ATOM 50  C "C3'" . DG A 1 3  ? 24.44329  0.94257   1.42806   1.000 494.55409 ? 3  DG A "C3'" 1 
ATOM 51  O "O3'" . DG A 1 3  ? 24.21814  1.27773   0.05817   1.000 491.04572 ? 3  DG A "O3'" 1 
ATOM 52  C "C2'" . DG A 1 3  ? 23.80275  -0.38751  1.79684   1.000 499.00786 ? 3  DG A "C2'" 1 
ATOM 53  C "C1'" . DG A 1 3  ? 24.83691  -1.38122  1.28095   1.000 495.40496 ? 3  DG A "C1'" 1 
ATOM 54  N N9    . DG A 1 3  ? 24.84529  -2.64057  2.02831   1.000 498.99091 ? 3  DG A N9    1 
ATOM 55  C C8    . DG A 1 3  ? 24.90734  -2.79097  3.39121   1.000 503.01972 ? 3  DG A C8    1 
ATOM 56  N N7    . DG A 1 3  ? 24.88397  -4.03677  3.77900   1.000 505.77909 ? 3  DG A N7    1 
ATOM 57  C C5    . DG A 1 3  ? 24.79587  -4.76220  2.60050   1.000 503.41146 ? 3  DG A C5    1 
ATOM 58  C C6    . DG A 1 3  ? 24.73458  -6.16457  2.39277   1.000 504.78091 ? 3  DG A C6    1 
ATOM 59  O O6    . DG A 1 3  ? 24.74947  -7.06981  3.24081   1.000 508.48274 ? 3  DG A O6    1 
ATOM 60  N N1    . DG A 1 3  ? 24.64963  -6.47931  1.03903   1.000 506.18030 ? 3  DG A N1    1 
ATOM 61  C C2    . DG A 1 3  ? 24.62639  -5.55525  0.01968   1.000 503.86006 ? 3  DG A C2    1 
ATOM 62  N N2    . DG A 1 3  ? 24.53988  -6.04344  -1.22428  1.000 506.22607 ? 3  DG A N2    1 
ATOM 63  N N3    . DG A 1 3  ? 24.68195  -4.24207  0.20348   1.000 499.77782 ? 3  DG A N3    1 
ATOM 64  C C4    . DG A 1 3  ? 24.76730  -3.91842  1.51233   1.000 499.25738 ? 3  DG A C4    1 
ATOM 65  P P     . DC A 1 4  ? 22.92692  2.14299   -0.35872  1.000 495.31413 ? 4  DC A P     1 
ATOM 66  O OP1   . DC A 1 4  ? 23.38046  3.36792   -1.05275  1.000 490.87261 ? 4  DC A OP1   1 
ATOM 67  O OP2   . DC A 1 4  ? 22.04857  2.24868   0.82704   1.000 501.27466 ? 4  DC A OP2   1 
ATOM 68  O "O5'" . DC A 1 4  ? 22.17776  1.22197   -1.42557  1.000 496.17300 ? 4  DC A "O5'" 1 
ATOM 69  C "C5'" . DC A 1 4  ? 21.64464  -0.02780  -1.02933  1.000 499.65978 ? 4  DC A "C5'" 1 
ATOM 70  C "C4'" . DC A 1 4  ? 21.81826  -1.06213  -2.12487  1.000 502.21516 ? 4  DC A "C4'" 1 
ATOM 71  O "O4'" . DC A 1 4  ? 22.44167  -2.24423  -1.56027  1.000 503.06034 ? 4  DC A "O4'" 1 
ATOM 72  C "C3'" . DC A 1 4  ? 20.51676  -1.55092  -2.73541  1.000 506.84088 ? 4  DC A "C3'" 1 
ATOM 73  O "O3'" . DC A 1 4  ? 20.72306  -2.03708  -4.05973  1.000 508.47371 ? 4  DC A "O3'" 1 
ATOM 74  C "C2'" . DC A 1 4  ? 20.12502  -2.66862  -1.78315  1.000 509.63208 ? 4  DC A "C2'" 1 
ATOM 75  C "C1'" . DC A 1 4  ? 21.47669  -3.26849  -1.39644  1.000 507.72740 ? 4  DC A "C1'" 1 
ATOM 76  N N1    . DC A 1 4  ? 21.51491  -3.76109  0.02648   1.000 508.04913 ? 4  DC A N1    1 
ATOM 77  C C2    . DC A 1 4  ? 21.40056  -5.13414  0.29294   1.000 511.90910 ? 4  DC A C2    1 
ATOM 78  O O2    . DC A 1 4  ? 21.28237  -5.91984  -0.65592  1.000 514.92210 ? 4  DC A O2    1 
ATOM 79  N N3    . DC A 1 4  ? 21.41894  -5.56046  1.58295   1.000 513.73347 ? 4  DC A N3    1 
ATOM 80  C C4    . DC A 1 4  ? 21.54305  -4.67527  2.57548   1.000 515.26309 ? 4  DC A C4    1 
ATOM 81  N N4    . DC A 1 4  ? 21.56059  -5.13763  3.83070   1.000 519.59756 ? 4  DC A N4    1 
ATOM 82  C C5    . DC A 1 4  ? 21.65621  -3.27442  2.32318   1.000 512.53798 ? 4  DC A C5    1 
ATOM 83  C C6    . DC A 1 4  ? 21.63207  -2.86810  1.04907   1.000 508.40117 ? 4  DC A C6    1 
ATOM 84  P P     . DG A 1 5  ? 19.48999  -2.10882  -5.09248  1.000 609.76844 ? 5  DG A P     1 
ATOM 85  O OP1   . DG A 1 5  ? 19.85989  -3.05976  -6.15931  1.000 612.01293 ? 5  DG A OP1   1 
ATOM 86  O OP2   . DG A 1 5  ? 19.10191  -0.72719  -5.45027  1.000 608.10672 ? 5  DG A OP2   1 
ATOM 87  O "O5'" . DG A 1 5  ? 18.29597  -2.73885  -4.23313  1.000 613.20052 ? 5  DG A "O5'" 1 
ATOM 88  C "C5'" . DG A 1 5  ? 17.35850  -3.61254  -4.84272  1.000 617.79782 ? 5  DG A "C5'" 1 
ATOM 89  C "C4'" . DG A 1 5  ? 17.61703  -5.04779  -4.42356  1.000 620.39473 ? 5  DG A "C4'" 1 
ATOM 90  O "O4'" . DG A 1 5  ? 18.28976  -5.05979  -3.15723  1.000 618.04403 ? 5  DG A "O4'" 1 
ATOM 91  C "C3'" . DG A 1 5  ? 16.36589  -5.87723  -4.20534  1.000 625.04971 ? 5  DG A "C3'" 1 
ATOM 92  O "O3'" . DG A 1 5  ? 16.02336  -6.54629  -5.40442  1.000 628.42728 ? 5  DG A "O3'" 1 
ATOM 93  C "C2'" . DG A 1 5  ? 16.75735  -6.86683  -3.09150  1.000 626.12523 ? 5  DG A "C2'" 1 
ATOM 94  C "C1'" . DG A 1 5  ? 18.06165  -6.29892  -2.53119  1.000 621.44619 ? 5  DG A "C1'" 1 
ATOM 95  N N9    . DG A 1 5  ? 18.09038  -6.09665  -1.07615  1.000 619.96127 ? 5  DG A N9    1 
ATOM 96  C C8    . DG A 1 5  ? 18.39060  -4.92738  -0.42098  1.000 615.78028 ? 5  DG A C8    1 
ATOM 97  N N7    . DG A 1 5  ? 18.38854  -5.02996  0.87708   1.000 617.26322 ? 5  DG A N7    1 
ATOM 98  C C5    . DG A 1 5  ? 18.05685  -6.35409  1.11094   1.000 620.43274 ? 5  DG A C5    1 
ATOM 99  C C6    . DG A 1 5  ? 17.89249  -7.04364  2.33721   1.000 625.41966 ? 5  DG A C6    1 
ATOM 100 O O6    . DG A 1 5  ? 18.01737  -6.60728  3.49480   1.000 628.11493 ? 5  DG A O6    1 
ATOM 101 N N1    . DG A 1 5  ? 17.55512  -8.37768  2.13155   1.000 627.38357 ? 5  DG A N1    1 
ATOM 102 C C2    . DG A 1 5  ? 17.39369  -8.97304  0.89965   1.000 629.04549 ? 5  DG A C2    1 
ATOM 103 N N2    . DG A 1 5  ? 17.06442  -10.27345 0.91195   1.000 633.90933 ? 5  DG A N2    1 
ATOM 104 N N3    . DG A 1 5  ? 17.54276  -8.33796  -0.26386  1.000 627.24386 ? 5  DG A N3    1 
ATOM 105 C C4    . DG A 1 5  ? 17.87253  -7.03260  -0.08230  1.000 622.57340 ? 5  DG A C4    1 
ATOM 106 P P     . DT A 1 6  ? 14.58322  -6.30262  -6.07160  1.000 668.54675 ? 6  DT A P     1 
ATOM 107 O OP1   . DT A 1 6  ? 14.78349  -5.56614  -7.33977  1.000 667.37029 ? 6  DT A OP1   1 
ATOM 108 O OP2   . DT A 1 6  ? 13.69631  -5.73468  -5.03161  1.000 668.15905 ? 6  DT A OP2   1 
ATOM 109 O "O5'" . DT A 1 6  ? 14.07192  -7.77743  -6.40505  1.000 673.73683 ? 6  DT A "O5'" 1 
ATOM 110 C "C5'" . DT A 1 6  ? 14.70168  -8.89578  -5.79998  1.000 675.14998 ? 6  DT A "C5'" 1 
ATOM 111 C "C4'" . DT A 1 6  ? 13.77205  -9.56090  -4.80653  1.000 678.20736 ? 6  DT A "C4'" 1 
ATOM 112 O "O4'" . DT A 1 6  ? 14.18486  -9.22622  -3.45142  1.000 675.55228 ? 6  DT A "O4'" 1 
ATOM 113 C "C3'" . DT A 1 6  ? 12.30188  -9.14222  -4.91860  1.000 679.92010 ? 6  DT A "C3'" 1 
ATOM 114 O "O3'" . DT A 1 6  ? 11.46996  -10.28464 -4.79052  1.000 684.73158 ? 6  DT A "O3'" 1 
ATOM 115 C "C2'" . DT A 1 6  ? 12.13392  -8.19433  -3.73504  1.000 676.82981 ? 6  DT A "C2'" 1 
ATOM 116 C "C1'" . DT A 1 6  ? 13.04907  -8.84830  -2.71645  1.000 676.25031 ? 6  DT A "C1'" 1 
ATOM 117 N N1    . DT A 1 6  ? 13.45636  -7.93672  -1.59415  1.000 672.23452 ? 6  DT A N1    1 
ATOM 118 C C2    . DT A 1 6  ? 13.44584  -8.40699  -0.29419  1.000 672.96805 ? 6  DT A C2    1 
ATOM 119 O O2    . DT A 1 6  ? 13.12580  -9.54390  0.00712   1.000 676.84637 ? 6  DT A O2    1 
ATOM 120 N N3    . DT A 1 6  ? 13.82234  -7.48749  0.65003   1.000 669.42694 ? 6  DT A N3    1 
ATOM 121 C C4    . DT A 1 6  ? 14.20002  -6.17572  0.43356   1.000 666.28532 ? 6  DT A C4    1 
ATOM 122 O O4    . DT A 1 6  ? 14.52383  -5.42598  1.34881   1.000 667.32312 ? 6  DT A O4    1 
ATOM 123 C C5    . DT A 1 6  ? 14.18613  -5.74745  -0.94454  1.000 664.50224 ? 6  DT A C5    1 
ATOM 124 C C7    . DT A 1 6  ? 14.57832  -4.34438  -1.29910  1.000 660.39900 ? 6  DT A C7    1 
ATOM 125 C C6    . DT A 1 6  ? 13.80433  -6.63359  -1.87771  1.000 668.12672 ? 6  DT A C6    1 
ATOM 126 P P     . DG A 1 7  ? 9.91389   -10.23239 -5.20036  1.000 688.67443 ? 7  DG A P     1 
ATOM 127 O OP1   . DG A 1 7  ? 9.75769   -10.88195 -6.51975  1.000 691.75328 ? 7  DG A OP1   1 
ATOM 128 O OP2   . DG A 1 7  ? 9.38931   -8.86153  -5.01550  1.000 685.73544 ? 7  DG A OP2   1 
ATOM 129 O "O5'" . DG A 1 7  ? 9.22350   -11.15648 -4.09517  1.000 691.96939 ? 7  DG A "O5'" 1 
ATOM 130 C "C5'" . DG A 1 7  ? 9.85447   -12.37224 -3.69324  1.000 694.33293 ? 7  DG A "C5'" 1 
ATOM 131 C "C4'" . DG A 1 7  ? 9.52303   -12.71884 -2.24663  1.000 695.32901 ? 7  DG A "C4'" 1 
ATOM 132 O "O4'" . DG A 1 7  ? 10.24499  -11.83748 -1.34742  1.000 690.83877 ? 7  DG A "O4'" 1 
ATOM 133 C "C3'" . DG A 1 7  ? 8.04802   -12.60942 -1.87189  1.000 697.43649 ? 7  DG A "C3'" 1 
ATOM 134 O "O3'" . DG A 1 7  ? 7.65536   -13.72407 -1.07783  1.000 701.41112 ? 7  DG A "O3'" 1 
ATOM 135 C "C2'" . DG A 1 7  ? 7.96539   -11.29895 -1.09018  1.000 693.22413 ? 7  DG A "C2'" 1 
ATOM 136 C "C1'" . DG A 1 7  ? 9.35076   -11.18817 -0.46641  1.000 690.10894 ? 7  DG A "C1'" 1 
ATOM 137 N N9    . DG A 1 7  ? 9.79850   -9.80820  -0.32379  1.000 685.07886 ? 7  DG A N9    1 
ATOM 138 C C8    . DG A 1 7  ? 10.05861  -8.93078  -1.34167  1.000 682.51461 ? 7  DG A C8    1 
ATOM 139 N N7    . DG A 1 7  ? 10.45257  -7.75659  -0.93529  1.000 678.33303 ? 7  DG A N7    1 
ATOM 140 C C5    . DG A 1 7  ? 10.45436  -7.85786  0.44797   1.000 679.21856 ? 7  DG A C5    1 
ATOM 141 C C6    . DG A 1 7  ? 10.79886  -6.89647  1.43253   1.000 680.28796 ? 7  DG A C6    1 
ATOM 142 O O6    . DG A 1 7  ? 11.17638  -5.72449  1.26929   1.000 677.55124 ? 7  DG A O6    1 
ATOM 143 N N1    . DG A 1 7  ? 10.66397  -7.40849  2.71865   1.000 685.22279 ? 7  DG A N1    1 
ATOM 144 C C2    . DG A 1 7  ? 10.25698  -8.68906  3.02018   1.000 688.68323 ? 7  DG A C2    1 
ATOM 145 N N2    . DG A 1 7  ? 10.18856  -8.99772  4.32481   1.000 693.44989 ? 7  DG A N2    1 
ATOM 146 N N3    . DG A 1 7  ? 9.93219   -9.60332  2.10593   1.000 687.67025 ? 7  DG A N3    1 
ATOM 147 C C4    . DG A 1 7  ? 10.05703  -9.11951  0.84454   1.000 682.86497 ? 7  DG A C4    1 
ATOM 148 P P     . DT A 1 8  ? 6.10116   -13.96688 -0.75320  1.000 747.81315 ? 8  DT A P     1 
ATOM 149 O OP1   . DT A 1 8  ? 5.90871   -15.41588 -0.51565  1.000 752.90782 ? 8  DT A OP1   1 
ATOM 150 O OP2   . DT A 1 8  ? 5.32868   -13.29503 -1.82164  1.000 747.35687 ? 8  DT A OP2   1 
ATOM 151 O "O5'" . DT A 1 8  ? 5.86738   -13.15936 0.61039   1.000 745.22328 ? 8  DT A "O5'" 1 
ATOM 152 C "C5'" . DT A 1 8  ? 6.74036   -13.37236 1.71492   1.000 744.15794 ? 8  DT A "C5'" 1 
ATOM 153 C "C4'" . DT A 1 8  ? 6.40647   -12.44231 2.87049   1.000 745.55506 ? 8  DT A "C4'" 1 
ATOM 154 O "O4'" . DT A 1 8  ? 7.11230   -11.17794 2.71848   1.000 741.79749 ? 8  DT A "O4'" 1 
ATOM 155 C "C3'" . DT A 1 8  ? 4.92084   -12.08922 3.01959   1.000 749.35220 ? 8  DT A "C3'" 1 
ATOM 156 O "O3'" . DT A 1 8  ? 4.50662   -12.30102 4.37105   1.000 755.13826 ? 8  DT A "O3'" 1 
ATOM 157 C "C2'" . DT A 1 8  ? 4.87527   -10.60529 2.63913   1.000 746.56998 ? 8  DT A "C2'" 1 
ATOM 158 C "C1'" . DT A 1 8  ? 6.24673   -10.14028 3.09962   1.000 744.08578 ? 8  DT A "C1'" 1 
ATOM 159 N N1    . DT A 1 8  ? 6.71015   -8.84424  2.47573   1.000 739.48013 ? 8  DT A N1    1 
ATOM 160 C C2    . DT A 1 8  ? 7.09592   -7.79978  3.29379   1.000 740.03785 ? 8  DT A C2    1 
ATOM 161 O O2    . DT A 1 8  ? 7.08786   -7.86493  4.51210   1.000 744.13860 ? 8  DT A O2    1 
ATOM 162 N N3    . DT A 1 8  ? 7.49847   -6.66742  2.63000   1.000 735.69575 ? 8  DT A N3    1 
ATOM 163 C C4    . DT A 1 8  ? 7.54890   -6.47645  1.25963   1.000 731.04772 ? 8  DT A C4    1 
ATOM 164 O O4    . DT A 1 8  ? 7.92479   -5.42062  0.75667   1.000 727.49115 ? 8  DT A O4    1 
ATOM 165 C C5    . DT A 1 8  ? 7.13194   -7.60734  0.46220   1.000 730.78341 ? 8  DT A C5    1 
ATOM 166 C C7    . DT A 1 8  ? 7.14034   -7.51629  -1.03383  1.000 727.36956 ? 8  DT A C7    1 
ATOM 167 C C6    . DT A 1 8  ? 6.73734   -8.72228  1.10051   1.000 734.92004 ? 8  DT A C6    1 
ATOM 168 P P     . DG A 1 9  ? 2.98248   -12.68388 4.71537   1.000 759.95451 ? 9  DG A P     1 
ATOM 169 O OP1   . DG A 1 9  ? 2.82150   -14.14702 4.57300   1.000 758.50328 ? 9  DG A OP1   1 
ATOM 170 O OP2   . DG A 1 9  ? 2.09746   -11.77483 3.95572   1.000 757.56953 ? 9  DG A OP2   1 
ATOM 171 O "O5'" . DG A 1 9  ? 2.84044   -12.31078 6.26364   1.000 764.06399 ? 9  DG A "O5'" 1 
ATOM 172 C "C5'" . DG A 1 9  ? 3.99448   -11.94600 7.02312   1.000 765.74340 ? 9  DG A "C5'" 1 
ATOM 173 C "C4'" . DG A 1 9  ? 3.72148   -10.69807 7.84401   1.000 767.97613 ? 9  DG A "C4'" 1 
ATOM 174 O "O4'" . DG A 1 9  ? 4.32007   -9.54636  7.19014   1.000 762.86290 ? 9  DG A "O4'" 1 
ATOM 175 C "C3'" . DG A 1 9  ? 2.24085   -10.36541 8.01934   1.000 769.26546 ? 9  DG A "C3'" 1 
ATOM 176 O "O3'" . DG A 1 9  ? 1.98554   -9.88937  9.33629   1.000 772.92765 ? 9  DG A "O3'" 1 
ATOM 177 C "C2'" . DG A 1 9  ? 2.00445   -9.28281  6.97610   1.000 766.53550 ? 9  DG A "C2'" 1 
ATOM 178 C "C1'" . DG A 1 9  ? 3.33827   -8.55635  6.97960   1.000 763.63346 ? 9  DG A "C1'" 1 
ATOM 179 N N9    . DG A 1 9  ? 3.61430   -7.88370  5.71803   1.000 757.85040 ? 9  DG A N9    1 
ATOM 180 C C8    . DG A 1 9  ? 3.43904   -8.39730  4.45901   1.000 754.50413 ? 9  DG A C8    1 
ATOM 181 N N7    . DG A 1 9  ? 3.76164   -7.56989  3.50583   1.000 749.69354 ? 9  DG A N7    1 
ATOM 182 C C5    . DG A 1 9  ? 4.16617   -6.42520  4.17451   1.000 749.80111 ? 9  DG A C5    1 
ATOM 183 C C6    . DG A 1 9  ? 4.62784   -5.18871  3.66168   1.000 745.78179 ? 9  DG A C6    1 
ATOM 184 O O6    . DG A 1 9  ? 4.77071   -4.85008  2.47394   1.000 741.24711 ? 9  DG A O6    1 
ATOM 185 N N1    . DG A 1 9  ? 4.93733   -4.29592  4.68214   1.000 747.57560 ? 9  DG A N1    1 
ATOM 186 C C2    . DG A 1 9  ? 4.81719   -4.56005  6.02888   1.000 752.69120 ? 9  DG A C2    1 
ATOM 187 N N2    . DG A 1 9  ? 5.16438   -3.56619  6.86124   1.000 753.77676 ? 9  DG A N2    1 
ATOM 188 N N3    . DG A 1 9  ? 4.38615   -5.71923  6.52633   1.000 756.59208 ? 9  DG A N3    1 
ATOM 189 C C4    . DG A 1 9  ? 4.08176   -6.60217  5.54184   1.000 754.80928 ? 9  DG A C4    1 
ATOM 190 P P     . DA A 1 10 ? 0.47185   -9.79348  9.86907   1.000 699.04401 ? 10 DA A P     1 
ATOM 191 O OP1   . DA A 1 10 ? 0.43770   -10.31014 11.25368  1.000 702.77544 ? 10 DA A OP1   1 
ATOM 192 O OP2   . DA A 1 10 ? -0.39873  -10.40672 8.84189   1.000 694.91801 ? 10 DA A OP2   1 
ATOM 193 O "O5'" . DA A 1 10 ? 0.16860   -8.22331  9.88883   1.000 699.33051 ? 10 DA A "O5'" 1 
ATOM 194 C "C5'" . DA A 1 10 ? 0.07591   -7.53105  11.12641  1.000 703.12484 ? 10 DA A "C5'" 1 
ATOM 195 C "C4'" . DA A 1 10 ? 1.08480   -6.39640  11.19008  1.000 704.68932 ? 10 DA A "C4'" 1 
ATOM 196 O "O4'" . DA A 1 10 ? 1.75519   -6.25893  9.90506   1.000 701.55812 ? 10 DA A "O4'" 1 
ATOM 197 C "C3'" . DA A 1 10 ? 0.49740   -5.02058  11.48475  1.000 705.13538 ? 10 DA A "C3'" 1 
ATOM 198 O "O3'" . DA A 1 10 ? 1.47356   -4.22787  12.17080  1.000 708.44953 ? 10 DA A "O3'" 1 
ATOM 199 C "C2'" . DA A 1 10 ? 0.24325   -4.49501  10.07885  1.000 700.46491 ? 10 DA A "C2'" 1 
ATOM 200 C "C1'" . DA A 1 10 ? 1.51184   -4.96523  9.38781   1.000 699.82242 ? 10 DA A "C1'" 1 
ATOM 201 N N9    . DA A 1 10 ? 1.41643   -5.06167  7.93175   1.000 694.91805 ? 10 DA A N9    1 
ATOM 202 C C8    . DA A 1 10 ? 1.01452   -6.14750  7.21221   1.000 692.69276 ? 10 DA A C8    1 
ATOM 203 N N7    . DA A 1 10 ? 1.04596   -5.96817  5.91335   1.000 688.91865 ? 10 DA A N7    1 
ATOM 204 C C5    . DA A 1 10 ? 1.50366   -4.67029  5.76629   1.000 686.72712 ? 10 DA A C5    1 
ATOM 205 C C6    . DA A 1 10 ? 1.75530   -3.87477  4.62762   1.000 681.54640 ? 10 DA A C6    1 
ATOM 206 N N6    . DA A 1 10 ? 1.56632   -4.30375  3.37467   1.000 678.18108 ? 10 DA A N6    1 
ATOM 207 N N1    . DA A 1 10 ? 2.20640   -2.61930  4.82813   1.000 680.08741 ? 10 DA A N1    1 
ATOM 208 C C2    . DA A 1 10 ? 2.39784   -2.19543  6.08497   1.000 683.55961 ? 10 DA A C2    1 
ATOM 209 N N3    . DA A 1 10 ? 2.19363   -2.84934  7.23270   1.000 688.60271 ? 10 DA A N3    1 
ATOM 210 C C4    . DA A 1 10 ? 1.74864   -4.09560  7.00095   1.000 689.93829 ? 10 DA A C4    1 
ATOM 211 P P     . DC A 1 11 ? 1.07053   -2.83495  12.86787  1.000 674.66610 ? 11 DC A P     1 
ATOM 212 O OP1   . DC A 1 11 ? 1.45241   -2.93143  14.29364  1.000 679.74051 ? 11 DC A OP1   1 
ATOM 213 O OP2   . DC A 1 11 ? -0.33546  -2.52966  12.52192  1.000 671.89056 ? 11 DC A OP2   1 
ATOM 214 O "O5'" . DC A 1 11 ? 2.04377   -1.75543  12.18203  1.000 670.83735 ? 11 DC A "O5'" 1 
ATOM 215 C "C5'" . DC A 1 11 ? 2.16522   -1.68005  10.75691  1.000 665.04757 ? 11 DC A "C5'" 1 
ATOM 216 C "C4'" . DC A 1 11 ? 1.63717   -0.35472  10.23743  1.000 663.62656 ? 11 DC A "C4'" 1 
ATOM 217 O "O4'" . DC A 1 11 ? 1.36830   -0.45825  8.80519   1.000 659.17962 ? 11 DC A "O4'" 1 
ATOM 218 C "C3'" . DC A 1 11 ? 0.31610   0.07582   10.85013  1.000 666.57963 ? 11 DC A "C3'" 1 
ATOM 219 O "O3'" . DC A 1 11 ? 0.20407   1.47624   10.78886  1.000 672.58229 ? 11 DC A "O3'" 1 
ATOM 220 C "C2'" . DC A 1 11 ? -0.67084  -0.59123  9.91278   1.000 662.50953 ? 11 DC A "C2'" 1 
ATOM 221 C "C1'" . DC A 1 11 ? -0.02213  -0.28378  8.57788   1.000 658.87586 ? 11 DC A "C1'" 1 
ATOM 222 N N1    . DC A 1 11 ? -0.45337  -1.19521  7.46381   1.000 655.12250 ? 11 DC A N1    1 
ATOM 223 C C2    . DC A 1 11 ? -0.37037  -0.76054  6.13245   1.000 650.85217 ? 11 DC A C2    1 
ATOM 224 O O2    . DC A 1 11 ? 0.05859   0.37301   5.88828   1.000 650.08618 ? 11 DC A O2    1 
ATOM 225 N N3    . DC A 1 11 ? -0.75087  -1.60864  5.13979   1.000 651.11780 ? 11 DC A N3    1 
ATOM 226 C C4    . DC A 1 11 ? -1.20659  -2.82779  5.43470   1.000 649.78262 ? 11 DC A C4    1 
ATOM 227 N N4    . DC A 1 11 ? -1.57052  -3.62377  4.41887   1.000 653.78006 ? 11 DC A N4    1 
ATOM 228 C C5    . DC A 1 11 ? -1.30843  -3.28327  6.78352   1.000 652.56239 ? 11 DC A C5    1 
ATOM 229 C C6    . DC A 1 11 ? -0.92711  -2.44123  7.75383   1.000 655.84557 ? 11 DC A C6    1 
ATOM 230 P P     . DT A 1 12 ? -0.84731  2.25741   11.71813  1.000 685.19503 ? 12 DT A P     1 
ATOM 231 O OP1   . DT A 1 12 ? -0.10708  2.76382   12.89632  1.000 689.91059 ? 12 DT A OP1   1 
ATOM 232 O OP2   . DT A 1 12 ? -2.04661  1.41339   11.92308  1.000 684.80182 ? 12 DT A OP2   1 
ATOM 233 O "O5'" . DT A 1 12 ? -1.26686  3.49322   10.80158  1.000 680.85041 ? 12 DT A "O5'" 1 
ATOM 234 C "C5'" . DT A 1 12 ? -0.25530  4.25995   10.16940  1.000 679.46054 ? 12 DT A "C5'" 1 
ATOM 235 C "C4'" . DT A 1 12 ? -0.54821  4.45764   8.69006   1.000 673.91689 ? 12 DT A "C4'" 1 
ATOM 236 O "O4'" . DT A 1 12 ? -0.86903  3.18765   8.05851   1.000 672.26461 ? 12 DT A "O4'" 1 
ATOM 237 C "C3'" . DT A 1 12 ? -1.72334  5.38068   8.36713   1.000 670.60662 ? 12 DT A "C3'" 1 
ATOM 238 O "O3'" . DT A 1 12 ? -1.38559  6.15763   7.23601   1.000 670.01209 ? 12 DT A "O3'" 1 
ATOM 239 C "C2'" . DT A 1 12 ? -2.84118  4.38801   8.03577   1.000 668.77420 ? 12 DT A "C2'" 1 
ATOM 240 C "C1'" . DT A 1 12 ? -2.03320  3.35882   7.27834   1.000 668.02462 ? 12 DT A "C1'" 1 
ATOM 241 N N1    . DT A 1 12 ? -2.67809  2.01779   7.08551   1.000 667.40643 ? 12 DT A N1    1 
ATOM 242 C C2    . DT A 1 12 ? -2.86259  1.54928   5.80340   1.000 663.25715 ? 12 DT A C2    1 
ATOM 243 O O2    . DT A 1 12 ? -2.56669  2.18988   4.80845   1.000 660.02513 ? 12 DT A O2    1 
ATOM 244 N N3    . DT A 1 12 ? -3.42008  0.30179   5.72384   1.000 662.97429 ? 12 DT A N3    1 
ATOM 245 C C4    . DT A 1 12 ? -3.79552  -0.51496  6.77196   1.000 666.25869 ? 12 DT A C4    1 
ATOM 246 O O4    . DT A 1 12 ? -4.28981  -1.62319  6.59192   1.000 665.49875 ? 12 DT A O4    1 
ATOM 247 C C5    . DT A 1 12 ? -3.56446  0.02453   8.09080   1.000 670.61228 ? 12 DT A C5    1 
ATOM 248 C C7    . DT A 1 12 ? -3.94224  -0.77564  9.30373   1.000 674.44862 ? 12 DT A C7    1 
ATOM 249 C C6    . DT A 1 12 ? -3.01954  1.25233   8.18522   1.000 671.03084 ? 12 DT A C6    1 
ATOM 250 P P     . DG A 1 13 ? -1.88549  7.67522   7.10713   1.000 639.71368 ? 13 DG A P     1 
ATOM 251 O OP1   . DG A 1 13 ? -0.80017  8.53900   7.62577   1.000 642.05741 ? 13 DG A OP1   1 
ATOM 252 O OP2   . DG A 1 13 ? -3.23599  7.74945   7.71209   1.000 639.97811 ? 13 DG A OP2   1 
ATOM 253 O "O5'" . DG A 1 13 ? -2.00865  7.88645   5.52386   1.000 633.96365 ? 13 DG A "O5'" 1 
ATOM 254 C "C5'" . DG A 1 13 ? -2.28809  6.76451   4.67758   1.000 631.84032 ? 13 DG A "C5'" 1 
ATOM 255 C "C4'" . DG A 1 13 ? -3.10214  7.18426   3.46651   1.000 626.31275 ? 13 DG A "C4'" 1 
ATOM 256 O "O4'" . DG A 1 13 ? -3.79983  6.02681   2.93663   1.000 624.71666 ? 13 DG A "O4'" 1 
ATOM 257 C "C3'" . DG A 1 13 ? -4.20459  8.17957   3.76756   1.000 624.80867 ? 13 DG A "C3'" 1 
ATOM 258 O "O3'" . DG A 1 13 ? -4.60683  8.84137   2.57070   1.000 619.57083 ? 13 DG A "O3'" 1 
ATOM 259 C "C2'" . DG A 1 13 ? -5.29728  7.25764   4.28087   1.000 625.94592 ? 13 DG A "C2'" 1 
ATOM 260 C "C1'" . DG A 1 13 ? -5.16870  6.08910   3.30898   1.000 623.97078 ? 13 DG A "C1'" 1 
ATOM 261 N N9    . DG A 1 13 ? -5.55179  4.80859   3.89062   1.000 626.48553 ? 13 DG A N9    1 
ATOM 262 C C8    . DG A 1 13 ? -5.56342  4.47773   5.22437   1.000 631.17718 ? 13 DG A C8    1 
ATOM 263 N N7    . DG A 1 13 ? -5.95513  3.25528   5.45595   1.000 632.33410 ? 13 DG A N7    1 
ATOM 264 C C5    . DG A 1 13 ? -6.22636  2.74071   4.19727   1.000 628.16702 ? 13 DG A C5    1 
ATOM 265 C C6    . DG A 1 13 ? -6.68689  1.45213   3.81616   1.000 627.16899 ? 13 DG A C6    1 
ATOM 266 O O6    . DG A 1 13 ? -6.95506  0.47683   4.54492   1.000 629.76573 ? 13 DG A O6    1 
ATOM 267 N N1    . DG A 1 13 ? -6.83194  1.35267   2.43687   1.000 622.59255 ? 13 DG A N1    1 
ATOM 268 C C2    . DG A 1 13 ? -6.56353  2.36098   1.53384   1.000 619.36334 ? 13 DG A C2    1 
ATOM 269 N N2    . DG A 1 13 ? -6.76029  2.06590   0.24025   1.000 615.21934 ? 13 DG A N2    1 
ATOM 270 N N3    . DG A 1 13 ? -6.12894  3.57221   1.87616   1.000 620.12284 ? 13 DG A N3    1 
ATOM 271 C C4    . DG A 1 13 ? -5.98552  3.68835   3.21928   1.000 624.58605 ? 13 DG A C4    1 
ATOM 272 P P     . DT A 1 14 ? -5.76269  9.95723   2.61538   1.000 567.51879 ? 14 DT A P     1 
ATOM 273 O OP1   . DT A 1 14 ? -5.60726  10.80537  1.41335   1.000 562.75106 ? 14 DT A OP1   1 
ATOM 274 O OP2   . DT A 1 14 ? -5.71777  10.56704  3.96193   1.000 571.48624 ? 14 DT A OP2   1 
ATOM 275 O "O5'" . DT A 1 14 ? -7.12296  9.11648   2.50994   1.000 566.18440 ? 14 DT A "O5'" 1 
ATOM 276 C "C5'" . DT A 1 14 ? -8.22635  9.62531   1.77122   1.000 561.61410 ? 14 DT A "C5'" 1 
ATOM 277 C "C4'" . DT A 1 14 ? -8.53365  8.73443   0.57669   1.000 558.12526 ? 14 DT A "C4'" 1 
ATOM 278 O "O4'" . DT A 1 14 ? -7.83421  7.46904   0.71892   1.000 560.90221 ? 14 DT A "O4'" 1 
ATOM 279 C "C3'" . DT A 1 14 ? -10.00005 8.36301   0.41099   1.000 555.84157 ? 14 DT A "C3'" 1 
ATOM 280 O "O3'" . DT A 1 14 ? -10.67715 9.35633   -0.35794  1.000 551.26512 ? 14 DT A "O3'" 1 
ATOM 281 C "C2'" . DT A 1 14 ? -9.91109  7.03261   -0.33110  1.000 554.85649 ? 14 DT A "C2'" 1 
ATOM 282 C "C1'" . DT A 1 14 ? -8.67329  6.40116   0.30704   1.000 559.38149 ? 14 DT A "C1'" 1 
ATOM 283 N N1    . DT A 1 14 ? -8.95738  5.51777   1.50636   1.000 563.72155 ? 14 DT A N1    1 
ATOM 284 C C2    . DT A 1 14 ? -9.39045  4.22251   1.31078   1.000 563.57399 ? 14 DT A C2    1 
ATOM 285 O O2    . DT A 1 14 ? -9.58140  3.73810   0.20823   1.000 560.12422 ? 14 DT A O2    1 
ATOM 286 N N3    . DT A 1 14 ? -9.60286  3.51038   2.46546   1.000 567.63126 ? 14 DT A N3    1 
ATOM 287 C C4    . DT A 1 14 ? -9.42081  3.95202   3.76612   1.000 571.87067 ? 14 DT A C4    1 
ATOM 288 O O4    . DT A 1 14 ? -9.63617  3.23877   4.73708   1.000 575.35727 ? 14 DT A O4    1 
ATOM 289 C C5    . DT A 1 14 ? -8.95813  5.31120   3.90061   1.000 571.88673 ? 14 DT A C5    1 
ATOM 290 C C7    . DT A 1 14 ? -8.72596  5.90048   5.26309   1.000 576.36067 ? 14 DT A C7    1 
ATOM 291 C C6    . DT A 1 14 ? -8.74760  6.01719   2.77968   1.000 567.80593 ? 14 DT A C6    1 
ATOM 292 P P     . DC B 2 1  ? -21.59970 7.15023   13.38348  1.000 550.14807 ? 7  DC B P     1 
ATOM 293 O OP1   . DC B 2 1  ? -22.52344 6.12417   13.91399  1.000 553.21612 ? 7  DC B OP1   1 
ATOM 294 O OP2   . DC B 2 1  ? -20.44953 7.60061   14.19717  1.000 541.13716 ? 7  DC B OP2   1 
ATOM 295 O "O5'" . DC B 2 1  ? -21.03089 6.65345   11.97431  1.000 553.99119 ? 7  DC B "O5'" 1 
ATOM 296 C "C5'" . DC B 2 1  ? -21.92721 6.34758   10.91017  1.000 563.03072 ? 7  DC B "C5'" 1 
ATOM 297 C "C4'" . DC B 2 1  ? -22.01520 4.85094   10.68938  1.000 565.96387 ? 7  DC B "C4'" 1 
ATOM 298 O "O4'" . DC B 2 1  ? -22.17731 4.58571   9.27556   1.000 573.38065 ? 7  DC B "O4'" 1 
ATOM 299 C "C3'" . DC B 2 1  ? -20.76782 4.08102   11.05931  1.000 559.52414 ? 7  DC B "C3'" 1 
ATOM 300 O "O3'" . DC B 2 1  ? -21.09879 2.70032   11.17155  1.000 562.12102 ? 7  DC B "O3'" 1 
ATOM 301 C "C2'" . DC B 2 1  ? -19.89455 4.34797   9.83670   1.000 560.79707 ? 7  DC B "C2'" 1 
ATOM 302 C "C1'" . DC B 2 1  ? -20.92644 4.20028   8.72147   1.000 570.68993 ? 7  DC B "C1'" 1 
ATOM 303 N N1    . DC B 2 1  ? -20.68057 5.04436   7.52144   1.000 574.29633 ? 7  DC B N1    1 
ATOM 304 C C2    . DC B 2 1  ? -20.93783 4.50984   6.26139   1.000 582.14606 ? 7  DC B C2    1 
ATOM 305 O O2    . DC B 2 1  ? -21.31099 3.33616   6.17401   1.000 585.61138 ? 7  DC B O2    1 
ATOM 306 N N3    . DC B 2 1  ? -20.73127 5.27246   5.16333   1.000 585.81571 ? 7  DC B N3    1 
ATOM 307 C C4    . DC B 2 1  ? -20.31667 6.53208   5.29538   1.000 581.94416 ? 7  DC B C4    1 
ATOM 308 N N4    . DC B 2 1  ? -20.13491 7.24511   4.17649   1.000 586.05186 ? 7  DC B N4    1 
ATOM 309 C C5    . DC B 2 1  ? -20.06194 7.10935   6.57938   1.000 573.87911 ? 7  DC B C5    1 
ATOM 310 C C6    . DC B 2 1  ? -20.26541 6.33805   7.65698   1.000 570.40225 ? 7  DC B C6    1 
ATOM 311 P P     . DG B 2 2  ? -20.34202 1.75172   12.22421  1.000 555.33827 ? 8  DG B P     1 
ATOM 312 O OP1   . DG B 2 2  ? -21.35919 1.15516   13.12114  1.000 556.79618 ? 8  DG B OP1   1 
ATOM 313 O OP2   . DG B 2 2  ? -19.20881 2.51007   12.79387  1.000 547.00104 ? 8  DG B OP2   1 
ATOM 314 O "O5'" . DG B 2 2  ? -19.72747 0.60021   11.30616  1.000 558.11866 ? 8  DG B "O5'" 1 
ATOM 315 C "C5'" . DG B 2 2  ? -20.56918 -0.12252  10.42816  1.000 566.67085 ? 8  DG B "C5'" 1 
ATOM 316 C "C4'" . DG B 2 2  ? -19.75786 -0.80105  9.34133   1.000 569.00815 ? 8  DG B "C4'" 1 
ATOM 317 O "O4'" . DG B 2 2  ? -19.50380 0.13391   8.26335   1.000 571.63841 ? 8  DG B "O4'" 1 
ATOM 318 C "C3'" . DG B 2 2  ? -18.38935 -1.33334  9.78207   1.000 561.88889 ? 8  DG B "C3'" 1 
ATOM 319 O "O3'" . DG B 2 2  ? -18.26967 -2.72341  9.40169   1.000 565.19840 ? 8  DG B "O3'" 1 
ATOM 320 C "C2'" . DG B 2 2  ? -17.39455 -0.41314  9.05815   1.000 559.71363 ? 8  DG B "C2'" 1 
ATOM 321 C "C1'" . DG B 2 2  ? -18.17803 -0.01974  7.82320   1.000 568.25749 ? 8  DG B "C1'" 1 
ATOM 322 N N9    . DG B 2 2  ? -17.75378 1.23766   7.21416   1.000 567.65728 ? 8  DG B N9    1 
ATOM 323 C C8    . DG B 2 2  ? -17.39131 2.39934   7.85479   1.000 561.53224 ? 8  DG B C8    1 
ATOM 324 N N7    . DG B 2 2  ? -17.07988 3.36791   7.03526   1.000 562.91524 ? 8  DG B N7    1 
ATOM 325 C C5    . DG B 2 2  ? -17.25499 2.81018   5.77110   1.000 570.54913 ? 8  DG B C5    1 
ATOM 326 C C6    . DG B 2 2  ? -17.07137 3.37868   4.48710   1.000 575.51207 ? 8  DG B C6    1 
ATOM 327 O O6    . DG B 2 2  ? -16.70448 4.52091   4.20033   1.000 574.02295 ? 8  DG B O6    1 
ATOM 328 N N1    . DG B 2 2  ? -17.36124 2.46686   3.46816   1.000 583.15074 ? 8  DG B N1    1 
ATOM 329 C C2    . DG B 2 2  ? -17.76787 1.17246   3.67420   1.000 585.52209 ? 8  DG B C2    1 
ATOM 330 N N2    . DG B 2 2  ? -18.01024 0.42910   2.58103   1.000 593.31003 ? 8  DG B N2    1 
ATOM 331 N N3    . DG B 2 2  ? -17.94919 0.63503   4.87005   1.000 580.89304 ? 8  DG B N3    1 
ATOM 332 C C4    . DG B 2 2  ? -17.67178 1.50953   5.86640   1.000 573.53692 ? 8  DG B C4    1 
ATOM 333 P P     . DG B 2 3  ? -16.89603 -3.36089  8.85143   1.000 570.45369 ? 9  DG B P     1 
ATOM 334 O OP1   . DG B 2 3  ? -17.06696 -4.81780  9.03515   1.000 572.65325 ? 9  DG B OP1   1 
ATOM 335 O OP2   . DG B 2 3  ? -15.70209 -2.71555  9.44870   1.000 561.82178 ? 9  DG B OP2   1 
ATOM 336 O "O5'" . DG B 2 3  ? -16.94582 -3.07583  7.27641   1.000 577.68996 ? 9  DG B "O5'" 1 
ATOM 337 C "C5'" . DG B 2 3  ? -17.88893 -3.77766  6.46040   1.000 586.67528 ? 9  DG B "C5'" 1 
ATOM 338 C "C4'" . DG B 2 3  ? -17.37333 -3.96337  5.03953   1.000 591.93825 ? 9  DG B "C4'" 1 
ATOM 339 O "O4'" . DG B 2 3  ? -17.07182 -2.67090  4.44866   1.000 591.65019 ? 9  DG B "O4'" 1 
ATOM 340 C "C3'" . DG B 2 3  ? -16.08985 -4.77905  4.90323   1.000 588.76064 ? 9  DG B "C3'" 1 
ATOM 341 O "O3'" . DG B 2 3  ? -16.10307 -5.45807  3.64837   1.000 596.43758 ? 9  DG B "O3'" 1 
ATOM 342 C "C2'" . DG B 2 3  ? -15.02574 -3.68918  4.93113   1.000 582.55954 ? 9  DG B "C2'" 1 
ATOM 343 C "C1'" . DG B 2 3  ? -15.70421 -2.62896  4.08594   1.000 587.88247 ? 9  DG B "C1'" 1 
ATOM 344 N N9    . DG B 2 3  ? -15.21998 -1.27915  4.31805   1.000 582.64196 ? 9  DG B N9    1 
ATOM 345 C C8    . DG B 2 3  ? -14.86553 -0.71475  5.52047   1.000 574.27400 ? 9  DG B C8    1 
ATOM 346 N N7    . DG B 2 3  ? -14.48849 0.52831   5.41660   1.000 571.46110 ? 9  DG B N7    1 
ATOM 347 C C5    . DG B 2 3  ? -14.61073 0.80397   4.05976   1.000 578.44847 ? 9  DG B C5    1 
ATOM 348 C C6    . DG B 2 3  ? -14.34515 1.99009   3.34849   1.000 579.40659 ? 9  DG B C6    1 
ATOM 349 O O6    . DG B 2 3  ? -13.93996 3.07229   3.78598   1.000 574.04696 ? 9  DG B O6    1 
ATOM 350 N N1    . DG B 2 3  ? -14.60688 1.84190   1.98752   1.000 587.86404 ? 9  DG B N1    1 
ATOM 351 C C2    . DG B 2 3  ? -15.06066 0.68926   1.39069   1.000 594.54246 ? 9  DG B C2    1 
ATOM 352 N N2    . DG B 2 3  ? -15.25115 0.73635   0.06198   1.000 602.55070 ? 9  DG B N2    1 
ATOM 353 N N3    . DG B 2 3  ? -15.31222 -0.42996  2.04908   1.000 593.64347 ? 9  DG B N3    1 
ATOM 354 C C4    . DG B 2 3  ? -15.06070 -0.30016  3.37632   1.000 585.40843 ? 9  DG B C4    1 
ATOM 355 P P     . DA B 2 4  ? -15.02023 -6.59327  3.29548   1.000 652.74824 ? 10 DA B P     1 
ATOM 356 O OP1   . DA B 2 4  ? -15.54860 -7.87659  3.81105   1.000 654.46488 ? 10 DA B OP1   1 
ATOM 357 O OP2   . DA B 2 4  ? -13.67078 -6.12793  3.69145   1.000 644.61397 ? 10 DA B OP2   1 
ATOM 358 O "O5'" . DA B 2 4  ? -15.05574 -6.64548  1.69697   1.000 661.52523 ? 10 DA B "O5'" 1 
ATOM 359 C "C5'" . DA B 2 4  ? -15.61833 -5.55481  0.95876   1.000 665.83586 ? 10 DA B "C5'" 1 
ATOM 360 C "C4'" . DA B 2 4  ? -14.57040 -4.91195  0.06684   1.000 665.53368 ? 10 DA B "C4'" 1 
ATOM 361 O "O4'" . DA B 2 4  ? -14.20944 -3.61355  0.59568   1.000 658.96726 ? 10 DA B "O4'" 1 
ATOM 362 C "C3'" . DA B 2 4  ? -13.27794 -5.71292  -0.06466  1.000 662.69995 ? 10 DA B "C3'" 1 
ATOM 363 O "O3'" . DA B 2 4  ? -13.04270 -6.04175  -1.42935  1.000 670.15391 ? 10 DA B "O3'" 1 
ATOM 364 C "C2'" . DA B 2 4  ? -12.18267 -4.80217  0.51195   1.000 653.72163 ? 10 DA B "C2'" 1 
ATOM 365 C "C1'" . DA B 2 4  ? -12.81724 -3.41890  0.51393   1.000 653.71793 ? 10 DA B "C1'" 1 
ATOM 366 N N9    . DA B 2 4  ? -12.41992 -2.61375  1.66587   1.000 644.55240 ? 10 DA B N9    1 
ATOM 367 C C8    . DA B 2 4  ? -12.31974 -3.03584  2.96185   1.000 637.94145 ? 10 DA B C8    1 
ATOM 368 N N7    . DA B 2 4  ? -11.95467 -2.09667  3.79885   1.000 630.63286 ? 10 DA B N7    1 
ATOM 369 C C5    . DA B 2 4  ? -11.80916 -0.97804  3.00084   1.000 632.46898 ? 10 DA B C5    1 
ATOM 370 C C6    . DA B 2 4  ? -11.43674 0.34744   3.28919   1.000 627.50261 ? 10 DA B C6    1 
ATOM 371 N N6    . DA B 2 4  ? -11.13724 0.76478   4.52216   1.000 619.37348 ? 10 DA B N6    1 
ATOM 372 N N1    . DA B 2 4  ? -11.38641 1.22640   2.26635   1.000 631.40751 ? 10 DA B N1    1 
ATOM 373 C C2    . DA B 2 4  ? -11.69138 0.79552   1.03389   1.000 639.86202 ? 10 DA B C2    1 
ATOM 374 N N3    . DA B 2 4  ? -12.05628 -0.42688  0.63800   1.000 645.28511 ? 10 DA B N3    1 
ATOM 375 C C4    . DA B 2 4  ? -12.09546 -1.27258  1.67972   1.000 641.07302 ? 10 DA B C4    1 
ATOM 376 P P     . DC B 2 5  ? -11.67022 -6.75231  -1.87112  1.000 689.17457 ? 11 DC B P     1 
ATOM 377 O OP1   . DC B 2 5  ? -11.96822 -7.58668  -3.05499  1.000 698.80632 ? 11 DC B OP1   1 
ATOM 378 O OP2   . DC B 2 5  ? -11.04953 -7.37173  -0.67891  1.000 681.24370 ? 11 DC B OP2   1 
ATOM 379 O "O5'" . DC B 2 5  ? -10.75341 -5.53164  -2.33904  1.000 686.26794 ? 11 DC B "O5'" 1 
ATOM 380 C "C5'" . DC B 2 5  ? -11.27297 -4.58701  -3.26255  1.000 691.89578 ? 11 DC B "C5'" 1 
ATOM 381 C "C4'" . DC B 2 5  ? -10.32458 -3.42071  -3.44114  1.000 687.41693 ? 11 DC B "C4'" 1 
ATOM 382 O "O4'" . DC B 2 5  ? -10.22201 -2.67103  -2.20171  1.000 678.45557 ? 11 DC B "O4'" 1 
ATOM 383 C "C3'" . DC B 2 5  ? -8.89878  -3.80330  -3.82826  1.000 685.28345 ? 11 DC B "C3'" 1 
ATOM 384 O "O3'" . DC B 2 5  ? -8.45187  -2.92764  -4.83912  1.000 688.25822 ? 11 DC B "O3'" 1 
ATOM 385 C "C2'" . DC B 2 5  ? -8.12013  -3.61352  -2.52279  1.000 674.47259 ? 11 DC B "C2'" 1 
ATOM 386 C "C1'" . DC B 2 5  ? -8.86365  -2.44372  -1.90612  1.000 671.45410 ? 11 DC B "C1'" 1 
ATOM 387 N N1    . DC B 2 5  ? -8.71693  -2.33084  -0.41991  1.000 662.25468 ? 11 DC B N1    1 
ATOM 388 C C2    . DC B 2 5  ? -8.45680  -1.07978  0.15410   1.000 656.01999 ? 11 DC B C2    1 
ATOM 389 O O2    . DC B 2 5  ? -8.33390  -0.09095  -0.57787  1.000 658.07847 ? 11 DC B O2    1 
ATOM 390 N N3    . DC B 2 5  ? -8.33459  -0.98547  1.49890   1.000 648.04028 ? 11 DC B N3    1 
ATOM 391 C C4    . DC B 2 5  ? -8.47198  -2.07252  2.26038   1.000 646.23045 ? 11 DC B C4    1 
ATOM 392 N N4    . DC B 2 5  ? -8.34669  -1.92675  3.58259   1.000 638.55877 ? 11 DC B N4    1 
ATOM 393 C C5    . DC B 2 5  ? -8.74289  -3.35642  1.69872   1.000 652.41778 ? 11 DC B C5    1 
ATOM 394 C C6    . DC B 2 5  ? -8.85762  -3.43870  0.36731   1.000 660.26997 ? 11 DC B C6    1 
ATOM 395 P P     . DA B 2 6  ? -7.08954  -3.21312  -5.63612  1.000 628.48989 ? 12 DA B P     1 
ATOM 396 O OP1   . DA B 2 6  ? -7.43600  -3.35603  -7.06660  1.000 622.62585 ? 12 DA B OP1   1 
ATOM 397 O OP2   . DA B 2 6  ? -6.35121  -4.30077  -4.95677  1.000 631.60381 ? 12 DA B OP2   1 
ATOM 398 O "O5'" . DA B 2 6  ? -6.28026  -1.85340  -5.44067  1.000 621.97235 ? 12 DA B "O5'" 1 
ATOM 399 C "C5'" . DA B 2 6  ? -6.70288  -0.92127  -4.44621  1.000 627.53532 ? 12 DA B "C5'" 1 
ATOM 400 C "C4'" . DA B 2 6  ? -5.50704  -0.25417  -3.80887  1.000 623.26345 ? 12 DA B "C4'" 1 
ATOM 401 O "O4'" . DA B 2 6  ? -5.53012  -0.47262  -2.37095  1.000 631.83333 ? 12 DA B "O4'" 1 
ATOM 402 C "C3'" . DA B 2 6  ? -4.15989  -0.79363  -4.29078  1.000 615.25939 ? 12 DA B "C3'" 1 
ATOM 403 O "O3'" . DA B 2 6  ? -3.26279  0.27794   -4.50768  1.000 607.57642 ? 12 DA B "O3'" 1 
ATOM 404 C "C2'" . DA B 2 6  ? -3.70785  -1.66643  -3.12491  1.000 621.75605 ? 12 DA B "C2'" 1 
ATOM 405 C "C1'" . DA B 2 6  ? -4.24364  -0.86214  -1.96393  1.000 628.66121 ? 12 DA B "C1'" 1 
ATOM 406 N N9    . DA B 2 6  ? -4.33629  -1.60637  -0.71125  1.000 638.39970 ? 12 DA B N9    1 
ATOM 407 C C8    . DA B 2 6  ? -4.53040  -2.95450  -0.54845  1.000 644.53707 ? 12 DA B C8    1 
ATOM 408 N N7    . DA B 2 6  ? -4.55855  -3.33396  0.71122   1.000 653.70198 ? 12 DA B N7    1 
ATOM 409 C C5    . DA B 2 6  ? -4.36515  -2.15304  1.41738   1.000 653.03925 ? 12 DA B C5    1 
ATOM 410 C C6    . DA B 2 6  ? -4.29146  -1.86390  2.79790   1.000 660.22650 ? 12 DA B C6    1 
ATOM 411 N N6    . DA B 2 6  ? -4.40980  -2.79031  3.75446   1.000 670.25926 ? 12 DA B N6    1 
ATOM 412 N N1    . DA B 2 6  ? -4.09057  -0.57721  3.15875   1.000 657.13278 ? 12 DA B N1    1 
ATOM 413 C C2    . DA B 2 6  ? -3.96637  0.34756   2.20272   1.000 647.94482 ? 12 DA B C2    1 
ATOM 414 N N3    . DA B 2 6  ? -4.02397  0.20007   0.88269   1.000 640.95307 ? 12 DA B N3    1 
ATOM 415 C C4    . DA B 2 6  ? -4.22440  -1.08573  0.55295   1.000 643.73284 ? 12 DA B C4    1 
ATOM 416 P P     . DG B 2 7  ? -2.12490  0.15734   -5.63338  1.000 645.00109 ? 13 DG B P     1 
ATOM 417 O OP1   . DG B 2 7  ? -2.72050  0.61968   -6.90760  1.000 640.30707 ? 13 DG B OP1   1 
ATOM 418 O OP2   . DG B 2 7  ? -1.56658  -1.21053  -5.54433  1.000 646.21587 ? 13 DG B OP2   1 
ATOM 419 O "O5'" . DG B 2 7  ? -0.98977  1.18356   -5.14976  1.000 640.76795 ? 13 DG B "O5'" 1 
ATOM 420 C "C5'" . DG B 2 7  ? -1.24871  2.58805   -5.12684  1.000 639.45342 ? 13 DG B "C5'" 1 
ATOM 421 C "C4'" . DG B 2 7  ? -0.88510  3.19101   -3.77731  1.000 643.45927 ? 13 DG B "C4'" 1 
ATOM 422 O "O4'" . DG B 2 7  ? -1.28590  2.28412   -2.71772  1.000 651.94997 ? 13 DG B "O4'" 1 
ATOM 423 C "C3'" . DG B 2 7  ? 0.60628   3.46304   -3.54667  1.000 638.32631 ? 13 DG B "C3'" 1 
ATOM 424 O "O3'" . DG B 2 7  ? 0.75634   4.67411   -2.79792  1.000 639.37812 ? 13 DG B "O3'" 1 
ATOM 425 C "C2'" . DG B 2 7  ? 1.03921   2.24815   -2.72992  1.000 642.95118 ? 13 DG B "C2'" 1 
ATOM 426 C "C1'" . DG B 2 7  ? -0.18909  2.06272   -1.86077  1.000 652.30679 ? 13 DG B "C1'" 1 
ATOM 427 N N9    . DG B 2 7  ? -0.32882  0.73629   -1.27326  1.000 659.01559 ? 13 DG B N9    1 
ATOM 428 C C8    . DG B 2 7  ? -0.45455  -0.45959  -1.93621  1.000 659.07303 ? 13 DG B C8    1 
ATOM 429 N N7    . DG B 2 7  ? -0.58466  -1.48476  -1.13843  1.000 666.92619 ? 13 DG B N7    1 
ATOM 430 C C5    . DG B 2 7  ? -0.55969  -0.92948  0.13386   1.000 672.32437 ? 13 DG B C5    1 
ATOM 431 C C6    . DG B 2 7  ? -0.66020  -1.54599  1.40717   1.000 682.07243 ? 13 DG B C6    1 
ATOM 432 O O6    . DG B 2 7  ? -0.79944  -2.75090  1.68015   1.000 688.50118 ? 13 DG B O6    1 
ATOM 433 N N1    . DG B 2 7  ? -0.58888  -0.60974  2.43524   1.000 684.71626 ? 13 DG B N1    1 
ATOM 434 C C2    . DG B 2 7  ? -0.43779  0.74647   2.26436   1.000 678.88561 ? 13 DG B C2    1 
ATOM 435 N N2    . DG B 2 7  ? -0.38913  1.48675   3.38578   1.000 682.88372 ? 13 DG B N2    1 
ATOM 436 N N3    . DG B 2 7  ? -0.34212  1.33633   1.07919   1.000 670.22348 ? 13 DG B N3    1 
ATOM 437 C C4    . DG B 2 7  ? -0.41053  0.44015   0.06425   1.000 667.35729 ? 13 DG B C4    1 
ATOM 438 P P     . DT B 2 8  ? 2.20583   5.33480   -2.58091  1.000 659.96258 ? 14 DT B P     1 
ATOM 439 O OP1   . DT B 2 8  ? 2.00872   6.80288   -2.52696  1.000 659.05221 ? 14 DT B OP1   1 
ATOM 440 O OP2   . DT B 2 8  ? 3.10913   4.75218   -3.59771  1.000 653.28867 ? 14 DT B OP2   1 
ATOM 441 O "O5'" . DT B 2 8  ? 2.66616   4.81206   -1.13206  1.000 665.92424 ? 14 DT B "O5'" 1 
ATOM 442 C "C5'" . DT B 2 8  ? 1.98338   5.26631   0.04098   1.000 673.06610 ? 14 DT B "C5'" 1 
ATOM 443 C "C4'" . DT B 2 8  ? 2.69816   4.83214   1.31679   1.000 677.59365 ? 14 DT B "C4'" 1 
ATOM 444 O "O4'" . DT B 2 8  ? 2.30007   3.48807   1.67453   1.000 683.71422 ? 14 DT B "O4'" 1 
ATOM 445 C "C3'" . DT B 2 8  ? 4.23192   4.83174   1.26000   1.000 672.36453 ? 14 DT B "C3'" 1 
ATOM 446 O "O3'" . DT B 2 8  ? 4.75114   5.62820   2.33167   1.000 674.38106 ? 14 DT B "O3'" 1 
ATOM 447 C "C2'" . DT B 2 8  ? 4.60847   3.35037   1.41196   1.000 675.33444 ? 14 DT B "C2'" 1 
ATOM 448 C "C1'" . DT B 2 8  ? 3.41592   2.79094   2.16883   1.000 684.27557 ? 14 DT B "C1'" 1 
ATOM 449 N N1    . DT B 2 8  ? 3.18239   1.34169   1.93426   1.000 687.77146 ? 14 DT B N1    1 
ATOM 450 C C2    . DT B 2 8  ? 2.89220   0.52234   3.00203   1.000 697.10777 ? 14 DT B C2    1 
ATOM 451 O O2    . DT B 2 8  ? 2.83265   0.91836   4.15365   1.000 702.53820 ? 14 DT B O2    1 
ATOM 452 N N3    . DT B 2 8  ? 2.67873   -0.78978  2.67053   1.000 700.30270 ? 14 DT B N3    1 
ATOM 453 C C4    . DT B 2 8  ? 2.72030   -1.34907  1.40530   1.000 694.84347 ? 14 DT B C4    1 
ATOM 454 O O4    . DT B 2 8  ? 2.51440   -2.54017  1.20727   1.000 698.59699 ? 14 DT B O4    1 
ATOM 455 C C5    . DT B 2 8  ? 3.02199   -0.43348  0.33362   1.000 684.90508 ? 14 DT B C5    1 
ATOM 456 C C7    . DT B 2 8  ? 3.09323   -0.92702  -1.08047  1.000 678.52130 ? 14 DT B C7    1 
ATOM 457 C C6    . DT B 2 8  ? 3.23297   0.85229   0.64507   1.000 682.09631 ? 14 DT B C6    1 
ATOM 458 P P     . DC B 2 9  ? 6.33449   5.85018   2.51418   1.000 635.54979 ? 15 DC B P     1 
ATOM 459 O OP1   . DC B 2 9  ? 6.53803   7.23625   2.99193   1.000 634.58696 ? 15 DC B OP1   1 
ATOM 460 O OP2   . DC B 2 9  ? 7.02651   5.37048   1.29779   1.000 629.06479 ? 15 DC B OP2   1 
ATOM 461 O "O5'" . DC B 2 9  ? 6.71522   4.87458   3.71907   1.000 642.65636 ? 15 DC B "O5'" 1 
ATOM 462 C "C5'" . DC B 2 9  ? 5.98800   4.94774   4.93941   1.000 650.56709 ? 15 DC B "C5'" 1 
ATOM 463 C "C4'" . DC B 2 9  ? 6.35459   3.79596   5.85664   1.000 657.53171 ? 15 DC B "C4'" 1 
ATOM 464 O "O4'" . DC B 2 9  ? 5.83728   2.55416   5.31629   1.000 659.77016 ? 15 DC B "O4'" 1 
ATOM 465 C "C3'" . DC B 2 9  ? 7.85882   3.58588   6.05686   1.000 655.49870 ? 15 DC B "C3'" 1 
ATOM 466 O "O3'" . DC B 2 9  ? 8.15618   3.54756   7.43712   1.000 662.36916 ? 15 DC B "O3'" 1 
ATOM 467 C "C2'" . DC B 2 9  ? 8.14166   2.24051   5.38272   1.000 655.51125 ? 15 DC B "C2'" 1 
ATOM 468 C "C1'" . DC B 2 9  ? 6.79793   1.54271   5.49073   1.000 661.54386 ? 15 DC B "C1'" 1 
ATOM 469 N N1    . DC B 2 9  ? 6.59073   0.50471   4.44231   1.000 659.79557 ? 15 DC B N1    1 
ATOM 470 C C2    . DC B 2 9  ? 6.17621   -0.77968  4.80970   1.000 667.63793 ? 15 DC B C2    1 
ATOM 471 O O2    . DC B 2 9  ? 5.98250   -1.03345  6.00604   1.000 676.17439 ? 15 DC B O2    1 
ATOM 472 N N3    . DC B 2 9  ? 5.99715   -1.71172  3.83749   1.000 666.04343 ? 15 DC B N3    1 
ATOM 473 C C4    . DC B 2 9  ? 6.21902   -1.39508  2.55838   1.000 656.94016 ? 15 DC B C4    1 
ATOM 474 N N4    . DC B 2 9  ? 6.03144   -2.34553  1.63590   1.000 655.71207 ? 15 DC B N4    1 
ATOM 475 C C5    . DC B 2 9  ? 6.64405   -0.09299  2.16859   1.000 649.16836 ? 15 DC B C5    1 
ATOM 476 C C6    . DC B 2 9  ? 6.81621   0.81627   3.13377   1.000 650.98633 ? 15 DC B C6    1 
ATOM 477 P P     . DA B 2 10 ? 9.66088   3.77312   7.95062   1.000 623.19823 ? 16 DA B P     1 
ATOM 478 O OP1   . DA B 2 10 ? 9.63610   4.88871   8.92199   1.000 624.87774 ? 16 DA B OP1   1 
ATOM 479 O OP2   . DA B 2 10 ? 10.55051  3.85550   6.77188   1.000 615.04950 ? 16 DA B OP2   1 
ATOM 480 O "O5'" . DA B 2 10 ? 9.99624   2.41094   8.71386   1.000 631.52775 ? 16 DA B "O5'" 1 
ATOM 481 C "C5'" . DA B 2 10 ? 9.03737   1.84562   9.59742   1.000 640.63376 ? 16 DA B "C5'" 1 
ATOM 482 C "C4'" . DA B 2 10 ? 9.16502   0.33355   9.64235   1.000 646.80684 ? 16 DA B "C4'" 1 
ATOM 483 O "O4'" . DA B 2 10 ? 8.77989   -0.22696  8.36605   1.000 642.33978 ? 16 DA B "O4'" 1 
ATOM 484 C "C3'" . DA B 2 10 ? 10.57704  -0.18606  9.93062   1.000 648.15618 ? 16 DA B "C3'" 1 
ATOM 485 O "O3'" . DA B 2 10 ? 10.57225  -0.98037  11.10666  1.000 659.02898 ? 16 DA B "O3'" 1 
ATOM 486 C "C2'" . DA B 2 10 ? 10.94481  -1.00998  8.68866   1.000 643.78129 ? 16 DA B "C2'" 1 
ATOM 487 C "C1'" . DA B 2 10 ? 9.58592   -1.34388  8.10244   1.000 644.03968 ? 16 DA B "C1'" 1 
ATOM 488 N N9    . DA B 2 10 ? 9.61344   -1.56131  6.66156   1.000 636.33108 ? 16 DA B N9    1 
ATOM 489 C C8    . DA B 2 10 ? 9.96771   -0.65932  5.69662   1.000 626.34496 ? 16 DA B C8    1 
ATOM 490 N N7    . DA B 2 10 ? 9.89461   -1.13523  4.47714   1.000 621.44389 ? 16 DA B N7    1 
ATOM 491 C C5    . DA B 2 10 ? 9.46327   -2.43845  4.65541   1.000 628.56678 ? 16 DA B C5    1 
ATOM 492 C C6    . DA B 2 10 ? 9.18806   -3.47676  3.74649   1.000 628.20646 ? 16 DA B C6    1 
ATOM 493 N N6    . DA B 2 10 ? 9.31797   -3.34409  2.42353   1.000 619.72092 ? 16 DA B N6    1 
ATOM 494 N N1    . DA B 2 10 ? 8.77401   -4.65912  4.25005   1.000 637.33636 ? 16 DA B N1    1 
ATOM 495 C C2    . DA B 2 10 ? 8.64662   -4.78408  5.57788   1.000 646.37267 ? 16 DA B C2    1 
ATOM 496 N N3    . DA B 2 10 ? 8.87576   -3.87940  6.53068   1.000 647.48848 ? 16 DA B N3    1 
ATOM 497 C C4    . DA B 2 10 ? 9.28489   -2.71779  5.99586   1.000 638.05133 ? 16 DA B C4    1 
ATOM 498 P P     . DC B 2 11 ? 11.94908  -1.56852  11.68833  1.000 663.01576 ? 17 DC B P     1 
ATOM 499 O OP1   . DC B 2 11 ? 11.81657  -1.62245  13.16155  1.000 660.38993 ? 17 DC B OP1   1 
ATOM 500 O OP2   . DC B 2 11 ? 13.06414  -0.80950  11.07730  1.000 662.88637 ? 17 DC B OP2   1 
ATOM 501 O "O5'" . DC B 2 11 ? 11.98796  -3.06292  11.11900  1.000 662.01673 ? 17 DC B "O5'" 1 
ATOM 502 C "C5'" . DC B 2 11 ? 10.87445  -3.92254  11.33338  1.000 663.08377 ? 17 DC B "C5'" 1 
ATOM 503 C "C4'" . DC B 2 11 ? 11.05823  -5.25739  10.62905  1.000 662.48986 ? 17 DC B "C4'" 1 
ATOM 504 O "O4'" . DC B 2 11 ? 10.88502  -5.09500  9.19686   1.000 666.18491 ? 17 DC B "O4'" 1 
ATOM 505 C "C3'" . DC B 2 11 ? 12.42982  -5.92452  10.82177  1.000 658.31638 ? 17 DC B "C3'" 1 
ATOM 506 O "O3'" . DC B 2 11 ? 12.25292  -7.26274  11.28178  1.000 656.54380 ? 17 DC B "O3'" 1 
ATOM 507 C "C2'" . DC B 2 11 ? 13.04431  -5.88787  9.41746   1.000 660.09367 ? 17 DC B "C2'" 1 
ATOM 508 C "C1'" . DC B 2 11 ? 11.80200  -5.93663  8.54976   1.000 664.67016 ? 17 DC B "C1'" 1 
ATOM 509 N N1    . DC B 2 11 ? 12.01627  -5.45028  7.15479   1.000 668.22986 ? 17 DC B N1    1 
ATOM 510 C C2    . DC B 2 11 ? 11.79447  -6.32020  6.08035   1.000 670.53020 ? 17 DC B C2    1 
ATOM 511 O O2    . DC B 2 11 ? 11.41904  -7.47663  6.30900   1.000 669.45018 ? 17 DC B O2    1 
ATOM 512 N N3    . DC B 2 11 ? 11.99192  -5.86943  4.81738   1.000 674.22074 ? 17 DC B N3    1 
ATOM 513 C C4    . DC B 2 11 ? 12.39886  -4.61448  4.61197   1.000 675.63184 ? 17 DC B C4    1 
ATOM 514 N N4    . DC B 2 11 ? 12.58147  -4.21612  3.34847   1.000 679.75713 ? 17 DC B N4    1 
ATOM 515 C C5    . DC B 2 11 ? 12.63312  -3.71319  5.69348   1.000 673.21761 ? 17 DC B C5    1 
ATOM 516 C C6    . DC B 2 11 ? 12.43257  -4.16942  6.93588   1.000 669.54807 ? 17 DC B C6    1 
ATOM 517 P P     . DA B 2 12 ? 13.48926  -8.10683  11.87076  1.000 672.55749 ? 18 DA B P     1 
ATOM 518 O OP1   . DA B 2 12 ? 13.40436  -8.04963  13.34593  1.000 670.21108 ? 18 DA B OP1   1 
ATOM 519 O OP2   . DA B 2 12 ? 14.73604  -7.68513  11.19514  1.000 671.75683 ? 18 DA B OP2   1 
ATOM 520 O "O5'" . DA B 2 12 ? 13.16722  -9.59719  11.39761  1.000 673.13129 ? 18 DA B "O5'" 1 
ATOM 521 C "C5'" . DA B 2 12 ? 12.27566  -9.80518  10.30978  1.000 676.89890 ? 18 DA B "C5'" 1 
ATOM 522 C "C4'" . DA B 2 12 ? 12.54916  -11.13002 9.62216   1.000 677.02818 ? 18 DA B "C4'" 1 
ATOM 523 O "O4'" . DA B 2 12 ? 12.66937  -10.91531 8.19536   1.000 679.98876 ? 18 DA B "O4'" 1 
ATOM 524 C "C3'" . DA B 2 12 ? 13.83757  -11.81975 10.03438  1.000 673.46861 ? 18 DA B "C3'" 1 
ATOM 525 O "O3'" . DA B 2 12 ? 13.70542  -13.22859 9.87204   1.000 673.63413 ? 18 DA B "O3'" 1 
ATOM 526 C "C2'" . DA B 2 12 ? 14.85700  -11.23031 9.06359   1.000 673.94794 ? 18 DA B "C2'" 1 
ATOM 527 C "C1'" . DA B 2 12 ? 14.02670  -10.99542 7.80082   1.000 678.37123 ? 18 DA B "C1'" 1 
ATOM 528 N N9    . DA B 2 12 ? 14.37909  -9.75751  7.11540   1.000 680.15479 ? 18 DA B N9    1 
ATOM 529 C C8    . DA B 2 12 ? 14.85636  -8.61346  7.68806   1.000 678.70269 ? 18 DA B C8    1 
ATOM 530 N N7    . DA B 2 12 ? 15.09508  -7.65251  6.83081   1.000 681.27754 ? 18 DA B N7    1 
ATOM 531 C C5    . DA B 2 12 ? 14.75116  -8.20189  5.61017   1.000 684.71116 ? 18 DA B C5    1 
ATOM 532 C C6    . DA B 2 12 ? 14.77556  -7.68703  4.30060   1.000 688.95280 ? 18 DA B C6    1 
ATOM 533 N N6    . DA B 2 12 ? 15.18242  -6.44650  4.01236   1.000 690.44171 ? 18 DA B N6    1 
ATOM 534 N N1    . DA B 2 12 ? 14.36711  -8.49411  3.29996   1.000 691.94271 ? 18 DA B N1    1 
ATOM 535 C C2    . DA B 2 12 ? 13.96033  -9.73585  3.60008   1.000 690.63633 ? 18 DA B C2    1 
ATOM 536 N N3    . DA B 2 12 ? 13.89401  -10.33183 4.79343   1.000 686.81491 ? 18 DA B N3    1 
ATOM 537 C C4    . DA B 2 12 ? 14.30741  -9.50203  5.76315   1.000 684.00313 ? 18 DA B C4    1 
ATOM 538 P P     . DC B 2 13 ? 14.94286  -14.20619 10.18384  1.000 657.40932 ? 19 DC B P     1 
ATOM 539 O OP1   . DC B 2 13 ? 14.38121  -15.46765 10.71636  1.000 657.34872 ? 19 DC B OP1   1 
ATOM 540 O OP2   . DC B 2 13 ? 15.94379  -13.45392 10.97302  1.000 654.35993 ? 19 DC B OP2   1 
ATOM 541 O "O5'" . DC B 2 13 ? 15.55996  -14.50893 8.73817   1.000 659.37256 ? 19 DC B "O5'" 1 
ATOM 542 C "C5'" . DC B 2 13 ? 14.78733  -15.23751 7.78307   1.000 662.64683 ? 19 DC B "C5'" 1 
ATOM 543 C "C4'" . DC B 2 13 ? 15.32674  -15.06293 6.36889   1.000 665.19883 ? 19 DC B "C4'" 1 
ATOM 544 O "O4'" . DC B 2 13 ? 15.53192  -13.65276 6.07865   1.000 665.87105 ? 19 DC B "O4'" 1 
ATOM 545 C "C3'" . DC B 2 13 ? 16.67112  -15.75303 6.07385   1.000 664.04421 ? 19 DC B "C3'" 1 
ATOM 546 O "O3'" . DC B 2 13 ? 16.58696  -16.44099 4.82484   1.000 667.46105 ? 19 DC B "O3'" 1 
ATOM 547 C "C2'" . DC B 2 13 ? 17.64454  -14.57791 5.99259   1.000 663.10263 ? 19 DC B "C2'" 1 
ATOM 548 C "C1'" . DC B 2 13 ? 16.74345  -13.52949 5.37600   1.000 666.08323 ? 19 DC B "C1'" 1 
ATOM 549 N N1    . DC B 2 13 ? 17.25367  -12.13678 5.50081   1.000 665.52232 ? 19 DC B N1    1 
ATOM 550 C C2    . DC B 2 13 ? 17.42045  -11.36579 4.34780   1.000 668.96112 ? 19 DC B C2    1 
ATOM 551 O O2    . DC B 2 13 ? 17.13566  -11.85069 3.24543   1.000 672.42870 ? 19 DC B O2    1 
ATOM 552 N N3    . DC B 2 13 ? 17.88752  -10.09838 4.47052   1.000 668.72329 ? 19 DC B N3    1 
ATOM 553 C C4    . DC B 2 13 ? 18.18572  -9.61095  5.67597   1.000 665.13276 ? 19 DC B C4    1 
ATOM 554 N N4    . DC B 2 13 ? 18.64340  -8.35513  5.74301   1.000 665.24173 ? 19 DC B N4    1 
ATOM 555 C C5    . DC B 2 13 ? 18.02471  -10.38275 6.86150   1.000 661.64242 ? 19 DC B C5    1 
ATOM 556 C C6    . DC B 2 13 ? 17.56053  -11.63201 6.72874   1.000 662.01947 ? 19 DC B C6    1 
ATOM 557 P P     . DG B 2 14 ? 17.76614  -17.41781 4.32794   1.000 641.68429 ? 20 DG B P     1 
ATOM 558 O OP1   . DG B 2 14 ? 17.18272  -18.77480 4.24037   1.000 642.84503 ? 20 DG B OP1   1 
ATOM 559 O OP2   . DG B 2 14 ? 18.96944  -17.20706 5.15924   1.000 638.10093 ? 20 DG B OP2   1 
ATOM 560 O "O5'" . DG B 2 14 ? 18.12034  -16.87368 2.86013   1.000 645.56772 ? 20 DG B "O5'" 1 
ATOM 561 C "C5'" . DG B 2 14 ? 18.31619  -15.46499 2.65148   1.000 646.05811 ? 20 DG B "C5'" 1 
ATOM 562 C "C4'" . DG B 2 14 ? 19.38448  -15.18853 1.60135   1.000 648.49287 ? 20 DG B "C4'" 1 
ATOM 563 O "O4'" . DG B 2 14 ? 19.61882  -13.75119 1.52021   1.000 648.87566 ? 20 DG B "O4'" 1 
ATOM 564 C "C3'" . DG B 2 14 ? 20.75590  -15.79171 1.87944   1.000 646.45731 ? 20 DG B "C3'" 1 
ATOM 565 O "O3'" . DG B 2 14 ? 21.45799  -15.93026 0.65504   1.000 650.19709 ? 20 DG B "O3'" 1 
ATOM 566 C "C2'" . DG B 2 14 ? 21.39087  -14.69875 2.72465   1.000 643.36504 ? 20 DG B "C2'" 1 
ATOM 567 C "C1'" . DG B 2 14 ? 20.93523  -13.45817 1.96016   1.000 646.45389 ? 20 DG B "C1'" 1 
ATOM 568 N N9    . DG B 2 14 ? 20.89841  -12.24032 2.77909   1.000 644.15989 ? 20 DG B N9    1 
ATOM 569 C C8    . DG B 2 14 ? 20.96147  -12.17487 4.14914   1.000 639.77749 ? 20 DG B C8    1 
ATOM 570 N N7    . DG B 2 14 ? 20.90583  -10.95826 4.61572   1.000 638.88624 ? 20 DG B N7    1 
ATOM 571 C C5    . DG B 2 14 ? 20.80113  -10.15868 3.48349   1.000 642.93874 ? 20 DG B C5    1 
ATOM 572 C C6    . DG B 2 14 ? 20.70252  -8.75075  3.36658   1.000 644.31932 ? 20 DG B C6    1 
ATOM 573 O O6    . DG B 2 14 ? 20.69043  -7.90915  4.26901   1.000 642.04882 ? 20 DG B O6    1 
ATOM 574 N N1    . DG B 2 14 ? 20.61572  -8.34191  2.04061   1.000 649.20656 ? 20 DG B N1    1 
ATOM 575 C C2    . DG B 2 14 ? 20.61851  -9.18583  0.95922   1.000 652.40061 ? 20 DG B C2    1 
ATOM 576 N N2    . DG B 2 14 ? 20.52358  -8.60594  -0.24495  1.000 657.43368 ? 20 DG B N2    1 
ATOM 577 N N3    . DG B 2 14 ? 20.70827  -10.50950 1.05192   1.000 651.09272 ? 20 DG B N3    1 
ATOM 578 C C4    . DG B 2 14 ? 20.79644  -10.92732 2.34081   1.000 646.29690 ? 20 DG B C4    1 
ATOM 579 P P     . DC B 2 15 ? 21.99732  -17.35683 0.14998   1.000 651.71948 ? 21 DC B P     1 
ATOM 580 O OP1   . DC B 2 15 ? 20.83148  -18.15568 -0.28420  1.000 653.95353 ? 21 DC B OP1   1 
ATOM 581 O OP2   . DC B 2 15 ? 22.91945  -17.90179 1.16903   1.000 647.82066 ? 21 DC B OP2   1 
ATOM 582 O "O5'" . DC B 2 15 ? 22.87089  -16.97703 -1.13368  1.000 656.10381 ? 21 DC B "O5'" 1 
ATOM 583 C "C5'" . DC B 2 15 ? 22.56096  -15.80229 -1.87442  1.000 659.13987 ? 21 DC B "C5'" 1 
ATOM 584 C "C4'" . DC B 2 15 ? 23.70190  -14.80088 -1.80529  1.000 658.71269 ? 21 DC B "C4'" 1 
ATOM 585 O "O4'" . DC B 2 15 ? 23.39565  -13.75712 -0.86112  1.000 655.34331 ? 21 DC B "O4'" 1 
ATOM 586 C "C3'" . DC B 2 15 ? 25.04727  -15.37388 -1.35485  1.000 656.64623 ? 21 DC B "C3'" 1 
ATOM 587 O "O3'" . DC B 2 15 ? 25.89219  -15.59883 -2.51173  1.000 661.31352 ? 21 DC B "O3'" 1 
ATOM 588 C "C2'" . DC B 2 15 ? 25.60846  -14.31838 -0.37530  1.000 652.97448 ? 21 DC B "C2'" 1 
ATOM 589 C "C1'" . DC B 2 15 ? 24.60927  -13.16697 -0.48099  1.000 653.77216 ? 21 DC B "C1'" 1 
ATOM 590 N N1    . DC B 2 15 ? 24.40515  -12.42447 0.80226   1.000 649.23040 ? 21 DC B N1    1 
ATOM 591 C C2    . DC B 2 15 ? 24.05985  -11.06683 0.77217   1.000 650.01936 ? 21 DC B C2    1 
ATOM 592 O O2    . DC B 2 15 ? 23.92713  -10.50074 -0.32032  1.000 654.51501 ? 21 DC B O2    1 
ATOM 593 N N3    . DC B 2 15 ? 23.87868  -10.40896 1.94576   1.000 646.16627 ? 21 DC B N3    1 
ATOM 594 C C4    . DC B 2 15 ? 24.03012  -11.05343 3.10414   1.000 641.80079 ? 21 DC B C4    1 
ATOM 595 N N4    . DC B 2 15 ? 23.84091  -10.36261 4.23414   1.000 638.49420 ? 21 DC B N4    1 
ATOM 596 C C5    . DC B 2 15 ? 24.38149  -12.43481 3.15497   1.000 641.00317 ? 21 DC B C5    1 
ATOM 597 C C6    . DC B 2 15 ? 24.55799  -13.07423 1.99230   1.000 644.72883 ? 21 DC B C6    1 
ATOM 598 P P     . DA B 2 16 ? 27.34324  -14.91586 -2.68125  1.000 662.38528 ? 22 DA B P     1 
ATOM 599 O OP1   . DA B 2 16 ? 27.80681  -15.31771 -4.02466  1.000 668.29145 ? 22 DA B OP1   1 
ATOM 600 O OP2   . DA B 2 16 ? 28.20618  -15.22898 -1.51953  1.000 657.77798 ? 22 DA B OP2   1 
ATOM 601 O "O5'" . DA B 2 16 ? 27.05101  -13.34273 -2.73450  1.000 662.93867 ? 22 DA B "O5'" 1 
ATOM 602 C "C5'" . DA B 2 16 ? 26.94029  -12.67540 -3.97954  1.000 668.60471 ? 22 DA B "C5'" 1 
ATOM 603 C "C4'" . DA B 2 16 ? 27.65893  -11.34393 -3.92106  1.000 669.17930 ? 22 DA B "C4'" 1 
ATOM 604 O "O4'" . DA B 2 16 ? 27.16818  -10.59170 -2.78323  1.000 664.43627 ? 22 DA B "O4'" 1 
ATOM 605 C "C3'" . DA B 2 16 ? 29.16233  -11.44926 -3.72698  1.000 668.85752 ? 22 DA B "C3'" 1 
ATOM 606 O "O3'" . DA B 2 16 ? 29.80926  -11.48263 -4.99419  1.000 675.07868 ? 22 DA B "O3'" 1 
ATOM 607 C "C2'" . DA B 2 16 ? 29.49522  -10.17171 -2.96232  1.000 666.30131 ? 22 DA B "C2'" 1 
ATOM 608 C "C1'" . DA B 2 16 ? 28.23965  -9.95134  -2.11737  1.000 662.22247 ? 22 DA B "C1'" 1 
ATOM 609 N N9    . DA B 2 16 ? 28.33279  -10.48487 -0.75625  1.000 656.24609 ? 22 DA B N9    1 
ATOM 610 C C8    . DA B 2 16 ? 28.70091  -11.74933 -0.38473  1.000 654.27377 ? 22 DA B C8    1 
ATOM 611 N N7    . DA B 2 16 ? 28.69446  -11.94290 0.91322   1.000 649.14343 ? 22 DA B N7    1 
ATOM 612 C C5    . DA B 2 16 ? 28.29119  -10.72298 1.42984   1.000 647.58133 ? 22 DA B C5    1 
ATOM 613 C C6    . DA B 2 16 ? 28.08436  -10.27324 2.74868   1.000 642.95433 ? 22 DA B C6    1 
ATOM 614 N N6    . DA B 2 16 ? 28.26678  -11.04560 3.82422   1.000 638.96093 ? 22 DA B N6    1 
ATOM 615 N N1    . DA B 2 16 ? 27.67964  -8.99559  2.91892   1.000 642.97305 ? 22 DA B N1    1 
ATOM 616 C C2    . DA B 2 16 ? 27.49854  -8.22862  1.83793   1.000 647.36620 ? 22 DA B C2    1 
ATOM 617 N N3    . DA B 2 16 ? 27.66210  -8.53938  0.55247   1.000 652.06880 ? 22 DA B N3    1 
ATOM 618 C C4    . DA B 2 16 ? 28.06171  -9.81370  0.41574   1.000 651.86937 ? 22 DA B C4    1 
ATOM 619 P P     . DA C 3 1  ? -24.62198 19.09989  -14.13077 1.000 417.78025 ? 19 DA C P     1 
ATOM 620 O OP1   . DA C 3 1  ? -23.34374 19.18169  -14.87223 1.000 422.09070 ? 19 DA C OP1   1 
ATOM 621 O OP2   . DA C 3 1  ? -25.52040 20.27545  -14.06403 1.000 429.46464 ? 19 DA C OP2   1 
ATOM 622 O "O5'" . DA C 3 1  ? -24.32577 18.62877  -12.62935 1.000 414.83549 ? 19 DA C "O5'" 1 
ATOM 623 C "C5'" . DA C 3 1  ? -23.23580 17.74629  -12.35109 1.000 408.16369 ? 19 DA C "C5'" 1 
ATOM 624 C "C4'" . DA C 3 1  ? -23.73330 16.33358  -12.07547 1.000 390.75718 ? 19 DA C "C4'" 1 
ATOM 625 O "O4'" . DA C 3 1  ? -23.49742 15.50142  -13.23509 1.000 381.45196 ? 19 DA C "O4'" 1 
ATOM 626 C "C3'" . DA C 3 1  ? -23.08531 15.64627  -10.87457 1.000 391.24280 ? 19 DA C "C3'" 1 
ATOM 627 O "O3'" . DA C 3 1  ? -24.06460 15.45846  -9.84270  1.000 386.70601 ? 19 DA C "O3'" 1 
ATOM 628 C "C2'" . DA C 3 1  ? -22.55074 14.30374  -11.39947 1.000 385.35771 ? 19 DA C "C2'" 1 
ATOM 629 C "C1'" . DA C 3 1  ? -22.69067 14.38646  -12.91617 1.000 372.72637 ? 19 DA C "C1'" 1 
ATOM 630 N N9    . DA C 3 1  ? -21.42587 14.49487  -13.65482 1.000 382.07565 ? 19 DA C N9    1 
ATOM 631 C C8    . DA C 3 1  ? -21.09542 15.46494  -14.55944 1.000 388.23061 ? 19 DA C C8    1 
ATOM 632 N N7    . DA C 3 1  ? -19.91242 15.31117  -15.09689 1.000 395.57402 ? 19 DA C N7    1 
ATOM 633 C C5    . DA C 3 1  ? -19.42521 14.15721  -14.50977 1.000 399.70970 ? 19 DA C C5    1 
ATOM 634 C C6    . DA C 3 1  ? -18.21050 13.46861  -14.66440 1.000 410.91703 ? 19 DA C C6    1 
ATOM 635 N N6    . DA C 3 1  ? -17.24949 13.88095  -15.48871 1.000 420.16406 ? 19 DA C N6    1 
ATOM 636 N N1    . DA C 3 1  ? -18.02165 12.34232  -13.93982 1.000 412.81778 ? 19 DA C N1    1 
ATOM 637 C C2    . DA C 3 1  ? -19.00169 11.94302  -13.11280 1.000 403.91236 ? 19 DA C C2    1 
ATOM 638 N N3    . DA C 3 1  ? -20.19160 12.51481  -12.87980 1.000 393.06170 ? 19 DA C N3    1 
ATOM 639 C C4    . DA C 3 1  ? -20.34329 13.62812  -13.62306 1.000 391.40712 ? 19 DA C C4    1 
ATOM 640 P P     . DC C 3 2  ? -23.61035 15.26817  -8.31251  1.000 378.88599 ? 20 DC C P     1 
ATOM 641 O OP1   . DC C 3 2  ? -24.83311 15.07434  -7.49904  1.000 369.88659 ? 20 DC C OP1   1 
ATOM 642 O OP2   . DC C 3 2  ? -22.67698 16.36790  -7.97888  1.000 400.21649 ? 20 DC C OP2   1 
ATOM 643 O "O5'" . DC C 3 2  ? -22.79151 13.89397  -8.33462  1.000 381.00493 ? 20 DC C "O5'" 1 
ATOM 644 C "C5'" . DC C 3 2  ? -21.72536 13.68177  -7.42300  1.000 401.81438 ? 20 DC C "C5'" 1 
ATOM 645 C "C4'" . DC C 3 2  ? -21.12200 12.29738  -7.60564  1.000 400.31551 ? 20 DC C "C4'" 1 
ATOM 646 O "O4'" . DC C 3 2  ? -20.54151 12.19285  -8.93113  1.000 395.30432 ? 20 DC C "O4'" 1 
ATOM 647 C "C3'" . DC C 3 2  ? -19.97423 11.97406  -6.67042  1.000 422.45080 ? 20 DC C "C3'" 1 
ATOM 648 O "O3'" . DC C 3 2  ? -19.79454 10.55782  -6.60531  1.000 418.03343 ? 20 DC C "O3'" 1 
ATOM 649 C "C2'" . DC C 3 2  ? -18.81670 12.64787  -7.39148  1.000 434.98868 ? 20 DC C "C2'" 1 
ATOM 650 C "C1'" . DC C 3 2  ? -19.12660 12.27616  -8.83777  1.000 415.61655 ? 20 DC C "C1'" 1 
ATOM 651 N N1    . DC C 3 2  ? -18.63943 13.26063  -9.87035  1.000 418.54487 ? 20 DC C N1    1 
ATOM 652 C C2    . DC C 3 2  ? -17.40681 13.05188  -10.50883 1.000 428.77000 ? 20 DC C C2    1 
ATOM 653 O O2    . DC C 3 2  ? -16.72032 12.07247  -10.18849 1.000 435.73290 ? 20 DC C O2    1 
ATOM 654 N N3    . DC C 3 2  ? -16.99768 13.94019  -11.45389 1.000 431.42783 ? 20 DC C N3    1 
ATOM 655 C C4    . DC C 3 2  ? -17.77066 14.98479  -11.76797 1.000 424.16866 ? 20 DC C C4    1 
ATOM 656 N N4    . DC C 3 2  ? -17.33074 15.83262  -12.70362 1.000 427.59829 ? 20 DC C N4    1 
ATOM 657 C C5    . DC C 3 2  ? -19.02984 15.20439  -11.13681 1.000 413.60270 ? 20 DC C C5    1 
ATOM 658 C C6    . DC C 3 2  ? -19.42149 14.32467  -10.20875 1.000 411.09708 ? 20 DC C C6    1 
ATOM 659 P P     . DA C 3 3  ? -19.40125 9.85119   -5.21692  1.000 405.06826 ? 21 DA C P     1 
ATOM 660 O OP1   . DA C 3 3  ? -19.94581 8.47733   -5.22396  1.000 390.90372 ? 21 DA C OP1   1 
ATOM 661 O OP2   . DA C 3 3  ? -19.76880 10.77731  -4.12308  1.000 415.35025 ? 21 DA C OP2   1 
ATOM 662 O "O5'" . DA C 3 3  ? -17.80790 9.77119   -5.26457  1.000 425.99372 ? 21 DA C "O5'" 1 
ATOM 663 C "C5'" . DA C 3 3  ? -17.12374 9.64936   -6.50863  1.000 423.04751 ? 21 DA C "C5'" 1 
ATOM 664 C "C4'" . DA C 3 3  ? -15.73419 10.23264  -6.37410  1.000 446.82495 ? 21 DA C "C4'" 1 
ATOM 665 O "O4'" . DA C 3 3  ? -15.47062 11.15781  -7.46672  1.000 445.10822 ? 21 DA C "O4'" 1 
ATOM 666 C "C3'" . DA C 3 3  ? -15.52952 11.02802  -5.08135  1.000 465.85360 ? 21 DA C "C3'" 1 
ATOM 667 O "O3'" . DA C 3 3  ? -14.34988 10.59669  -4.41119  1.000 487.03598 ? 21 DA C "O3'" 1 
ATOM 668 C "C2'" . DA C 3 3  ? -15.41974 12.47497  -5.56144  1.000 470.15936 ? 21 DA C "C2'" 1 
ATOM 669 C "C1'" . DA C 3 3  ? -14.82829 12.29695  -6.94693  1.000 464.92143 ? 21 DA C "C1'" 1 
ATOM 670 N N9    . DA C 3 3  ? -15.07916 13.43297  -7.83161  1.000 459.33218 ? 21 DA C N9    1 
ATOM 671 C C8    . DA C 3 3  ? -16.15000 14.27674  -7.79348  1.000 449.10003 ? 21 DA C C8    1 
ATOM 672 N N7    . DA C 3 3  ? -16.12396 15.21313  -8.70540  1.000 446.66170 ? 21 DA C N7    1 
ATOM 673 C C5    . DA C 3 3  ? -14.94171 14.98042  -9.38268  1.000 456.21141 ? 21 DA C C5    1 
ATOM 674 C C6    . DA C 3 3  ? -14.33220 15.63716  -10.46346 1.000 459.50427 ? 21 DA C C6    1 
ATOM 675 N N6    . DA C 3 3  ? -14.86713 16.70145  -11.06271 1.000 453.07845 ? 21 DA C N6    1 
ATOM 676 N N1    . DA C 3 3  ? -13.15324 15.15662  -10.90661 1.000 470.16297 ? 21 DA C N1    1 
ATOM 677 C C2    . DA C 3 3  ? -12.62198 14.08715  -10.29733 1.000 477.11370 ? 21 DA C C2    1 
ATOM 678 N N3    . DA C 3 3  ? -13.10619 13.38271  -9.27088  1.000 474.95552 ? 21 DA C N3    1 
ATOM 679 C C4    . DA C 3 3  ? -14.27989 13.88877  -8.85687  1.000 464.21506 ? 21 DA C C4    1 
ATOM 680 P P     . DC C 3 4  ? -14.45173 9.59914   -3.15432  1.000 466.87459 ? 22 DC C P     1 
ATOM 681 O OP1   . DC C 3 4  ? -15.74812 9.85155   -2.47920  1.000 456.16352 ? 22 DC C OP1   1 
ATOM 682 O OP2   . DC C 3 4  ? -13.17382 9.70285   -2.41237  1.000 493.20093 ? 22 DC C OP2   1 
ATOM 683 O "O5'" . DC C 3 4  ? -14.52353 8.14776   -3.82130  1.000 452.71593 ? 22 DC C "O5'" 1 
ATOM 684 C "C5'" . DC C 3 4  ? -13.48926 7.71873   -4.70378  1.000 457.27527 ? 22 DC C "C5'" 1 
ATOM 685 C "C4'" . DC C 3 4  ? -13.63658 6.24573   -5.04273  1.000 445.29529 ? 22 DC C "C4'" 1 
ATOM 686 O "O4'" . DC C 3 4  ? -12.99988 5.44056   -4.01794  1.000 461.45514 ? 22 DC C "O4'" 1 
ATOM 687 C "C3'" . DC C 3 4  ? -15.07007 5.75081   -5.13263  1.000 421.25860 ? 22 DC C "C3'" 1 
ATOM 688 O "O3'" . DC C 3 4  ? -15.17265 4.73908   -6.11664  1.000 405.65671 ? 22 DC C "O3'" 1 
ATOM 689 C "C2'" . DC C 3 4  ? -15.33112 5.20502   -3.73385  1.000 429.10951 ? 22 DC C "C2'" 1 
ATOM 690 C "C1'" . DC C 3 4  ? -13.96517 4.67573   -3.32003  1.000 451.03682 ? 22 DC C "C1'" 1 
ATOM 691 N N1    . DC C 3 4  ? -13.69239 4.81295   -1.85661  1.000 470.58322 ? 22 DC C N1    1 
ATOM 692 C C2    . DC C 3 4  ? -13.75460 3.68970   -1.02348  1.000 474.00361 ? 22 DC C C2    1 
ATOM 693 O O2    . DC C 3 4  ? -14.05029 2.59270   -1.50401  1.000 460.48030 ? 22 DC C O2    1 
ATOM 694 N N3    . DC C 3 4  ? -13.49795 3.83902   0.29968   1.000 492.34458 ? 22 DC C N3    1 
ATOM 695 C C4    . DC C 3 4  ? -13.18694 5.03952   0.78797   1.000 506.57134 ? 22 DC C C4    1 
ATOM 696 N N4    . DC C 3 4  ? -12.93898 5.13942   2.09755   1.000 524.58399 ? 22 DC C N4    1 
ATOM 697 C C5    . DC C 3 4  ? -13.11989 6.19294   -0.04378  1.000 503.23889 ? 22 DC C C5    1 
ATOM 698 C C6    . DC C 3 4  ? -13.37166 6.03500   -1.34638  1.000 485.43206 ? 22 DC C C6    1 
ATOM 699 P P     . DC C 3 5  ? -16.53265 4.56210   -6.95236  1.000 399.24605 ? 23 DC C P     1 
ATOM 700 O OP1   . DC C 3 5  ? -16.15711 4.10520   -8.31118  1.000 389.40044 ? 23 DC C OP1   1 
ATOM 701 O OP2   . DC C 3 5  ? -17.32615 5.80232   -6.79049  1.000 395.14613 ? 23 DC C OP2   1 
ATOM 702 O "O5'" . DC C 3 5  ? -17.31592 3.40326   -6.16774  1.000 390.75899 ? 23 DC C "O5'" 1 
ATOM 703 C "C5'" . DC C 3 5  ? -16.59031 2.38275   -5.46722  1.000 403.89376 ? 23 DC C "C5'" 1 
ATOM 704 C "C4'" . DC C 3 5  ? -17.53031 1.51035   -4.64717  1.000 395.32993 ? 23 DC C "C4'" 1 
ATOM 705 O "O4'" . DC C 3 5  ? -17.23844 1.65139   -3.22770  1.000 414.83014 ? 23 DC C "O4'" 1 
ATOM 706 C "C3'" . DC C 3 5  ? -19.00812 1.83774   -4.80175  1.000 374.28405 ? 23 DC C "C3'" 1 
ATOM 707 O "O3'" . DC C 3 5  ? -19.76368 0.64404   -4.75236  1.000 359.48471 ? 23 DC C "O3'" 1 
ATOM 708 C "C2'" . DC C 3 5  ? -19.28282 2.72968   -3.59218  1.000 386.70611 ? 23 DC C "C2'" 1 
ATOM 709 C "C1'" . DC C 3 5  ? -18.39522 2.08681   -2.53701  1.000 407.52040 ? 23 DC C "C1'" 1 
ATOM 710 N N1    . DC C 3 5  ? -17.95423 3.02389   -1.46468  1.000 428.72188 ? 23 DC C N1    1 
ATOM 711 C C2    . DC C 3 5  ? -17.73385 2.54561   -0.17121  1.000 443.84089 ? 23 DC C C2    1 
ATOM 712 O O2    . DC C 3 5  ? -17.92766 1.35105   0.06613   1.000 439.30871 ? 23 DC C O2    1 
ATOM 713 N N3    . DC C 3 5  ? -17.30811 3.41066   0.78432   1.000 463.40148 ? 23 DC C N3    1 
ATOM 714 C C4    . DC C 3 5  ? -17.10984 4.69283   0.48145   1.000 467.81161 ? 23 DC C C4    1 
ATOM 715 N N4    . DC C 3 5  ? -16.69356 5.51284   1.45277   1.000 487.25726 ? 23 DC C N4    1 
ATOM 716 C C5    . DC C 3 5  ? -17.32628 5.19324   -0.83246  1.000 452.82891 ? 23 DC C C5    1 
ATOM 717 C C6    . DC C 3 5  ? -17.74778 4.33174   -1.76113  1.000 433.69201 ? 23 DC C C6    1 
ATOM 718 P P     . DG C 3 6  ? -21.10468 0.49962   -5.62221  1.000 357.18595 ? 24 DG C P     1 
ATOM 719 O OP1   . DG C 3 6  ? -20.87044 -0.56453  -6.62361  1.000 345.61538 ? 24 DG C OP1   1 
ATOM 720 O OP2   . DG C 3 6  ? -21.48614 1.85219   -6.08976  1.000 352.89724 ? 24 DG C OP2   1 
ATOM 721 O "O5'" . DG C 3 6  ? -22.18687 -0.00304  -4.55457  1.000 351.78134 ? 24 DG C "O5'" 1 
ATOM 722 C "C5'" . DG C 3 6  ? -21.96448 -1.21095  -3.83353  1.000 357.72800 ? 24 DG C "C5'" 1 
ATOM 723 C "C4'" . DG C 3 6  ? -22.32304 -1.03910  -2.37079  1.000 369.49715 ? 24 DG C "C4'" 1 
ATOM 724 O "O4'" . DG C 3 6  ? -21.55365 0.03836   -1.81132  1.000 389.96176 ? 24 DG C "O4'" 1 
ATOM 725 C "C3'" . DG C 3 6  ? -23.78211 -0.68305  -2.10463  1.000 354.56335 ? 24 DG C "C3'" 1 
ATOM 726 O "O3'" . DG C 3 6  ? -24.46282 -1.82918  -1.61997  1.000 349.21379 ? 24 DG C "O3'" 1 
ATOM 727 C "C2'" . DG C 3 6  ? -23.72507 0.43820   -1.04519  1.000 371.29777 ? 24 DG C "C2'" 1 
ATOM 728 C "C1'" . DG C 3 6  ? -22.24073 0.53679   -0.70106  1.000 394.89590 ? 24 DG C "C1'" 1 
ATOM 729 N N9    . DG C 3 6  ? -21.77509 1.90217   -0.43686  1.000 409.18617 ? 24 DG C N9    1 
ATOM 730 C C8    . DG C 3 6  ? -21.72670 2.96052   -1.31721  1.000 404.46445 ? 24 DG C C8    1 
ATOM 731 N N7    . DG C 3 6  ? -21.25350 4.05919   -0.78671  1.000 420.91232 ? 24 DG C N7    1 
ATOM 732 C C5    . DG C 3 6  ? -20.96730 3.70341   0.52432   1.000 437.45842 ? 24 DG C C5    1 
ATOM 733 C C6    . DG C 3 6  ? -20.42783 4.47112   1.58784   1.000 459.29007 ? 24 DG C C6    1 
ATOM 734 O O6    . DG C 3 6  ? -20.08781 5.66149   1.59261   1.000 468.61159 ? 24 DG C O6    1 
ATOM 735 N N1    . DG C 3 6  ? -20.30717 3.72117   2.75038   1.000 470.88173 ? 24 DG C N1    1 
ATOM 736 C C2    . DG C 3 6  ? -20.64052 2.39600   2.87184   1.000 462.91665 ? 24 DG C C2    1 
ATOM 737 N N2    . DG C 3 6  ? -20.47033 1.86217   4.08834   1.000 477.14890 ? 24 DG C N2    1 
ATOM 738 N N3    . DG C 3 6  ? -21.15273 1.66593   1.89176   1.000 442.40208 ? 24 DG C N3    1 
ATOM 739 C C4    . DG C 3 6  ? -21.28275 2.38014   0.75045   1.000 430.61427 ? 24 DG C C4    1 
ATOM 740 P P     . DT C 3 7  ? -26.06531 -1.85001  -1.53027  1.000 358.99092 ? 25 DT C P     1 
ATOM 741 O OP1   . DT C 3 7  ? -26.51344 -3.20155  -1.93081  1.000 357.81189 ? 25 DT C OP1   1 
ATOM 742 O OP2   . DT C 3 7  ? -26.57335 -0.65629  -2.24003  1.000 347.13875 ? 25 DT C OP2   1 
ATOM 743 O "O5'" . DT C 3 7  ? -26.36090 -1.66655  0.02918   1.000 367.15401 ? 25 DT C "O5'" 1 
ATOM 744 C "C5'" . DT C 3 7  ? -25.87098 -2.62512  0.95693   1.000 381.09995 ? 25 DT C "C5'" 1 
ATOM 745 C "C4'" . DT C 3 7  ? -25.78050 -2.03238  2.35103   1.000 395.73890 ? 25 DT C "C4'" 1 
ATOM 746 O "O4'" . DT C 3 7  ? -24.90151 -0.90076  2.32985   1.000 410.49187 ? 25 DT C "O4'" 1 
ATOM 747 C "C3'" . DT C 3 7  ? -27.08209 -1.47938  2.90714   1.000 388.03061 ? 25 DT C "C3'" 1 
ATOM 748 O "O3'" . DT C 3 7  ? -27.78612 -2.49988  3.58826   1.000 386.41751 ? 25 DT C "O3'" 1 
ATOM 749 C "C2'" . DT C 3 7  ? -26.61697 -0.38689  3.88200   1.000 409.04739 ? 25 DT C "C2'" 1 
ATOM 750 C "C1'" . DT C 3 7  ? -25.16595 -0.11478  3.46745   1.000 423.15292 ? 25 DT C "C1'" 1 
ATOM 751 N N1    . DT C 3 7  ? -24.88596 1.31987   3.14310   1.000 428.03681 ? 25 DT C N1    1 
ATOM 752 C C2    . DT C 3 7  ? -24.10639 2.05845   4.00077   1.000 450.45906 ? 25 DT C C2    1 
ATOM 753 O O2    . DT C 3 7  ? -23.62725 1.60558   5.02385   1.000 466.82838 ? 25 DT C O2    1 
ATOM 754 N N3    . DT C 3 7  ? -23.90252 3.35734   3.61936   1.000 453.48218 ? 25 DT C N3    1 
ATOM 755 C C4    . DT C 3 7  ? -24.39023 3.98207   2.49044   1.000 436.98497 ? 25 DT C C4    1 
ATOM 756 O O4    . DT C 3 7  ? -24.14880 5.16025   2.23542   1.000 441.92049 ? 25 DT C O4    1 
ATOM 757 C C5    . DT C 3 7  ? -25.20260 3.15370   1.63235   1.000 413.90361 ? 25 DT C C5    1 
ATOM 758 C C7    . DT C 3 7  ? -25.78750 3.72093   0.37805   1.000 395.00856 ? 25 DT C C7    1 
ATOM 759 C C6    . DT C 3 7  ? -25.41056 1.87662   1.99511   1.000 410.41682 ? 25 DT C C6    1 
ATOM 760 P P     . DC D 4 1  ? -10.55492 24.58421  -16.98476 1.000 535.39883 ? 2  DC F P     1 
ATOM 761 O OP1   . DC D 4 1  ? -10.73597 25.77066  -17.85091 1.000 540.90262 ? 2  DC F OP1   1 
ATOM 762 O OP2   . DC D 4 1  ? -11.22346 23.30726  -17.32044 1.000 529.57930 ? 2  DC F OP2   1 
ATOM 763 O "O5'" . DC D 4 1  ? -8.99205  24.28613  -16.82211 1.000 535.90527 ? 2  DC F "O5'" 1 
ATOM 764 C "C5'" . DC D 4 1  ? -8.38333  24.38805  -15.54439 1.000 536.26299 ? 2  DC F "C5'" 1 
ATOM 765 C "C4'" . DC D 4 1  ? -7.51615  23.17689  -15.25910 1.000 532.14657 ? 2  DC F "C4'" 1 
ATOM 766 O "O4'" . DC D 4 1  ? -7.77426  22.70296  -13.91092 1.000 528.97937 ? 2  DC F "O4'" 1 
ATOM 767 C "C3'" . DC D 4 1  ? -7.74285  21.98499  -16.18828 1.000 527.59256 ? 2  DC F "C3'" 1 
ATOM 768 O "O3'" . DC D 4 1  ? -6.48891  21.46595  -16.61226 1.000 527.62697 ? 2  DC F "O3'" 1 
ATOM 769 C "C2'" . DC D 4 1  ? -8.51190  20.98691  -15.31760 1.000 521.90888 ? 2  DC F "C2'" 1 
ATOM 770 C "C1'" . DC D 4 1  ? -7.99400  21.31152  -13.92565 1.000 522.95634 ? 2  DC F "C1'" 1 
ATOM 771 N N1    . DC D 4 1  ? -8.95828  20.97248  -12.82535 1.000 519.63748 ? 2  DC F N1    1 
ATOM 772 C C2    . DC D 4 1  ? -8.66254  19.92681  -11.94114 1.000 515.30612 ? 2  DC F C2    1 
ATOM 773 O O2    . DC D 4 1  ? -7.61086  19.29512  -12.08945 1.000 514.30970 ? 2  DC F O2    1 
ATOM 774 N N3    . DC D 4 1  ? -9.54161  19.63709  -10.94569 1.000 512.49246 ? 2  DC F N3    1 
ATOM 775 C C4    . DC D 4 1  ? -10.66640 20.34521  -10.82223 1.000 513.94265 ? 2  DC F C4    1 
ATOM 776 N N4    . DC D 4 1  ? -11.50442 20.02652  -9.82909  1.000 511.25224 ? 2  DC F N4    1 
ATOM 777 C C5    . DC D 4 1  ? -10.98231 21.41361  -11.71394 1.000 518.40474 ? 2  DC F C5    1 
ATOM 778 C C6    . DC D 4 1  ? -10.10814 21.69154  -12.68746 1.000 521.07817 ? 2  DC F C6    1 
ATOM 779 P P     . DT D 4 2  ? -6.39234  20.50733  -17.89900 1.000 518.29048 ? 3  DT F P     1 
ATOM 780 O OP1   . DT D 4 2  ? -4.98932  20.52683  -18.36427 1.000 520.94506 ? 3  DT F OP1   1 
ATOM 781 O OP2   . DT D 4 2  ? -7.46163  20.87938  -18.85084 1.000 519.08785 ? 3  DT F OP2   1 
ATOM 782 O "O5'" . DT D 4 2  ? -6.70583  19.05619  -17.30614 1.000 511.77981 ? 3  DT F "O5'" 1 
ATOM 783 C "C5'" . DT D 4 2  ? -5.89718  18.53895  -16.25682 1.000 510.10697 ? 3  DT F "C5'" 1 
ATOM 784 C "C4'" . DT D 4 2  ? -6.53429  17.31545  -15.62084 1.000 504.08131 ? 3  DT F "C4'" 1 
ATOM 785 O "O4'" . DT D 4 2  ? -7.56619  17.71270  -14.70253 1.000 503.29115 ? 3  DT F "O4'" 1 
ATOM 786 C "C3'" . DT D 4 2  ? -7.21372  16.35593  -16.59409 1.000 500.55722 ? 3  DT F "C3'" 1 
ATOM 787 O "O3'" . DT D 4 2  ? -6.37690  15.23799  -16.83081 1.000 498.12011 ? 3  DT F "O3'" 1 
ATOM 788 C "C2'" . DT D 4 2  ? -8.51775  15.94242  -15.88327 1.000 496.63679 ? 3  DT F "C2'" 1 
ATOM 789 C "C1'" . DT D 4 2  ? -8.40325  16.60681  -14.51424 1.000 497.93877 ? 3  DT F "C1'" 1 
ATOM 790 N N1    . DT D 4 2  ? -9.70412  17.07850  -13.98291 1.000 497.57042 ? 3  DT F N1    1 
ATOM 791 C C2    . DT D 4 2  ? -10.27045 16.42396  -12.91577 1.000 493.66450 ? 3  DT F C2    1 
ATOM 792 O O2    . DT D 4 2  ? -9.74839  15.46959  -12.36793 1.000 490.42080 ? 3  DT F O2    1 
ATOM 793 N N3    . DT D 4 2  ? -11.47772 16.93328  -12.50719 1.000 493.87890 ? 3  DT F N3    1 
ATOM 794 C C4    . DT D 4 2  ? -12.15588 18.01295  -13.05804 1.000 497.61093 ? 3  DT F C4    1 
ATOM 795 O O4    . DT D 4 2  ? -13.23355 18.40341  -12.62677 1.000 497.74336 ? 3  DT F O4    1 
ATOM 796 C C5    . DT D 4 2  ? -11.50412 18.64726  -14.17840 1.000 501.53195 ? 3  DT F C5    1 
ATOM 797 C C7    . DT D 4 2  ? -12.14365 19.82451  -14.85828 1.000 505.91456 ? 3  DT F C7    1 
ATOM 798 C C6    . DT D 4 2  ? -10.32632 18.15222  -14.58244 1.000 501.29525 ? 3  DT F C6    1 
ATOM 799 P P     . DG D 4 3  ? -6.65790  14.28348  -18.08949 1.000 480.64757 ? 4  DG F P     1 
ATOM 800 O OP1   . DG D 4 3  ? -5.34240  13.80698  -18.57858 1.000 481.64310 ? 4  DG F OP1   1 
ATOM 801 O OP2   . DG D 4 3  ? -7.53602  15.04754  -19.00367 1.000 482.99971 ? 4  DG F OP2   1 
ATOM 802 O "O5'" . DG D 4 3  ? -7.51442  13.06896  -17.47149 1.000 474.77006 ? 4  DG F "O5'" 1 
ATOM 803 C "C5'" . DG D 4 3  ? -6.94290  12.23688  -16.44933 1.000 471.76560 ? 4  DG F "C5'" 1 
ATOM 804 C "C4'" . DG D 4 3  ? -8.00995  11.48091  -15.66008 1.000 467.02279 ? 4  DG F "C4'" 1 
ATOM 805 O "O4'" . DG D 4 3  ? -9.00089  12.40018  -15.17622 1.000 468.13356 ? 4  DG F "O4'" 1 
ATOM 806 C "C3'" . DG D 4 3  ? -8.78728  10.42177  -16.44190 1.000 463.62525 ? 4  DG F "C3'" 1 
ATOM 807 O "O3'" . DG D 4 3  ? -8.26963  9.12388   -16.15230 1.000 460.11140 ? 4  DG F "O3'" 1 
ATOM 808 C "C2'" . DG D 4 3  ? -10.24062 10.56541  -15.94985 1.000 461.69851 ? 4  DG F "C2'" 1 
ATOM 809 C "C1'" . DG D 4 3  ? -10.17928 11.68520  -14.91261 1.000 464.11923 ? 4  DG F "C1'" 1 
ATOM 810 N N9    . DG D 4 3  ? -11.29932 12.61108  -15.01574 1.000 465.93259 ? 4  DG F N9    1 
ATOM 811 C C8    . DG D 4 3  ? -11.43127 13.62955  -15.92456 1.000 470.07602 ? 4  DG F C8    1 
ATOM 812 N N7    . DG D 4 3  ? -12.53884 14.29973  -15.79729 1.000 471.04486 ? 4  DG F N7    1 
ATOM 813 C C5    . DG D 4 3  ? -13.19112 13.68488  -14.73639 1.000 467.28786 ? 4  DG F C5    1 
ATOM 814 C C6    . DG D 4 3  ? -14.43846 13.98447  -14.14526 1.000 466.63004 ? 4  DG F C6    1 
ATOM 815 O O6    . DG D 4 3  ? -15.23364 14.87724  -14.45829 1.000 469.35122 ? 4  DG F O6    1 
ATOM 816 N N1    . DG D 4 3  ? -14.73808 13.12081  -13.09450 1.000 462.49727 ? 4  DG F N1    1 
ATOM 817 C C2    . DG D 4 3  ? -13.92697 12.09602  -12.66501 1.000 459.39145 ? 4  DG F C2    1 
ATOM 818 N N2    . DG D 4 3  ? -14.38206 11.36716  -11.63187 1.000 455.69863 ? 4  DG F N2    1 
ATOM 819 N N3    . DG D 4 3  ? -12.74792 11.80427  -13.21288 1.000 460.04106 ? 4  DG F N3    1 
ATOM 820 C C4    . DG D 4 3  ? -12.44632 12.63974  -14.24212 1.000 464.05451 ? 4  DG F C4    1 
ATOM 821 P P     . DT D 4 4  ? -8.69174  7.85640   -17.04892 1.000 455.66497 ? 5  DT F P     1 
ATOM 822 O OP1   . DT D 4 4  ? -7.70836  6.78285   -16.77447 1.000 453.68733 ? 5  DT F OP1   1 
ATOM 823 O OP2   . DT D 4 4  ? -8.86829  8.33626   -18.44014 1.000 458.64182 ? 5  DT F OP2   1 
ATOM 824 O "O5'" . DT D 4 4  ? -10.12182 7.41507   -16.45408 1.000 451.90321 ? 5  DT F "O5'" 1 
ATOM 825 C "C5'" . DT D 4 4  ? -10.26710 7.18113   -15.03897 1.000 449.31489 ? 5  DT F "C5'" 1 
ATOM 826 C "C4'" . DT D 4 4  ? -11.71493 6.87996   -14.63797 1.000 446.37934 ? 5  DT F "C4'" 1 
ATOM 827 O "O4'" . DT D 4 4  ? -12.49691 8.08579   -14.63941 1.000 448.97988 ? 5  DT F "O4'" 1 
ATOM 828 C "C3'" . DT D 4 4  ? -12.47540 5.91031   -15.53896 1.000 444.09471 ? 5  DT F "C3'" 1 
ATOM 829 O "O3'" . DT D 4 4  ? -12.41000 4.59649   -14.99995 1.000 440.03732 ? 5  DT F "O3'" 1 
ATOM 830 C "C2'" . DT D 4 4  ? -13.92203 6.43769   -15.52865 1.000 444.14036 ? 5  DT F "C2'" 1 
ATOM 831 C "C1'" . DT D 4 4  ? -13.85509 7.72896   -14.70868 1.000 446.76444 ? 5  DT F "C1'" 1 
ATOM 832 N N1    . DT D 4 4  ? -14.59486 8.84530   -15.33946 1.000 450.09486 ? 5  DT F N1    1 
ATOM 833 C C2    . DT D 4 4  ? -15.81947 9.23859   -14.83118 1.000 449.71098 ? 5  DT F C2    1 
ATOM 834 O O2    . DT D 4 4  ? -16.34775 8.71440   -13.86216 1.000 446.69411 ? 5  DT F O2    1 
ATOM 835 N N3    . DT D 4 4  ? -16.40695 10.27743  -15.51243 1.000 453.20450 ? 5  DT F N3    1 
ATOM 836 C C4    . DT D 4 4  ? -15.89729 10.93000  -16.62360 1.000 456.85878 ? 5  DT F C4    1 
ATOM 837 O O4    . DT D 4 4  ? -16.48574 11.85049  -17.16198 1.000 459.94660 ? 5  DT F O4    1 
ATOM 838 C C5    . DT D 4 4  ? -14.61727 10.46407  -17.09119 1.000 456.99785 ? 5  DT F C5    1 
ATOM 839 C C7    . DT D 4 4  ? -13.96809 11.10029  -18.28073 1.000 460.96855 ? 5  DT F C7    1 
ATOM 840 C C6    . DT D 4 4  ? -14.04078 9.45676   -16.43867 1.000 453.68346 ? 5  DT F C6    1 
ATOM 841 P P     . DA D 4 5  ? -13.16664 3.37803   -15.72797 1.000 447.42954 ? 6  DA F P     1 
ATOM 842 O OP1   . DA D 4 5  ? -12.45293 2.13866   -15.34158 1.000 444.63019 ? 6  DA F OP1   1 
ATOM 843 O OP2   . DA D 4 5  ? -13.26234 3.71913   -17.16647 1.000 450.23801 ? 6  DA F OP2   1 
ATOM 844 O "O5'" . DA D 4 5  ? -14.64755 3.39185   -15.08765 1.000 445.27820 ? 6  DA F "O5'" 1 
ATOM 845 C "C5'" . DA D 4 5  ? -14.81681 3.46445   -13.65712 1.000 443.43754 ? 6  DA F "C5'" 1 
ATOM 846 C "C4'" . DA D 4 5  ? -16.27409 3.69831   -13.25723 1.000 442.42767 ? 6  DA F "C4'" 1 
ATOM 847 O "O4'" . DA D 4 5  ? -16.70717 5.01318   -13.69682 1.000 446.07981 ? 6  DA F "O4'" 1 
ATOM 848 C "C3'" . DA D 4 5  ? -17.28903 2.70803   -13.82656 1.000 440.03152 ? 6  DA F "C3'" 1 
ATOM 849 O "O3'" . DA D 4 5  ? -18.30620 2.44649   -12.85910 1.000 437.56353 ? 6  DA F "O3'" 1 
ATOM 850 C "C2'" . DA D 4 5  ? -17.84596 3.46035   -15.03049 1.000 443.16276 ? 6  DA F "C2'" 1 
ATOM 851 C "C1'" . DA D 4 5  ? -17.85914 4.88924   -14.50399 1.000 446.06685 ? 6  DA F "C1'" 1 
ATOM 852 N N9    . DA D 4 5  ? -17.79347 5.90384   -15.55135 1.000 450.13330 ? 6  DA F N9    1 
ATOM 853 C C8    . DA D 4 5  ? -16.96702 5.90850   -16.63624 1.000 452.10502 ? 6  DA F C8    1 
ATOM 854 N N7    . DA D 4 5  ? -17.11367 6.95654   -17.41165 1.000 455.87053 ? 6  DA F N7    1 
ATOM 855 C C5    . DA D 4 5  ? -18.11357 7.69044   -16.79582 1.000 456.45339 ? 6  DA F C5    1 
ATOM 856 C C6    . DA D 4 5  ? -18.73907 8.91364   -17.12523 1.000 460.01714 ? 6  DA F C6    1 
ATOM 857 N N6    . DA D 4 5  ? -18.42682 9.63902   -18.20663 1.000 463.70870 ? 6  DA F N6    1 
ATOM 858 N N1    . DA D 4 5  ? -19.69985 9.36416   -16.29425 1.000 459.82569 ? 6  DA F N1    1 
ATOM 859 C C2    . DA D 4 5  ? -20.01099 8.63824   -15.21403 1.000 456.25283 ? 6  DA F C2    1 
ATOM 860 N N3    . DA D 4 5  ? -19.49667 7.47972   -14.80303 1.000 452.64768 ? 6  DA F N3    1 
ATOM 861 C C4    . DA D 4 5  ? -18.54440 7.05551   -15.64621 1.000 452.96839 ? 6  DA F C4    1 
# 
loop_
_atom_site_anisotrop.id 
_atom_site_anisotrop.type_symbol 
_atom_site_anisotrop.pdbx_label_atom_id 
_atom_site_anisotrop.pdbx_label_alt_id 
_atom_site_anisotrop.pdbx_label_comp_id 
_atom_site_anisotrop.pdbx_label_asym_id 
_atom_site_anisotrop.pdbx_label_seq_id 
_atom_site_anisotrop.pdbx_PDB_ins_code 
_atom_site_anisotrop.U[1][1] 
_atom_site_anisotrop.U[2][2] 
_atom_site_anisotrop.U[3][3] 
_atom_site_anisotrop.U[1][2] 
_atom_site_anisotrop.U[1][3] 
_atom_site_anisotrop.U[2][3] 
_atom_site_anisotrop.pdbx_auth_seq_id 
_atom_site_anisotrop.pdbx_auth_comp_id 
_atom_site_anisotrop.pdbx_auth_asym_id 
_atom_site_anisotrop.pdbx_auth_atom_id 
1   P P     . DG A 1  ? 3.69900 7.14479  8.24270  0.13751  -2.40008 0.78805  1  DG A P     
2   O OP1   . DG A 1  ? 3.73356 7.20607  8.35397  0.09983  -2.40483 0.89975  1  DG A OP1   
3   O OP2   . DG A 1  ? 3.69180 7.19586  8.23266  0.15134  -2.38693 0.80755  1  DG A OP2   
4   O "O5'" . DG A 1  ? 3.58274 7.09271  8.14699  0.21628  -2.30439 0.71496  1  DG A "O5'" 
5   C "C5'" . DG A 1  ? 3.51241 7.13136  8.18701  0.25756  -2.21281 0.77669  1  DG A "C5'" 
6   C "C4'" . DG A 1  ? 3.43879 7.04898  8.10477  0.30922  -2.16004 0.68566  1  DG A "C4'" 
7   O "O4'" . DG A 1  ? 3.45673 6.95684  7.99921  0.30095  -2.21355 0.56835  1  DG A "O4'" 
8   C "C3'" . DG A 1  ? 3.32373 7.07274  8.05603  0.39412  -2.02779 0.68689  1  DG A "C3'" 
9   O "O3'" . DG A 1  ? 3.26737 7.03189  8.05273  0.43147  -1.96387 0.66599  1  DG A "O3'" 
10  C "C2'" . DG A 1  ? 3.29472 7.02826  7.92411  0.42067  -2.03012 0.58827  1  DG A "C2'" 
11  C "C1'" . DG A 1  ? 3.36330 6.93474  7.88785  0.36773  -2.13158 0.50880  1  DG A "C1'" 
12  N N9    . DG A 1  ? 3.38847 6.90953  7.81132  0.34856  -2.17635 0.45230  1  DG A N9    
13  C C8    . DG A 1  ? 3.48291 6.90832  7.84889  0.28446  -2.27143 0.45562  1  DG A C8    
14  N N7    . DG A 1  ? 3.47913 6.88467  7.76974  0.28309  -2.28132 0.40192  1  DG A N7    
15  C C5    . DG A 1  ? 3.37819 6.87254  7.66800  0.34584  -2.19204 0.36405  1  DG A C5    
16  C C6    . DG A 1  ? 3.32994 6.85211  7.55352  0.36700  -2.15970 0.31014  1  DG A C6    
17  O O6    . DG A 1  ? 3.37471 6.83818  7.54822  0.33441  -2.20930 0.28378  1  DG A O6    
18  N N1    . DG A 1  ? 3.23229 6.85059  7.47235  0.42951  -2.06504 0.29407  1  DG A N1    
19  C C2    . DG A 1  ? 3.18545 6.86424  7.50256  0.47186  -2.00359 0.32119  1  DG A C2    
20  N N2    . DG A 1  ? 3.09456 6.86111  7.41251  0.53182  -1.91009 0.30022  1  DG A N2    
21  N N3    . DG A 1  ? 3.22559 6.88185  7.61555  0.45479  -2.02807 0.37065  1  DG A N3    
22  C C4    . DG A 1  ? 3.32265 6.88612  7.69104  0.38867  -2.12615 0.39170  1  DG A C4    
23  P P     . DT A 2  ? 3.43543 7.35105  8.33318  0.51025  -1.80591 0.71275  2  DT A P     
24  O OP1   . DT A 2  ? 3.39648 7.29832  8.34330  0.53666  -1.75696 0.68486  2  DT A OP1   
25  O OP2   . DT A 2  ? 3.45024 7.45907  8.43518  0.49370  -1.76691 0.84758  2  DT A OP2   
26  O "O5'" . DT A 2  ? 3.37207 7.32460  8.19317  0.56803  -1.75966 0.62485  2  DT A "O5'" 
27  C "C5'" . DT A 2  ? 3.33329 7.39422  8.18705  0.60411  -1.68552 0.66797  2  DT A "C5'" 
28  C "C4'" . DT A 2  ? 3.26868 7.36230  8.04017  0.65898  -1.64083 0.57238  2  DT A "C4'" 
29  O "O4'" . DT A 2  ? 3.31015 7.32819  7.96036  0.62067  -1.73968 0.50741  2  DT A "O4'" 
30  C "C3'" . DT A 2  ? 3.22263 7.42434  8.02524  0.70427  -1.55438 0.59996  2  DT A "C3'" 
31  O "O3'" . DT A 2  ? 3.14732 7.39468  7.90179  0.76692  -1.47709 0.52177  2  DT A "O3'" 
32  C "C2'" . DT A 2  ? 3.27218 7.45054  8.00350  0.66611  -1.64315 0.59041  2  DT A "C2'" 
33  C "C1'" . DT A 2  ? 3.28795 7.37770  7.90415  0.64212  -1.71741 0.50041  2  DT A "C1'" 
34  N N1    . DT A 2  ? 3.35785 7.37735  7.89781  0.58403  -1.82232 0.48642  2  DT A N1    
35  C C2    . DT A 2  ? 3.33530 7.37233  7.78208  0.59216  -1.82553 0.42773  2  DT A C2    
36  O O2    . DT A 2  ? 3.26216 7.37433  7.67940  0.64251  -1.75185 0.39089  2  DT A O2    
37  N N3    . DT A 2  ? 3.40302 7.36846  7.79204  0.53666  -1.91431 0.41910  2  DT A N3    
38  C C4    . DT A 2  ? 3.49374 7.36868  7.89973  0.47583  -2.00228 0.45840  2  DT A C4    
39  O O4    . DT A 2  ? 3.55209 7.36338  7.90187  0.43096  -2.07286 0.44396  2  DT A O4    
40  C C5    . DT A 2  ? 3.51592 7.37883  8.01115  0.46666  -2.00099 0.52280  2  DT A C5    
41  C C7    . DT A 2  ? 3.61688 7.38927  8.12854  0.39633  -2.09433 0.57920  2  DT A C7    
42  C C6    . DT A 2  ? 3.44514 7.38270  8.00671  0.52033  -1.90988 0.53551  2  DT A C6    
43  P P     . DG A 3  ? 3.30170 7.64117  8.13303  0.83031  -1.33312 0.54652  3  DG A P     
44  O OP1   . DG A 3  ? 3.26277 7.59595  8.12772  0.86404  -1.25920 0.52743  3  DG A OP1   
45  O OP2   . DG A 3  ? 3.33106 7.70773  8.25664  0.80809  -1.30523 0.65993  3  DG A OP2   
46  O "O5'" . DG A 3  ? 3.25502 7.64103  7.98341  0.87106  -1.31499 0.45823  3  DG A "O5'" 
47  C "C5'" . DG A 3  ? 3.18981 7.62806  7.91874  0.93234  -1.20621 0.41626  3  DG A "C5'" 
48  C "C4'" . DG A 3  ? 3.16471 7.65652  7.83060  0.95524  -1.19826 0.36793  3  DG A "C4'" 
49  O "O4'" . DG A 3  ? 3.20023 7.68110  7.78127  0.91627  -1.30255 0.35415  3  DG A "O4'" 
50  C "C3'" . DG A 3  ? 3.16959 7.68676  7.93445  0.95735  -1.13708 0.43319  3  DG A "C3'" 
51  O "O3'" . DG A 3  ? 3.12632 7.68354  7.84764  0.99530  -1.09285 0.36555  3  DG A "O3'" 
52  C "C2'" . DG A 3  ? 3.22934 7.72998  8.00069  0.90617  -1.22911 0.48978  3  DG A "C2'" 
53  C "C1'" . DG A 3  ? 3.23230 7.72525  7.86558  0.89781  -1.32071 0.40127  3  DG A "C1'" 
54  N N9    . DG A 3  ? 3.29991 7.73990  7.91957  0.83790  -1.42559 0.43914  3  DG A N9    
55  C C8    . DG A 3  ? 3.35124 7.72971  8.03150  0.79408  -1.46882 0.50489  3  DG A C8    
56  N N7    . DG A 3  ? 3.41459 7.74217  8.06054  0.74040  -1.56791 0.52052  3  DG A N7    
57  C C5    . DG A 3  ? 3.40068 7.76379  7.96288  0.75104  -1.58386 0.46558  3  DG A C5    
58  C C6    . DG A 3  ? 3.44890 7.78340  7.94708  0.70956  -1.66682 0.45518  3  DG A C6    
59  O O6    . DG A 3  ? 3.52039 7.77988  8.01975  0.65287  -1.74978 0.48852  3  DG A O6    
60  N N1    . DG A 3  ? 3.44927 7.82366  7.95961  0.72225  -1.66720 0.43604  3  DG A N1    
61  C C2    . DG A 3  ? 3.38963 7.83743  7.91732  0.77613  -1.58882 0.40790  3  DG A C2    
62  N N2    . DG A 3  ? 3.40359 7.88496  7.94574  0.77737  -1.60549 0.39601  3  DG A N2    
63  N N3    . DG A 3  ? 3.32480 7.80609  7.85839  0.82388  -1.50012 0.39081  3  DG A N3    
64  C C4    . DG A 3  ? 3.32923 7.76698  7.87329  0.81061  -1.49887 0.41675  3  DG A C4    
65  P P     . DC A 4  ? 3.14259 7.71553  7.96156  1.00479  -0.98349 0.43125  4  DC A P     
66  O OP1   . DC A 4  ? 3.09046 7.66856  7.89191  1.04838  -0.89772 0.36211  4  DC A OP1   
67  O OP2   . DC A 4  ? 3.18396 7.75283  8.10936  0.96963  -0.94425 0.57893  4  DC A OP2   
68  O "O5'" . DC A 4  ? 3.15425 7.75138  7.94669  0.99590  -1.03121 0.41677  4  DC A "O5'" 
69  C "C5'" . DC A 4  ? 3.20180 7.79232  7.99068  0.95706  -1.11343 0.46382  4  DC A "C5'" 
70  C "C4'" . DC A 4  ? 3.23281 7.85084  7.99824  0.94922  -1.19303 0.43385  4  DC A "C4'" 
71  O "O4'" . DC A 4  ? 3.27260 7.86769  7.97371  0.91641  -1.29805 0.41997  4  DC A "O4'" 
72  C "C3'" . DC A 4  ? 3.26335 7.90209  8.09220  0.93116  -1.18920 0.50616  4  DC A "C3'" 
73  O "O3'" . DC A 4  ? 3.27369 7.95062  8.09538  0.93955  -1.22592 0.46332  4  DC A "O3'" 
74  C "C2'" . DC A 4  ? 3.31245 7.92186  8.12939  0.88831  -1.26539 0.55626  4  DC A "C2'" 
75  C "C1'" . DC A 4  ? 3.32442 7.90956  8.05735  0.87890  -1.34903 0.48476  4  DC A "C1'" 
76  N N1    . DC A 4  ? 3.35335 7.88847  8.06173  0.84311  -1.39641 0.51825  4  DC A N1    
77  C C2    . DC A 4  ? 3.41893 7.92378  8.10749  0.79582  -1.49493 0.54329  4  DC A C2    
78  O O2    . DC A 4  ? 3.44958 7.97168  8.14344  0.78617  -1.53824 0.53594  4  DC A O2    
79  N N3    . DC A 4  ? 3.45992 7.91237  8.14723  0.75494  -1.54304 0.58918  4  DC A N3    
80  C C4    . DC A 4  ? 3.46013 7.89573  8.22179  0.74927  -1.50466 0.65041  4  DC A C4    
81  N N4    . DC A 4  ? 3.52174 7.90493  8.31568  0.69678  -1.56506 0.72082  4  DC A N4    
82  C C5    . DC A 4  ? 3.39910 7.87132  8.20369  0.79554  -1.39928 0.64249  4  DC A C5    
83  C C6    . DC A 4  ? 3.34525 7.86071  8.11097  0.84203  -1.34843 0.56816  4  DC A C6    
84  P P     . DG A 5  ? 4.52153 9.23325  9.41363  0.93621  -1.19099 0.52384  5  DG A P     
85  O OP1   . DG A 5  ? 4.54597 9.29252  9.41521  0.93416  -1.26637 0.47164  5  DG A OP1   
86  O OP2   . DG A 5  ? 4.48199 9.20413  9.41916  0.96056  -1.07392 0.55158  5  DG A OP2   
87  O "O5'" . DG A 5  ? 4.56050 9.25311  9.48521  0.89846  -1.20195 0.63009  5  DG A "O5'" 
88  C "C5'" . DG A 5  ? 4.60048 9.31568  9.55735  0.87747  -1.23371 0.68304  5  DG A "C5'" 
89  C "C4'" . DG A 5  ? 4.65314 9.34489  9.57414  0.84469  -1.34943 0.66861  5  DG A "C4'" 
90  O "O4'" . DG A 5  ? 4.65357 9.29935  9.52994  0.83272  -1.37819 0.65245  5  DG A "O4'" 
91  C "C3'" . DG A 5  ? 4.70037 9.39023  9.65844  0.81051  -1.37100 0.76428  5  DG A "C3'" 
92  O "O3'" . DG A 5  ? 4.72390 9.44988  9.70359  0.80979  -1.40143 0.75638  5  DG A "O3'" 
93  C "C2'" . DG A 5  ? 4.74502 9.38377  9.66111  0.77438  -1.46229 0.76219  5  DG A "C2'" 
94  C "C1'" . DG A 5  ? 4.71237 9.32606  9.57370  0.79030  -1.46478 0.68536  5  DG A "C1'" 
95  N N9    . DG A 5  ? 4.71349 9.28427  9.55794  0.77236  -1.46239 0.71952  5  DG A N9    
96  C C8    . DG A 5  ? 4.66328 9.22879  9.50477  0.79492  -1.39007 0.71215  5  DG A C8    
97  N N7    . DG A 5  ? 4.68996 9.22137  9.54185  0.76431  -1.41083 0.76795  5  DG A N7    
98  C C5    . DG A 5  ? 4.74808 9.25242  9.57311  0.72491  -1.50077 0.78645  5  DG A C5    
99  C C6    . DG A 5  ? 4.81755 9.27754  9.66801  0.66917  -1.56667 0.86997  5  DG A C6    
100 O O6    . DG A 5  ? 4.83988 9.28237  9.74325  0.64307  -1.55959 0.94689  5  DG A O6    
101 N N1    . DG A 5  ? 4.86485 9.30191  9.67096  0.64200  -1.64657 0.85777  5  DG A N1    
102 C C2    . DG A 5  ? 4.87640 9.33785  9.68663  0.65081  -1.66862 0.82763  5  DG A C2    
103 N N2    . DG A 5  ? 4.94753 9.37941  9.75873  0.60924  -1.75164 0.85608  5  DG A N2    
104 N N3    . DG A 5  ? 4.83112 9.34194  9.65934  0.69218  -1.61529 0.78455  5  DG A N3    
105 C C4    . DG A 5  ? 4.76656 9.29403  9.59436  0.72831  -1.53267 0.76215  5  DG A C4    
106 P P     . DT A 6  ? 5.19775 9.96304  10.24094 0.80881  -1.33223 0.85262  6  DT A P     
107 O OP1   . DT A 6  ? 5.16265 9.97137  10.22301 0.84154  -1.27989 0.81059  6  DT A OP1   
108 O OP2   . DT A 6  ? 5.19119 9.94227  10.25354 0.79568  -1.26254 0.95660  6  DT A OP2   
109 O "O5'" . DT A 6  ? 5.25891 10.02785 10.31217 0.77862  -1.41986 0.87307  6  DT A "O5'" 
110 C "C5'" . DT A 6  ? 5.30340 10.03170 10.31753 0.75157  -1.52291 0.83508  6  DT A "C5'" 
111 C "C4'" . DT A 6  ? 5.34851 10.04404 10.37625 0.71254  -1.54724 0.93014  6  DT A "C4'" 
112 O "O4'" . DT A 6  ? 5.34116 9.99052  10.33623 0.70149  -1.54729 0.93778  6  DT A "O4'" 
113 C "C3'" . DT A 6  ? 5.34239 10.06958 10.42189 0.71006  -1.46675 1.04475  6  DT A "C3'" 
114 O "O3'" . DT A 6  ? 5.40030 10.11880 10.49758 0.67544  -1.52143 1.10697  6  DT A "O3'" 
115 C "C2'" . DT A 6  ? 5.31190 10.02015 10.38439 0.71013  -1.39823 1.09757  6  DT A "C2'" 
116 C "C1'" . DT A 6  ? 5.33939 9.99097  10.36406 0.68818  -1.48712 1.04721  6  DT A "C1'" 
117 N N1    . DT A 6  ? 5.30356 9.93207  10.30621 0.69460  -1.44179 1.04918  6  DT A N1    
118 C C2    . DT A 6  ? 5.33525 9.92008  10.31439 0.66101  -1.48748 1.08276  6  DT A C2    
119 O O2    . DT A 6  ? 5.39482 9.95328  10.36896 0.62421  -1.56465 1.11318  6  DT A O2    
120 N N3    . DT A 6  ? 5.29853 9.87177  10.26488 0.66977  -1.43854 1.08370  6  DT A N3    
121 C C4    . DT A 6  ? 5.24247 9.84256  10.23078 0.70523  -1.34860 1.06773  6  DT A C4    
122 O O4    . DT A 6  ? 5.24123 9.84331  10.27070 0.69805  -1.30995 1.12346  6  DT A O4    
123 C C5    . DT A 6  ? 5.20633 9.84148  10.20024 0.74169  -1.30369 1.01749  6  DT A C5    
124 C C7    . DT A 6  ? 5.14429 9.80057  10.14730 0.78187  -1.20465 0.98495  6  DT A C7    
125 C C6    . DT A 6  ? 5.24190 9.89349  10.25038 0.73240  -1.35276 1.02036  6  DT A C6    
126 P P     . DG A 7  ? 5.42002 10.17920 10.56728 0.66815  -1.45851 1.22346  7  DG A P     
127 O OP1   . DG A 7  ? 5.43927 10.23363 10.61055 0.67423  -1.49150 1.19272  7  DG A OP1   
128 O OP2   . DG A 7  ? 5.36964 10.15467 10.53050 0.68747  -1.33668 1.28733  7  DG A OP2   
129 O "O5'" . DG A 7  ? 5.47484 10.19633 10.62051 0.62396  -1.50911 1.30348  7  DG A "O5'" 
130 C "C5'" . DG A 7  ? 5.52970 10.20190 10.64989 0.59548  -1.62414 1.25446  7  DG A "C5'" 
131 C "C4'" . DG A 7  ? 5.56341 10.18893 10.66698 0.55804  -1.65048 1.32179  7  DG A "C4'" 
132 O "O4'" . DG A 7  ? 5.52485 10.12908 10.59479 0.56845  -1.62019 1.29459  7  DG A "O4'" 
133 C "C3'" . DG A 7  ? 5.57145 10.22080 10.70715 0.54133  -1.59161 1.45348  7  DG A "C3'" 
134 O "O3'" . DG A 7  ? 5.63749 10.24517 10.76777 0.49625  -1.66726 1.50233  7  DG A "O3'" 
135 C "C2'" . DG A 7  ? 5.51693 10.17841 10.64403 0.55678  -1.49612 1.49173  7  DG A "C2'" 
136 C "C1'" . DG A 7  ? 5.50776 10.12362 10.58962 0.56028  -1.54658 1.39538  7  DG A "C1'" 
137 N N9    . DG A 7  ? 5.44006 10.07459 10.51522 0.59459  -1.45883 1.37021  7  DG A N9    
138 C C8    . DG A 7  ? 5.39015 10.06259 10.47971 0.63478  -1.39248 1.32714  7  DG A C8    
139 N N7    . DG A 7  ? 5.33821 10.01568 10.41967 0.65811  -1.31824 1.31325  7  DG A N7    
140 C C5    . DG A 7  ? 5.36020 10.01067 10.43634 0.62877  -1.33709 1.36489  7  DG A C5    
141 C C6    . DG A 7  ? 5.35412 10.01969 10.47402 0.62290  -1.28151 1.43323  7  DG A C6    
142 O O6    . DG A 7  ? 5.30607 9.99636  10.44142 0.65475  -1.19668 1.41874  7  DG A O6    
143 N N1    . DG A 7  ? 5.41326 10.06311 10.55896 0.57365  -1.33151 1.52616  7  DG A N1    
144 C C2    . DG A 7  ? 5.47420 10.08988 10.60274 0.53328  -1.42513 1.54968  7  DG A C2    
145 N N2    . DG A 7  ? 5.53046 10.13184 10.68562 0.48371  -1.46524 1.64403  7  DG A N2    
146 N N3    . DG A 7  ? 5.48099 10.07913 10.56822 0.54047  -1.47401 1.48495  7  DG A N3    
147 C C4    . DG A 7  ? 5.42051 10.04092 10.48433 0.58990  -1.42535 1.39388  7  DG A C4    
148 P P     . DT A 8  ? 6.20736 10.83708 11.36906 0.47136  -1.62947 1.63848  8  DT A P     
149 O OP1   . DT A 8  ? 6.28538 10.87285 11.44883 0.42961  -1.73243 1.65289  8  DT A OP1   
150 O OP2   . DT A 8  ? 6.16803 10.86216 11.36596 0.50085  -1.53831 1.67676  8  DT A OP2   
151 O "O5'" . DT A 8  ? 6.18314 10.80663 11.32533 0.46216  -1.57231 1.70309  8  DT A "O5'" 
152 C "C5'" . DT A 8  ? 6.20192 10.77031 11.30237 0.44166  -1.63460 1.66185  8  DT A "C5'" 
153 C "C4'" . DT A 8  ? 6.19733 10.79438 11.33599 0.42335  -1.56607 1.78275  8  DT A "C4'" 
154 O "O4'" . DT A 8  ? 6.13699 10.76213 11.28581 0.45980  -1.49321 1.74572  8  DT A "O4'" 
155 C "C3'" . DT A 8  ? 6.20489 10.86544 11.40164 0.40921  -1.47876 1.94601  8  DT A "C3'" 
156 O "O3'" . DT A 8  ? 6.26462 10.93038 11.49682 0.35503  -1.49683 2.08149  8  DT A "O3'" 
157 C "C2'" . DT A 8  ? 6.13873 10.86154 11.36599 0.44967  -1.35025 1.97049  8  DT A "C2'" 
158 C "C1'" . DT A 8  ? 6.12142 10.81685 11.33360 0.45876  -1.37634 1.88959  8  DT A "C1'" 
159 N N1    . DT A 8  ? 6.05008 10.77936 11.26742 0.50895  -1.28014 1.83928  8  DT A N1    
160 C C2    . DT A 8  ? 6.03482 10.79453 11.28872 0.51075  -1.21367 1.89528  8  DT A C2    
161 O O2    . DT A 8  ? 6.07475 10.84060 11.35851 0.47276  -1.23027 1.98485  8  DT A O2    
162 N N3    . DT A 8  ? 5.97219 10.75583 11.22507 0.55822  -1.12556 1.84076  8  DT A N3    
163 C C4    . DT A 8  ? 5.92596 10.70602 11.14452 0.59929  -1.10255 1.74050  8  DT A C4    
164 O O4    . DT A 8  ? 5.87544 10.67337 11.09253 0.63692  -1.02368 1.69830  8  DT A O4    
165 C C5    . DT A 8  ? 5.94315 10.69708 11.12621 0.59406  -1.17705 1.68722  8  DT A C5    
166 C C7    . DT A 8  ? 5.90531 10.66698 11.06444 0.63106  -1.16067 1.59616  8  DT A C7    
167 C C6    . DT A 8  ? 6.00296 10.73317 11.18749 0.55152  -1.25867 1.73757  8  DT A C6    
168 P P     . DG A 9  ? 6.30551 11.00525 11.56406 0.32445  -1.46558 2.22476  9  DG A P     
169 O OP1   . DG A 9  ? 6.33711 10.95912 11.52343 0.31078  -1.57259 2.13615  9  DG A OP1   
170 O OP2   . DG A 9  ? 6.24759 11.01191 11.52470 0.36336  -1.33923 2.26797  9  DG A OP2   
171 O "O5'" . DG A 9  ? 6.33865 11.06415 11.62814 0.28135  -1.44851 2.35235  9  DG A "O5'" 
172 C "C5'" . DG A 9  ? 6.35684 11.07150 11.66642 0.26406  -1.48278 2.34467  9  DG A "C5'" 
173 C "C4'" . DG A 9  ? 6.33654 11.13827 11.70478 0.26304  -1.36982 2.47285  9  DG A "C4'" 
174 O "O4'" . DG A 9  ? 6.26187 11.08978 11.63365 0.32049  -1.28328 2.40086  9  DG A "O4'" 
175 C "C3'" . DG A 9  ? 6.32392 11.19393 11.71074 0.26320  -1.26838 2.59846  9  DG A "C3'" 
176 O "O3'" . DG A 9  ? 6.34204 11.26535 11.76034 0.23196  -1.22650 2.71740  9  DG A "O3'" 
177 C "C2'" . DG A 9  ? 6.26154 11.18844 11.67489 0.31988  -1.14287 2.59653  9  DG A "C2'" 
178 C "C1'" . DG A 9  ? 6.22803 11.14356 11.64299 0.34565  -1.13897 2.50790  9  DG A "C1'" 
179 N N9    . DG A 9  ? 6.16206 11.07636 11.55643 0.40478  -1.07688 2.40634  9  DG A N9    
180 C C8    . DG A 9  ? 6.14383 11.02391 11.49997 0.42828  -1.10674 2.31442  9  DG A C8    
181 N N7    . DG A 9  ? 6.08446 10.97388 11.42659 0.47776  -1.03894 2.23696  9  DG A N7    
182 C C5    . DG A 9  ? 6.06248 10.99112 11.43542 0.49009  -0.95454 2.27978  9  DG A C5    
183 C C6    . DG A 9  ? 6.00549 10.95396 11.37687 0.53761  -0.85637 2.23083  9  DG A C6    
184 O O6    . DG A 9  ? 5.96262 10.89812 11.30328 0.57598  -0.82838 2.14009  9  DG A O6    
185 N N1    . DG A 9  ? 6.00300 10.98997 11.41149 0.53691  -0.78631 2.29665  9  DG A N1    
186 C C2    . DG A 9  ? 6.04779 11.05858 11.49246 0.49383  -0.81008 2.39888  9  DG A C2    
187 N N2    . DG A 9  ? 6.03563 11.08978 11.51467 0.50224  -0.72671 2.44652  9  DG A N2    
188 N N3    . DG A 9  ? 6.10315 11.09585 11.54805 0.44469  -0.90794 2.44897  9  DG A N3    
189 C C4    . DG A 9  ? 6.10796 11.05616 11.51519 0.44681  -0.97489 2.38358  9  DG A C4    
190 P P     . DA A 10 ? 5.39495 10.36428 10.80125 0.22287  -1.14732 2.82132  10 DA A P     
191 O OP1   . DA A 10 ? 5.44793 10.40970 10.84464 0.16489  -1.21318 2.88391  10 DA A OP1   
192 O OP2   . DA A 10 ? 5.37309 10.30137 10.72926 0.24541  -1.15168 2.76431  10 DA A OP2   
193 O "O5'" . DA A 10 ? 5.34480 10.41746 10.80911 0.26140  -0.97511 2.90607  10 DA A "O5'" 
194 C "C5'" . DA A 10 ? 5.35368 10.50107 10.86080 0.24065  -0.90906 3.01483  10 DA A "C5'" 
195 C "C4'" . DA A 10 ? 5.33615 10.53623 10.90260 0.26776  -0.83860 3.02176  10 DA A "C4'" 
196 O "O4'" . DA A 10 ? 5.31127 10.47242 10.87234 0.30998  -0.84873 2.92127  10 DA A "O4'" 
197 C "C3'" . DA A 10 ? 5.29846 10.59140 10.90208 0.30172  -0.65732 3.10562  10 DA A "C3'" 
198 O "O3'" . DA A 10 ? 5.30441 10.64922 10.96422 0.30357  -0.61843 3.13400  10 DA A "O3'" 
199 C "C2'" . DA A 10 ? 5.25328 10.52630 10.83489 0.36044  -0.58175 3.04329  10 DA A "C2'" 
200 C "C1'" . DA A 10 ? 5.26345 10.48033 10.84629 0.36447  -0.69357 2.94168  10 DA A "C1'" 
201 N N9    . DA A 10 ? 5.22982 10.40049 10.77341 0.40326  -0.69455 2.84544  10 DA A N9    
202 C C8    . DA A 10 ? 5.23715 10.34747 10.73456 0.39247  -0.78543 2.78431  10 DA A C8    
203 N N7    . DA A 10 ? 5.20351 10.29347 10.67878 0.43165  -0.76345 2.70659  10 DA A N7    
204 C C5    . DA A 10 ? 5.16160 10.28202 10.64889 0.47342  -0.65466 2.69035  10 DA A C5    
205 C C6    . DA A 10 ? 5.10945 10.21706 10.56915 0.52474  -0.58696 2.60249  10 DA A C6    
206 N N6    . DA A 10 ? 5.09118 10.16308 10.51353 0.54120  -0.62129 2.52250  10 DA A N6    
207 N N1    . DA A 10 ? 5.07937 10.21161 10.54924 0.55712  -0.48193 2.59822  10 DA A N1    
208 C C2    . DA A 10 ? 5.09715 10.26940 10.60561 0.54163  -0.44351 2.67404  10 DA A C2    
209 N N3    . DA A 10 ? 5.14228 10.33882 10.68267 0.49341  -0.49930 2.76234  10 DA A N3    
210 C C4    . DA A 10 ? 5.17431 10.33994 10.70025 0.45957  -0.60859 2.76646  10 DA A C4    
211 P P     . DC A 11 ? 4.83118 10.27208 10.53097 0.32847  -0.43338 3.21871  11 DC A P     
212 O OP1   . DC A 11 ? 4.86462 10.35892 10.60350 0.27694  -0.46467 3.28733  11 DC A OP1   
213 O OP2   . DC A 11 ? 4.80545 10.25377 10.46956 0.34929  -0.32700 3.24720  11 DC A OP2   
214 O "O5'" . DC A 11 ? 4.78696 10.21237 10.48943 0.39014  -0.35575 3.12580  11 DC A "O5'" 
215 C "C5'" . DC A 11 ? 4.74989 10.11071 10.40818 0.43598  -0.35838 3.01949  11 DC A "C5'" 
216 C "C4'" . DC A 11 ? 4.72493 10.11225 10.37760 0.49171  -0.18014 3.03850  11 DC A "C4'" 
217 O "O4'" . DC A 11 ? 4.70050 10.03593 10.30939 0.52346  -0.18911 2.96856  11 DC A "O4'" 
218 C "C3'" . DC A 11 ? 4.74342 10.18347 10.40010 0.48394  -0.06105 3.15373  11 DC A "C3'" 
219 O "O3'" . DC A 11 ? 4.81993 10.26958 10.46555 0.52968  0.10543  3.15149  11 DC A "O3'" 
220 C "C2'" . DC A 11 ? 4.72655 10.11648 10.32930 0.48423  -0.10133 3.12523  11 DC A "C2'" 
221 C "C1'" . DC A 11 ? 4.70181 10.04720 10.28528 0.52865  -0.10689 3.03123  11 DC A "C1'" 
222 N N1    . DC A 11 ? 4.68737 9.97761  10.22669 0.52591  -0.19536 2.96990  11 DC A N1    
223 C C2    . DC A 11 ? 4.65668 9.91124  10.16150 0.56749  -0.16269 2.89233  11 DC A C2    
224 O O2    . DC A 11 ? 4.64381 9.90580  10.15071 0.60592  -0.06499 2.87489  11 DC A O2    
225 N N3    . DC A 11 ? 4.68793 9.89763  10.15395 0.56340  -0.24080 2.83272  11 DC A N3    
226 C C4    . DC A 11 ? 4.68014 9.87173  10.13691 0.52362  -0.34357 2.84452  11 DC A C4    
227 N N4    . DC A 11 ? 4.76046 9.90462  10.17559 0.52430  -0.41126 2.77617  11 DC A N4    
228 C C5    . DC A 11 ? 4.69663 9.91558  10.18219 0.48079  -0.38113 2.92229  11 DC A C5    
229 C C6    . DC A 11 ? 4.70634 9.97838  10.23443 0.48199  -0.30604 2.98476  11 DC A C6    
230 P P     . DT A 12 ? 4.97463 10.45578 10.60387 0.52224  0.25475  3.21823  12 DT A P     
231 O OP1   . DT A 12 ? 5.00012 10.53688 10.67645 0.50905  0.30380  3.25460  12 DT A OP1   
232 O OP2   . DT A 12 ? 4.97637 10.45883 10.58415 0.48350  0.21189  3.26532  12 DT A OP2   
233 O "O5'" . DT A 12 ? 4.95900 10.38313 10.52709 0.57907  0.39407  3.16176  12 DT A "O5'" 
234 C "C5'" . DT A 12 ? 4.95000 10.34833 10.51808 0.62478  0.42599  3.09541  12 DT A "C5'" 
235 C "C4'" . DT A 12 ? 4.91949 10.25376 10.43251 0.65996  0.42718  3.02344  12 DT A "C4'" 
236 O "O4'" . DT A 12 ? 4.90196 10.22800 10.41305 0.63594  0.29446  3.01631  12 DT A "O4'" 
237 C "C3'" . DT A 12 ? 4.91844 10.20239 10.35916 0.67852  0.55545  3.01200  12 DT A "C3'" 
238 O "O3'" . DT A 12 ? 4.94271 10.17220 10.34248 0.72116  0.59345  2.93225  12 DT A "O3'" 
239 C "C2'" . DT A 12 ? 4.90413 10.18160 10.32465 0.65045  0.48764  3.03979  12 DT A "C2'" 
240 C "C1'" . DT A 12 ? 4.88406 10.16519 10.33264 0.64677  0.34110  3.00015  12 DT A "C1'" 
241 N N1    . DT A 12 ? 4.87778 10.15726 10.32335 0.61162  0.22627  3.01837  12 DT A N1    
242 C C2    . DT A 12 ? 4.85197 10.08757 10.26119 0.62281  0.16713  2.95436  12 DT A C2    
243 O O2    . DT A 12 ? 4.83128 10.03494 10.21174 0.65769  0.20387  2.88838  12 DT A O2    
244 N N3    . DT A 12 ? 4.85303 10.08060 10.25637 0.58997  0.06390  2.96556  12 DT A N3    
245 C C4    . DT A 12 ? 4.87714 10.13275 10.30491 0.54663  0.00872  3.03419  12 DT A C4    
246 O O4    . DT A 12 ? 4.87986 10.11421 10.29185 0.52018  -0.08511 3.03103  12 DT A O4    
247 C C5    . DT A 12 ? 4.90093 10.20962 10.36967 0.53333  0.06975  3.10403  12 DT A C5    
248 C C7    . DT A 12 ? 4.92788 10.27461 10.42349 0.48164  0.01433  3.18171  12 DT A C7    
249 C C6    . DT A 12 ? 4.90013 10.21933 10.37666 0.56674  0.17735  3.09171  12 DT A C6    
250 P P     . DG A 13 ? 4.60314 9.76919  9.93388  0.75004  0.74735  2.89292  13 DG A P     
251 O OP1   . DG A 13 ? 4.62527 9.79456  9.97543  0.77276  0.80907  2.86941  13 DG A OP1   
252 O OP2   . DG A 13 ? 4.62223 9.77649  9.91753  0.72410  0.80981  2.93893  13 DG A OP2   
253 O "O5'" . DG A 13 ? 4.56631 9.67539  9.84603  0.77666  0.72731  2.81678  13 DG A "O5'" 
254 C "C5'" . DG A 13 ? 4.53575 9.65233  9.81898  0.76333  0.61552  2.81165  13 DG A "C5'" 
255 C "C4'" . DG A 13 ? 4.51030 9.56447  9.72226  0.77745  0.64562  2.75954  13 DG A "C4'" 
256 O "O4'" . DG A 13 ? 4.48964 9.54936  9.69738  0.75538  0.55568  2.77319  13 DG A "O4'" 
257 C "C3'" . DG A 13 ? 4.52740 9.53200  9.68048  0.77782  0.76488  2.76826  13 DG A "C3'" 
258 O "O3'" . DG A 13 ? 4.50360 9.44482  9.59245  0.79596  0.79494  2.70193  13 DG A "O3'" 
259 C "C2'" . DG A 13 ? 4.53251 9.55890  9.69168  0.74396  0.73237  2.83862  13 DG A "C2'" 
260 C "C1'" . DG A 13 ? 4.49874 9.53819  9.67112  0.73811  0.60875  2.81994  13 DG A "C1'" 
261 N N9    . DG A 13 ? 4.50415 9.58608  9.71336  0.70359  0.52473  2.88285  13 DG A N9    
262 C C8    . DG A 13 ? 4.53281 9.66307  9.78597  0.67736  0.52476  2.95600  13 DG A C8    
263 N N7    . DG A 13 ? 4.53169 9.68743  9.80671  0.64539  0.43183  2.99737  13 DG A N7    
264 C C5    . DG A 13 ? 4.50220 9.62121  9.74407  0.65288  0.37065  2.94462  13 DG A C5    
265 C C6    . DG A 13 ? 4.49189 9.60668  9.73100  0.62906  0.26415  2.94592  13 DG A C6    
266 O O6    . DG A 13 ? 4.50759 9.64796  9.77268  0.59487  0.19574  2.99721  13 DG A O6    
267 N N1    . DG A 13 ? 4.46221 9.53411  9.65937  0.64670  0.23870  2.87326  13 DG A N1    
268 C C2    . DG A 13 ? 4.44312 9.48341  9.60646  0.68015  0.30203  2.81138  13 DG A C2    
269 N N2    . DG A 13 ? 4.41444 9.42067  9.54043  0.68907  0.26214  2.74520  13 DG A N2    
270 N N3    . DG A 13 ? 4.45318 9.49229  9.61637  0.70175  0.39669  2.80932  13 DG A N3    
271 C C4    . DG A 13 ? 4.48363 9.56137  9.68642  0.68773  0.42780  2.87582  13 DG A C4    
272 P P     . DT A 14 ? 3.89228 8.76315  8.90770  0.79507  0.90631  2.68691  14 DT A P     
273 O OP1   . DT A 14 ? 3.86806 8.68186  8.83207  0.81737  0.92818  2.60435  14 DT A OP1   
274 O OP2   . DT A 14 ? 3.93733 8.81414  8.96241  0.78765  0.98920  2.71674  14 DT A OP2   
275 O "O5'" . DT A 14 ? 3.88247 8.75056  8.87939  0.76934  0.87319  2.73452  14 DT A "O5'" 
276 C "C5'" . DT A 14 ? 3.86959 8.67201  8.79718  0.76888  0.91272  2.70427  14 DT A "C5'" 
277 C "C4'" . DT A 14 ? 3.82879 8.63070  8.74673  0.76723  0.82559  2.68939  14 DT A "C4'" 
278 O "O4'" . DT A 14 ? 3.82103 8.68862  8.80207  0.75888  0.72354  2.71846  14 DT A "O4'" 
279 C "C3'" . DT A 14 ? 3.82298 8.59509  8.70137  0.74855  0.82799  2.72050  14 DT A "C3'" 
280 O "O3'" . DT A 14 ? 3.81210 8.51220  8.62126  0.75666  0.88708  2.66769  14 DT A "O3'" 
281 C "C2'" . DT A 14 ? 3.79260 8.59585  8.69356  0.74150  0.71628  2.72327  14 DT A "C2'" 
282 C "C1'" . DT A 14 ? 3.80342 8.67369  8.77684  0.74025  0.65649  2.74229  14 DT A "C1'" 
283 N N1    . DT A 14 ? 3.82710 8.74585  8.84589  0.71310  0.62532  2.82553  14 DT A N1    
284 C C2    . DT A 14 ? 3.81491 8.75170  8.84663  0.69198  0.53318  2.85031  14 DT A C2    
285 O O2    . DT A 14 ? 3.78693 8.70140  8.79384  0.69500  0.47892  2.80540  14 DT A O2    
286 N N3    . DT A 14 ? 3.83839 8.81837  8.91065  0.66478  0.50643  2.92528  14 DT A N3    
287 C C4    . DT A 14 ? 3.87133 8.88346  8.97370  0.65581  0.56391  2.97774  14 DT A C4    
288 O O4    . DT A 14 ? 3.88981 8.94362  9.02752  0.62693  0.53120  3.04375  14 DT A O4    
289 C C5    . DT A 14 ? 3.88432 8.87471  8.97007  0.68010  0.66416  2.94356  14 DT A C5    
290 C C7    . DT A 14 ? 3.92389 8.94150  9.03368  0.67116  0.73856  2.98397  14 DT A C7    
291 C C6    . DT A 14 ? 3.86210 8.80500  8.90694  0.70759  0.68765  2.86956  14 DT A C6    
292 P P     . DC B 1  ? 4.34115 7.41113  9.15084  1.01310  -2.32652 2.08830  7  DC B P     
293 O OP1   . DC B 1  ? 4.35139 7.35527  9.31302  0.99662  -2.34479 2.07728  7  DC B OP1   
294 O OP2   . DC B 1  ? 4.26575 7.32692  8.96807  1.04168  -2.23774 2.08469  7  DC B OP2   
295 O "O5'" . DC B 1  ? 4.43706 7.57016  9.04192  1.03749  -2.43289 2.04424  7  DC B "O5'" 
296 C "C5'" . DC B 1  ? 4.52526 7.68591  9.18143  1.01403  -2.52985 2.04520  7  DC B "C5'" 
297 C "C4'" . DC B 1  ? 4.58766 7.72054  9.19585  1.02802  -2.60647 1.98928  7  DC B "C4'" 
298 O "O4'" . DC B 1  ? 4.69251 7.88225  9.21109  1.02579  -2.71316 1.97017  7  DC B "O4'" 
299 C "C3'" . DC B 1  ? 4.57394 7.69062  8.99480  1.07519  -2.59352 1.93401  7  DC B "C3'" 
300 O "O3'" . DC B 1  ? 4.61586 7.68490  9.05728  1.07952  -2.64831 1.89096  7  DC B "O3'" 
301 C "C2'" . DC B 1  ? 4.63617 7.83114  8.84042  1.09965  -2.64738 1.91047  7  DC B "C2'" 
302 C "C1'" . DC B 1  ? 4.72796 7.95495  9.00071  1.06905  -2.74293 1.91925  7  DC B "C1'" 
303 N N1    . DC B 1  ? 4.78172 8.08791  8.95100  1.06782  -2.78178 1.93388  7  DC B N1    
304 C C2    . DC B 1  ? 4.89247 8.23999  8.98644  1.06492  -2.88820 1.90792  7  DC B C2    
305 O O2    . DC B 1  ? 4.94159 8.25969  9.04929  1.06444  -2.94763 1.87068  7  DC B O2    
306 N N3    . DC B 1  ? 4.94680 8.36378  8.94775  1.06335  -2.92386 1.92211  7  DC B N3    
307 C C4    . DC B 1  ? 4.89255 8.33551  8.88317  1.06321  -2.85837 1.96141  7  DC B C4    
308 N N4    . DC B 1  ? 4.95301 8.46070  8.85359  1.06102  -2.89819 1.97455  7  DC B N4    
309 C C5    . DC B 1  ? 4.77747 8.17916  8.84817  1.06463  -2.74940 1.98833  7  DC B C5    
310 C C6    . DC B 1  ? 4.72664 8.06155  8.88451  1.06673  -2.71438 1.97393  7  DC B C6    
311 P P     . DG B 2  ? 4.57287 7.57672  8.95074  1.11317  -2.60744 1.84891  8  DG B P     
312 O OP1   . DG B 2  ? 4.54842 7.47286  9.13443  1.08781  -2.58905 1.85917  8  DG B OP1   
313 O OP2   . DG B 2  ? 4.50042 7.51664  8.76649  1.14022  -2.52162 1.85781  8  DG B OP2   
314 O "O5'" . DG B 2  ? 4.66481 7.69045  8.85071  1.14375  -2.70514 1.78051  8  DG B "O5'" 
315 C "C5'" . DG B 2  ? 4.75616 7.78897  8.98577  1.12364  -2.80549 1.76159  8  DG B "C5'" 
316 C "C4'" . DG B 2  ? 4.84457 7.92479  8.85035  1.15438  -2.88843 1.70337  8  DG B "C4'" 
317 O "O4'" . DG B 2  ? 4.88200 8.04753  8.79011  1.15301  -2.91184 1.72188  8  DG B "O4'" 
318 C "C3'" . DG B 2  ? 4.82105 7.88640  8.64176  1.20280  -2.85911 1.65593  8  DG B "C3'" 
319 O "O3'" . DG B 2  ? 4.89761 7.93932  8.63803  1.21801  -2.93907 1.59262  8  DG B "O3'" 
320 C "C2'" . DG B 2  ? 4.82667 7.97253  8.46737  1.22522  -2.84672 1.65972  8  DG B "C2'" 
321 C "C1'" . DG B 2  ? 4.90468 8.10971  8.57680  1.19597  -2.92011 1.67872  8  DG B "C1'" 
322 N N9    . DG B 2  ? 4.89923 8.17367  8.49549  1.19762  -2.89784 1.70985  8  DG B N9    
323 C C8    . DG B 2  ? 4.81114 8.08894  8.43560  1.19803  -2.80527 1.75266  8  DG B C8    
324 N N7    . DG B 2  ? 4.83379 8.17586  8.37856  1.19779  -2.81091 1.77178  8  DG B N7    
325 C C5    . DG B 2  ? 4.94531 8.33090  8.40205  1.19776  -2.91301 1.74059  8  DG B C5    
326 C C6    . DG B 2  ? 5.02063 8.47821  8.36800  1.19751  -2.96472 1.74286  8  DG B C6    
327 O O6    . DG B 2  ? 5.00217 8.49771  8.31038  1.19721  -2.93076 1.77352  8  DG B O6    
328 N N1    . DG B 2  ? 5.13146 8.61336  8.41226  1.19635  -3.06698 1.70390  8  DG B N1    
329 C C2    . DG B 2  ? 5.16322 8.60299  8.48096  1.19462  -3.11345 1.66655  8  DG B C2    
330 N N2    . DG B 2  ? 5.27647 8.74728  8.51932  1.19096  -3.21247 1.63109  8  DG B N2    
331 N N3    . DG B 2  ? 5.09285 8.46111  8.51732  1.19462  -3.06707 1.66393  8  DG B N3    
332 C C4    . DG B 2  ? 4.98616 8.33231  8.47333  1.19687  -2.96687 1.70249  8  DG B C4    
333 P P     . DG B 3  ? 5.04060 8.11326  8.52079  1.26560  -2.97347 1.52829  9  DG B P     
334 O OP1   . DG B 3  ? 5.08789 8.09609  8.57423  1.27185  -3.02828 1.47384  9  DG B OP1   
335 O OP2   . DG B 3  ? 4.96552 8.04917  8.33197  1.29877  -2.88858 1.53515  9  DG B OP2   
336 O "O5'" . DG B 3  ? 5.13842 8.30084  8.51033  1.25893  -3.05488 1.52066  9  DG B "O5'" 
337 C "C5'" . DG B 3  ? 5.23277 8.39689  8.66133  1.23203  -3.15128 1.50325  9  DG B "C5'" 
338 C "C4'" . DG B 3  ? 5.33848 8.57927  8.57321  1.24571  -3.23030 1.46587  9  DG B "C4'" 
339 O "O4'" . DG B 3  ? 5.32947 8.64593  8.50461  1.24591  -3.20491 1.50487  9  DG B "O4'" 
340 C "C3'" . DG B 3  ? 5.36852 8.61373  8.38797  1.29075  -3.24288 1.39998  9  DG B "C3'" 
341 O "O3'" . DG B 3  ? 5.49019 8.77798  8.39373  1.28888  -3.34070 1.35590  9  DG B "O3'" 
342 C "C2'" . DG B 3  ? 5.31329 8.61198  8.20934  1.31867  -3.17303 1.42047  9  DG B "C2'" 
343 C "C1'" . DG B 3  ? 5.34197 8.70221  8.29269  1.28874  -3.19330 1.46856  9  DG B "C1'" 
344 N N9    . DG B 3  ? 5.27066 8.66137  8.20571  1.29606  -3.11632 1.51218  9  DG B N9    
345 C C8    . DG B 3  ? 5.15840 8.50881  8.15259  1.30469  -3.01788 1.54037  9  DG B C8    
346 N N7    . DG B 3  ? 5.11972 8.50726  8.08594  1.30605  -2.96755 1.57617  9  DG B N7    
347 C C5    . DG B 3  ? 5.21278 8.66740  8.09823  1.29894  -3.03785 1.57204  9  DG B C5    
348 C C6    . DG B 3  ? 5.22601 8.73558  8.05323  1.29602  -3.02870 1.60021  9  DG B C6    
349 O O6    . DG B 3  ? 5.15427 8.66445  7.99245  1.29762  -2.95445 1.63520  9  DG B O6    
350 N N1    . DG B 3  ? 5.33997 8.90485  8.09133  1.28835  -3.11853 1.58463  9  DG B N1    
351 C C2    . DG B 3  ? 5.42942 8.99917  8.16132  1.28285  -3.20525 1.54604  9  DG B C2    
352 N N2    . DG B 3  ? 5.53832 9.16661  8.18925  1.27443  -3.28382 1.53668  9  DG B N2    
353 N N3    . DG B 3  ? 5.41679 8.93355  8.20541  1.28367  -3.21497 1.51846  9  DG B N3    
354 C C4    . DG B 3  ? 5.30643 8.76623  8.17020  1.29282  -3.12878 1.53348  9  DG B C4    
355 P P     . DA B 4  ? 6.27270 9.56030  8.96846  1.32545  -3.37973 1.27812  10 DA B P     
356 O OP1   . DA B 4  ? 6.29574 9.49236  9.07858  1.31694  -3.41813 1.23733  10 DA B OP1   
357 O OP2   . DA B 4  ? 6.20998 9.52149  8.76092  1.36748  -3.30639 1.27372  10 DA B OP2   
358 O "O5'" . DA B 4  ? 6.39845 9.77025  8.96625  1.31551  -3.46774 1.25812  10 DA B "O5'" 
359 C "C5'" . DA B 4  ? 6.41709 9.85456  9.02708  1.29172  -3.47873 1.30906  10 DA B "C5'" 
360 C "C4'" . DA B 4  ? 6.45164 9.97906  8.85655  1.31902  -3.47354 1.30130  10 DA B "C4'" 
361 O "O4'" . DA B 4  ? 6.35565 9.89573  8.78636  1.33087  -3.38746 1.34936  10 DA B "O4'" 
362 C "C3'" . DA B 4  ? 6.47996 10.02050 8.67913  1.35811  -3.47471 1.23972  10 DA B "C3'" 
363 O "O3'" . DA B 4  ? 6.60167 10.21347 8.64766  1.35488  -3.54918 1.20817  10 DA B "O3'" 
364 C "C2'" . DA B 4  ? 6.38687 9.94502  8.50655  1.39609  -3.38178 1.25611  10 DA B "C2'" 
365 C "C1'" . DA B 4  ? 6.34253 9.91568  8.58011  1.37543  -3.34943 1.32025  10 DA B "C1'" 
366 N N9    . DA B 4  ? 6.21947 9.75352  8.51707  1.38939  -3.25005 1.35334  10 DA B N9    
367 C C8    . DA B 4  ? 6.13274 9.59544  8.51069  1.39735  -3.19348 1.35313  10 DA B C8    
368 N N7    . DA B 4  ? 6.03366 9.47622  8.45130  1.40569  -3.10569 1.38876  10 DA B N7    
369 C C5    . DA B 4  ? 6.05614 9.55448  8.42030  1.40170  -3.10583 1.41301  10 DA B C5    
370 C C6    . DA B 4  ? 5.98877 9.49097  8.36249  1.40189  -3.03478 1.45402  10 DA B C6    
371 N N6    . DA B 4  ? 5.87946 9.33403  8.31989  1.40695  -2.94427 1.47889  10 DA B N6    
372 N N1    . DA B 4  ? 6.04124 9.59463  8.35474  1.39387  -3.06018 1.46952  10 DA B N1    
373 C C2    . DA B 4  ? 6.15589 9.75675  8.39921  1.38834  -3.15089 1.44481  10 DA B C2    
374 N N3    . DA B 4  ? 6.22837 9.83743  8.45210  1.38712  -3.22234 1.40576  10 DA B N3    
375 C C4    . DA B 4  ? 6.17137 9.72554  8.46095  1.39306  -3.19493 1.39177  10 DA B C4    
376 P P     . DC B 5  ? 6.90643 10.55702 8.72204  1.38355  -3.55418 1.15472  11 DC B P     
377 O OP1   . DC B 5  ? 7.04559 10.72250 8.78336  1.35680  -3.65179 1.11780  11 DC B OP1   
378 O OP2   . DC B 5  ? 6.82909 10.40306 8.65200  1.40610  -3.50016 1.13182  11 DC B OP2   
379 O "O5'" . DC B 5  ? 6.88418 10.62412 8.56675  1.41388  -3.50494 1.17714  11 DC B "O5'" 
380 C "C5'" . DC B 5  ? 6.93737 10.72641 8.62512  1.40348  -3.53773 1.20110  11 DC B "C5'" 
381 C "C4'" . DC B 5  ? 6.91340 10.72129 8.48402  1.44443  -3.49025 1.19920  11 DC B "C4'" 
382 O "O4'" . DC B 5  ? 6.78737 10.52315 8.46770  1.45406  -3.40678 1.23076  11 DC B "O4'" 
383 C "C3'" . DC B 5  ? 6.96222 10.77096 8.30447  1.46941  -3.46325 1.14241  11 DC B "C3'" 
384 O "O3'" . DC B 5  ? 7.06318 10.80790 8.27959  1.47891  -3.50197 1.10857  11 DC B "O3'" 
385 C "C2'" . DC B 5  ? 6.85421 10.56446 8.20822  1.50041  -3.38038 1.12888  11 DC B "C2'" 
386 C "C1'" . DC B 5  ? 6.76265 10.45318 8.29636  1.49865  -3.36438 1.18961  11 DC B "C1'" 
387 N N1    . DC B 5  ? 6.63082 10.25948 8.27236  1.50618  -3.28068 1.21306  11 DC B N1    
388 C C2    . DC B 5  ? 6.55064 10.12937 8.24578  1.49981  -3.21301 1.25506  11 DC B C2    
389 O O2    . DC B 5  ? 6.58669 10.17495 8.24234  1.48626  -3.22327 1.27641  11 DC B O2    
390 N N3    . DC B 5  ? 6.43429 9.96473  8.22356  1.50383  -3.13222 1.27820  11 DC B N3    
391 C C4    . DC B 5  ? 6.40227 9.91632  8.23522  1.51422  -3.12401 1.25940  11 DC B C4    
392 N N4    . DC B 5  ? 6.29353 9.75140  8.21740  1.51732  -3.04512 1.28334  11 DC B N4    
393 C C5    . DC B 5  ? 6.48076 10.03771 8.27043  1.51344  -3.19263 1.22361  11 DC B C5    
394 C C6    . DC B 5  ? 6.58941 10.21308 8.28477  1.50703  -3.26514 1.20518  11 DC B C6    
395 P P     . DA B 6  ? 5.18844 8.45171  10.23960 -0.26412 3.15897  0.82907  12 DA B P     
396 O OP1   . DA B 6  ? 5.13467 8.37360  10.14867 -0.22355 3.13479  0.77532  12 DA B OP1   
397 O OP2   . DA B 6  ? 5.26187 8.36226  10.37393 -0.36672 3.16972  0.93229  12 DA B OP2   
398 O "O5'" . DA B 6  ? 5.12873 8.26951  10.23388 -0.11462 3.14018  0.80779  12 DA B "O5'" 
399 C "C5'" . DA B 6  ? 5.14377 8.47567  10.22405 -0.09149 3.15964  0.78031  12 DA B "C5'" 
400 C "C4'" . DA B 6  ? 5.12767 8.25993  10.29357 -0.01256 3.14874  0.82281  12 DA B "C4'" 
401 O "O4'" . DA B 6  ? 5.19686 8.42769  10.38224 -0.09606 3.18223  0.87990  12 DA B "O4'" 
402 C "C3'" . DA B 6  ? 5.10312 7.90638  10.36756 0.01283  3.12204  0.88252  12 DA B "C3'" 
403 O "O3'" . DA B 6  ? 5.04887 7.68458  10.35169 0.13846  3.09425  0.86291  12 DA B "O3'" 
404 C "C2'" . DA B 6  ? 5.17600 7.93875  10.50915 -0.08953 3.14553  0.97829  12 DA B "C2'" 
405 C "C1'" . DA B 6  ? 5.20650 8.17865  10.50112 -0.09385 3.17255  0.96566  12 DA B "C1'" 
406 N N9    . DA B 6  ? 5.30467 8.34430  10.60730 -0.22797 3.20738  1.04514  12 DA B N9    
407 C C8    . DA B 6  ? 5.39395 8.41855  10.67697 -0.37995 3.22374  1.11059  12 DA B C8    
408 N N7    . DA B 6  ? 5.49871 8.57015  10.76883 -0.49580 3.25313  1.18317  12 DA B N7    
409 C C5    . DA B 6  ? 5.45966 8.59484  10.75801 -0.40249 3.25833  1.16000  12 DA B C5    
410 C C6    . DA B 6  ? 5.52738 8.73205  10.82617 -0.45153 3.28557  1.20870  12 DA B C6    
411 N N6    . DA B 6  ? 5.66835 8.87625  10.92219 -0.62575 3.31287  1.29906  12 DA B N6    
412 N N1    . DA B 6  ? 5.46097 8.71614  10.79094 -0.32337 3.28113  1.16458  12 DA B N1    
413 C C2    . DA B 6  ? 5.35164 8.57175  10.69556 -0.16842 3.24904  1.08186  12 DA B C2    
414 N N3    . DA B 6  ? 5.29193 8.43742  10.62395 -0.11884 3.22156  1.03362  12 DA B N3    
415 C C4    . DA B 6  ? 5.34288 8.45605  10.65999 -0.23736 3.22901  1.07510  12 DA B C4    
416 P P     . DG B 7  ? 5.60252 7.94345  10.96114 0.20044  3.05617  0.86530  13 DG B P     
417 O OP1   . DG B 7  ? 5.56480 7.93324  10.83072 0.24851  3.03925  0.78959  13 DG B OP1   
418 O OP2   . DG B 7  ? 5.62929 7.84873  11.07522 0.12119  3.05908  0.93502  13 DG B OP2   
419 O "O5'" . DG B 7  ? 5.57966 7.76799  10.99862 0.29041  3.03883  0.87528  13 DG B "O5'" 
420 C "C5'" . DG B 7  ? 5.56484 7.81782  10.91366 0.37430  3.03305  0.81920  13 DG B "C5'" 
421 C "C4'" . DG B 7  ? 5.58735 7.87933  10.98184 0.39418  3.04538  0.85200  13 DG B "C4'" 
422 O "O4'" . DG B 7  ? 5.63696 8.06347  11.07070 0.29672  3.07824  0.90991  13 DG B "O4'" 
423 C "C3'" . DG B 7  ? 5.56818 7.62500  11.06030 0.44068  3.02254  0.88925  13 DG B "C3'" 
424 O "O3'" . DG B 7  ? 5.57443 7.66957  11.04945 0.50486  3.02332  0.87637  13 DG B "O3'" 
425 C "C2'" . DG B 7  ? 5.59795 7.62515  11.20611 0.36211  3.03719  0.97145  13 DG B "C2'" 
426 C "C1'" . DG B 7  ? 5.64909 7.93627  11.19932 0.29260  3.07649  0.98123  13 DG B "C1'" 
427 N N9    . DG B 7  ? 5.70536 8.02663  11.30761 0.17510  3.10147  1.05367  13 DG B N9    
428 C C8    . DG B 7  ? 5.72017 7.99024  11.33137 0.10243  3.10099  1.07324  13 DG B C8    
429 N N7    . DG B 7  ? 5.79702 8.10269  11.44044 -0.01382 3.12659  1.14803  13 DG B N7    
430 C C5    . DG B 7  ? 5.83204 8.22465  11.48856 -0.01955 3.14693  1.17986  13 DG B C5    
431 C C6    . DG B 7  ? 5.93111 8.38081  11.60372 -0.13735 3.17833  1.26511  13 DG B C6    
432 O O6    . DG B 7  ? 6.02403 8.44521  11.69066 -0.27304 3.19254  1.33491  13 DG B O6    
433 N N1    . DG B 7  ? 5.93470 8.46816  11.61324 -0.09779 3.19132  1.27002  13 DG B N1    
434 C C2    . DG B 7  ? 5.85691 8.41171  11.52595 0.03933  3.17416  1.20098  13 DG B C2    
435 N N2    . DG B 7  ? 5.87718 8.51583  11.55346 0.05866  3.19001  1.21804  13 DG B N2    
436 N N3    . DG B 7  ? 5.77926 8.26621  11.41997 0.14023  3.14279  1.12479  13 DG B N3    
437 C C4    . DG B 7  ? 5.77000 8.17995  11.40658 0.10264  3.13169  1.11937  13 DG B C4    
438 P P     . DT B 8  ? 5.88144 7.76565  11.42848 0.56549  2.99754  0.89359  14 DT B P     
439 O OP1   . DT B 8  ? 5.88562 7.80925  11.34612 0.64297  2.99347  0.84341  14 DT B OP1   
440 O OP2   . DT B 8  ? 5.84969 7.52804  11.44426 0.55784  2.97111  0.89272  14 DT B OP2   
441 O "O5'" . DT B 8  ? 5.90860 7.81822  11.57528 0.52805  3.01369  0.97188  14 DT B "O5'" 
442 C "C5'" . DT B 8  ? 5.94413 8.04419  11.58513 0.52268  3.04196  0.98522  14 DT B "C5'" 
443 C "C4'" . DT B 8  ? 5.96951 8.03917  11.73679 0.49203  3.05240  1.06665  14 DT B "C4'" 
444 O "O4'" . DT B 8  ? 6.01018 8.14469  11.82315 0.38424  3.07909  1.12662  14 DT B "O4'" 
445 C "C3'" . DT B 8  ? 5.94005 7.77835  11.82839 0.53454  3.01812  1.09058  14 DT B "C3'" 
446 O "O3'" . DT B 8  ? 5.94966 7.79276  11.88099 0.57913  3.01687  1.11266  14 DT B "O3'" 
447 C "C2'" . DT B 8  ? 5.95693 7.73240  11.97030 0.45819  3.02342  1.15819  14 DT B "C2'" 
448 C "C1'" . DT B 8  ? 6.01763 7.99903  11.98269 0.36541  3.06907  1.19860  14 DT B "C1'" 
449 N N1    . DT B 8  ? 6.05442 8.02111  12.05665 0.26259  3.08252  1.24588  14 DT B N1    
450 C C2    . DT B 8  ? 6.13642 8.17791  12.17258 0.15174  3.11548  1.33085  14 DT B C2    
451 O O2    . DT B 8  ? 6.17484 8.29966  12.21875 0.13597  3.13554  1.37000  14 DT B O2    
452 N N3    . DT B 8  ? 6.18628 8.18922  12.23281 0.04765  3.12326  1.37289  14 DT B N3    
453 C C4    . DT B 8  ? 6.14888 8.06227  12.18974 0.05692  3.10299  1.33449  14 DT B C4    
454 O O4    . DT B 8  ? 6.20625 8.08517  12.25208 -0.04321 3.11025  1.37806  14 DT B O4    
455 C C5    . DT B 8  ? 6.05442 7.90384  12.06500 0.17939  3.07107  1.24403  14 DT B C5    
456 C C7    . DT B 8  ? 6.01315 7.76178  12.00579 0.19213  3.04831  1.19871  14 DT B C7    
457 C C6    . DT B 8  ? 6.01946 7.89224  12.00485 0.26804  3.06214  1.20683  14 DT B C6    
458 P P     . DC B 9  ? 5.48255 7.12815  11.53730 0.62885  2.97962  1.12728  15 DC B P     
459 O OP1   . DC B 9  ? 5.48377 7.14323  11.48442 0.69906  2.97220  1.09933  15 DC B OP1   
460 O OP2   . DC B 9  ? 5.44652 6.92820  11.52687 0.62919  2.94887  1.09460  15 DC B OP2   
461 O "O5'" . DC B 9  ? 5.51350 7.17566  11.72885 0.57734  2.99418  1.22045  15 DC B "O5'" 
462 C "C5'" . DC B 9  ? 5.56165 7.39305  11.76389 0.53906  3.03306  1.27126  15 DC B "C5'" 
463 C "C4'" . DC B 9  ? 5.60421 7.42147  11.95753 0.46221  3.04845  1.37085  15 DC B "C4'" 
464 O "O4'" . DC B 9  ? 5.63295 7.45517  11.98014 0.36793  3.06480  1.39574  15 DC B "O4'" 
465 C "C3'" . DC B 9  ? 5.57502 7.21661  12.11433 0.51159  3.00714  1.39496  15 DC B "C3'" 
466 O "O3'" . DC B 9  ? 5.61289 7.29644  12.25767 0.49310  3.02014  1.47392  15 DC B "O3'" 
467 C "C2'" . DC B 9  ? 5.57654 7.12009  12.20981 0.45649  2.99816  1.41811  15 DC B "C2'" 
468 C "C1'" . DC B 9  ? 5.64324 7.32517  12.16724 0.33824  3.04777  1.45897  15 DC B "C1'" 
469 N N1    . DC B 9  ? 5.64449 7.26439  12.16035 0.28614  3.04388  1.44885  15 DC B N1    
470 C C2    . DC B 9  ? 5.73430 7.36229  12.27061 0.14901  3.06908  1.53492  15 DC B C2    
471 O O2    . DC B 9  ? 5.82413 7.49931  12.36810 0.05853  3.09368  1.62344  15 DC B O2    
472 N N3    . DC B 9  ? 5.73966 7.30415  12.26281 0.10368  3.06267  1.52373  15 DC B N3    
473 C C4    . DC B 9  ? 5.65191 7.15724  12.15158 0.19283  3.03552  1.43197  15 DC B C4    
474 N N4    . DC B 9  ? 5.65854 7.10668  12.14885 0.14658  3.03091  1.42451  15 DC B N4    
475 C C5    . DC B 9  ? 5.57282 7.05747  12.03515 0.31605  3.00953  1.34960  15 DC B C5    
476 C C6    . DC B 9  ? 5.57553 7.11465  12.04433 0.35693  3.01369  1.36120  15 DC B C6    
477 P P     . DA B 10 ? 5.09814 6.65222  11.92834 0.57536  2.97105  1.48315  16 DA B P     
478 O OP1   . DA B 10 ? 5.10675 6.73788  11.89787 0.62355  2.97724  1.48752  16 DA B OP1   
479 O OP2   . DA B 10 ? 5.04047 6.44063  11.88798 0.64218  2.91777  1.39938  16 DA B OP2   
480 O "O5'" . DA B 10 ? 5.26503 6.66797  12.06217 0.48157  2.88316  1.55997  16 DA B "O5'" 
481 C "C5'" . DA B 10 ? 5.44361 6.87009  12.02746 0.34942  2.86535  1.62815  16 DA B "C5'" 
482 C "C4'" . DA B 10 ? 5.64674 6.84877  12.08020 0.24135  2.75713  1.66836  16 DA B "C4'" 
483 O "O4'" . DA B 10 ? 5.54465 6.79654  12.06480 0.21984  2.82392  1.64552  16 DA B "O4'" 
484 C "C3'" . DA B 10 ? 5.76592 6.67623  12.18483 0.29636  2.59849  1.65671  16 DA B "C3'" 
485 O "O3'" . DA B 10 ? 6.05811 6.76589  12.21609 0.19620  2.47174  1.72000  16 DA B "O3'" 
486 C "C2'" . DA B 10 ? 5.70804 6.52891  12.22379 0.31078  2.58909  1.61948  16 DA B "C2'" 
487 C "C1'" . DA B 10 ? 5.66635 6.65836  12.14585 0.20586  2.70437  1.64583  16 DA B "C1'" 
488 N N9    . DA B 10 ? 5.49492 6.53980  12.14296 0.24380  2.77365  1.59700  16 DA B N9    
489 C C8    . DA B 10 ? 5.24742 6.42266  12.12818 0.36201  2.86608  1.52755  16 DA B C8    
490 N N7    . DA B 10 ? 5.14871 6.33632  12.12700 0.36258  2.91225  1.49552  16 DA B N7    
491 C C5    . DA B 10 ? 5.33984 6.39934  12.14348 0.24011  2.84469  1.54822  16 DA B C5    
492 C C6    . DA B 10 ? 5.35783 6.36026  12.15089 0.17966  2.84751  1.54846  16 DA B C6    
493 N N6    . DA B 10 ? 5.16221 6.24307  12.14130 0.24033  2.92640  1.49063  16 DA B N6    
494 N N1    . DA B 10 ? 5.59959 6.44875  12.16754 0.04851  2.76471  1.61026  16 DA B N1    
495 C C2    . DA B 10 ? 5.81423 6.57028  12.17471 -0.02129 2.68559  1.66707  16 DA B C2    
496 N N3    . DA B 10 ? 5.81475 6.61872  12.16814 0.02608  2.67556  1.67261  16 DA B N3    
497 C C4    . DA B 10 ? 5.56388 6.52606  12.15311 0.16163  2.75838  1.61107  16 DA B C4    
498 P P     . DC B 11 ? 3.42896 11.09926 10.66335 0.98254  -1.49292 0.34147  17 DC B P     
499 O OP1   . DC B 11 ? 3.39421 11.04343 10.65417 0.95908  -1.46906 0.31056  17 DC B OP1   
500 O OP2   . DC B 11 ? 3.46159 11.13066 10.59441 0.98879  -1.51158 0.41008  17 DC B OP2   
501 O "O5'" . DC B 11 ? 3.38613 11.09655 10.67092 0.95913  -1.40307 0.33475  17 DC B "O5'" 
502 C "C5'" . DC B 11 ? 3.36013 11.08227 10.75176 0.95449  -1.38061 0.27479  17 DC B "C5'" 
503 C "C4'" . DC B 11 ? 3.32711 11.08981 10.75468 0.93359  -1.29545 0.27622  17 DC B "C4'" 
504 O "O4'" . DC B 11 ? 3.36624 11.15800 10.78775 0.95937  -1.33480 0.29600  17 DC B "O4'" 
505 C "C3'" . DC B 11 ? 3.29009 11.05995 10.66298 0.89700  -1.20345 0.31797  17 DC B "C3'" 
506 O "O3'" . DC B 11 ? 3.24145 11.02434 10.67989 0.86665  -1.11589 0.28432  17 DC B "O3'" 
507 C "C2'" . DC B 11 ? 3.31389 11.11821 10.64846 0.90508  -1.20023 0.36617  17 DC B "C2'" 
508 C "C1'" . DC B 11 ? 3.34207 11.17071 10.74165 0.93443  -1.25171 0.33146  17 DC B "C1'" 
509 N N1    . DC B 11 ? 3.39034 11.25232 10.74702 0.95780  -1.29706 0.37531  17 DC B N1    
510 C C2    . DC B 11 ? 3.38616 11.30181 10.78913 0.95301  -1.25816 0.37314  17 DC B C2    
511 O O2    . DC B 11 ? 3.34183 11.27117 10.82305 0.93011  -1.18506 0.33231  17 DC B O2    
512 N N3    . DC B 11 ? 3.43411 11.38875 10.79446 0.97254  -1.30155 0.41736  17 DC B N3    
513 C C4    . DC B 11 ? 3.48675 11.42407 10.76011 0.99700  -1.38051 0.46336  17 DC B C4    
514 N N4    . DC B 11 ? 3.53916 11.52047 10.76803 1.01504  -1.42339 0.51085  17 DC B N4    
515 C C5    . DC B 11 ? 3.49132 11.36891 10.71897 1.00275  -1.41866 0.46413  17 DC B C5    
516 C C6    . DC B 11 ? 3.44115 11.28515 10.71347 0.98211  -1.37468 0.41915  17 DC B C6    
517 P P     . DA B 12 ? 3.45774 11.23426 10.86213 0.82644  -1.02181 0.31040  18 DA B P     
518 O OP1   . DA B 12 ? 3.43877 11.18507 10.84112 0.81105  -1.01937 0.29129  18 DA B OP1   
519 O OP2   . DA B 12 ? 3.47170 11.25039 10.80160 0.82385  -1.01691 0.37275  18 DA B OP2   
520 O "O5'" . DA B 12 ? 3.42691 11.23856 10.91043 0.80747  -0.93677 0.27959  18 DA B "O5'" 
521 C "C5'" . DA B 12 ? 3.44263 11.28953 10.98691 0.82621  -0.95322 0.25683  18 DA B "C5'" 
522 C "C4'" . DA B 12 ? 3.41694 11.30042 11.00663 0.80241  -0.85908 0.25117  18 DA B "C4'" 
523 O "O4'" . DA B 12 ? 3.44435 11.36732 11.02480 0.81740  -0.87662 0.27932  18 DA B "O4'" 
524 C "C3'" . DA B 12 ? 3.38770 11.26012 10.94092 0.76852  -0.77661 0.27758  18 DA B "C3'" 
525 O "O3'" . DA B 12 ? 3.35900 11.25455 10.98148 0.74400  -0.68594 0.24533  18 DA B "O3'" 
526 C "C2'" . DA B 12 ? 3.40971 11.29653 10.90072 0.77287  -0.78753 0.33706  18 DA B "C2'" 
527 C "C1'" . DA B 12 ? 3.43993 11.37142 10.96367 0.79841  -0.82920 0.33159  18 DA B "C1'" 
528 N N9    . DA B 12 ? 3.48307 11.42191 10.93780 0.82283  -0.90439 0.38271  18 DA B N9    
529 C C8    . DA B 12 ? 3.50247 11.40295 10.88219 0.83425  -0.96444 0.41486  18 DA B C8    
530 N N7    . DA B 12 ? 3.54615 11.46494 10.87435 0.85576  -1.02437 0.46054  18 DA B N7    
531 C C5    . DA B 12 ? 3.55638 11.53321 10.92630 0.85869  -1.00486 0.46016  18 DA B C5    
532 C C6    . DA B 12 ? 3.60189 11.62918 10.94600 0.87725  -1.04769 0.50168  18 DA B C6    
533 N N6    . DA B 12 ? 3.64865 11.67055 10.91444 0.89816  -1.12184 0.55380  18 DA B N6    
534 N N1    . DA B 12 ? 3.60112 11.68791 11.00165 0.87245  -1.01190 0.48942  18 DA B N1    
535 C C2    . DA B 12 ? 3.55672 11.64661 11.03770 0.85048  -0.93483 0.43656  18 DA B C2    
536 N N3    . DA B 12 ? 3.51381 11.55666 11.02537 0.83243  -0.88848 0.39489  18 DA B N3    
537 C C4    . DA B 12 ? 3.51639 11.50565 10.96696 0.83792  -0.92914 0.41071  18 DA B C4    
538 P P     . DC B 13 ? 3.16182 11.04785 10.76888 0.70842  -0.59263 0.26091  19 DC B P     
539 O OP1   . DC B 13 ? 3.13529 11.02699 10.81398 0.68808  -0.52459 0.21009  19 DC B OP1   
540 O OP2   . DC B 13 ? 3.16409 11.00921 10.68939 0.70549  -0.62256 0.30284  19 DC B OP2   
541 O "O5'" . DC B 13 ? 3.17027 11.09717 10.78571 0.70191  -0.54978 0.28665  19 DC B "O5'" 
542 C "C5'" . DC B 13 ? 3.17119 11.14431 10.86205 0.70153  -0.51471 0.25442  19 DC B "C5'" 
543 C "C4'" . DC B 13 ? 3.19114 11.21041 10.87299 0.70134  -0.50252 0.29261  19 DC B "C4'" 
544 O "O4'" . DC B 13 ? 3.22399 11.24157 10.83452 0.72776  -0.59290 0.34207  19 DC B "O4'" 
545 C "C3'" . DC B 13 ? 3.17630 11.20085 10.85351 0.66712  -0.41218 0.31507  19 DC B "C3'" 
546 O "O3'" . DC B 13 ? 3.18171 11.26374 10.91503 0.65376  -0.35242 0.30742  19 DC B "O3'" 
547 C "C2'" . DC B 13 ? 3.19514 11.20690 10.79285 0.67451  -0.46174 0.37869  19 DC B "C2'" 
548 C "C1'" . DC B 13 ? 3.23052 11.26890 10.80871 0.71090  -0.55656 0.39338  19 DC B "C1'" 
549 N N1    . DC B 13 ? 3.25738 11.27622 10.75320 0.72949  -0.63570 0.44689  19 DC B N1    
550 C C2    . DC B 13 ? 3.29455 11.36086 10.76207 0.74284  -0.67482 0.49559  19 DC B C2    
551 O O2    . DC B 13 ? 3.30385 11.43102 10.81436 0.73870  -0.64456 0.49430  19 DC B O2    
552 N N3    . DC B 13 ? 3.32238 11.37045 10.71561 0.75884  -0.74507 0.54455  19 DC B N3    
553 C C4    . DC B 13 ? 3.31201 11.29697 10.66303 0.76049  -0.77329 0.54308  19 DC B C4    
554 N N4    . DC B 13 ? 3.34194 11.31093 10.62329 0.77483  -0.83938 0.59037  19 DC B N4    
555 C C5    . DC B 13 ? 3.27377 11.21385 10.65178 0.74636  -0.73528 0.49512  19 DC B C5    
556 C C6    . DC B 13 ? 3.24847 11.20782 10.69743 0.73165  -0.66797 0.44968  19 DC B C6    
557 P P     . DG B 14 ? 2.84102 10.93831 10.60175 0.61295  -0.24005 0.31100  20 DG B P     
558 O OP1   . DG B 14 ? 2.82419 10.93538 10.66562 0.59402  -0.16085 0.24988  20 DG B OP1   
559 O OP2   . DG B 14 ? 2.82890 10.87711 10.53892 0.60018  -0.23269 0.33631  20 DG B OP2   
560 O "O5'" . DG B 14 ? 2.87050 11.03258 10.62555 0.61184  -0.24223 0.35952  20 DG B "O5'" 
561 C "C5'" . DG B 14 ? 2.89806 11.06635 10.58285 0.63667  -0.33227 0.41875  20 DG B "C5'" 
562 C "C4'" . DG B 14 ? 2.91580 11.13216 10.59181 0.61438  -0.29279 0.47333  20 DG B "C4'" 
563 O "O4'" . DG B 14 ? 2.94482 11.16309 10.54641 0.63860  -0.38447 0.53450  20 DG B "O4'" 
564 C "C3'" . DG B 14 ? 2.89417 11.08372 10.58453 0.57423  -0.20180 0.47402  20 DG B "C3'" 
565 O "O3'" . DG B 14 ? 2.91047 11.16247 10.63158 0.54412  -0.13506 0.50307  20 DG B "O3'" 
566 C "C2'" . DG B 14 ? 2.89640 11.03547 10.51307 0.58829  -0.27054 0.51461  20 DG B "C2'" 
567 C "C1'" . DG B 14 ? 2.93525 11.11950 10.50755 0.61692  -0.35742 0.56698  20 DG B "C1'" 
568 N N9    . DG B 14 ? 2.94739 11.08411 10.44365 0.64637  -0.45691 0.59434  20 DG B N9    
569 C C8    . DG B 14 ? 2.92594 10.98865 10.39404 0.65254  -0.48140 0.57097  20 DG B C8    
570 N N7    . DG B 14 ? 2.94633 10.98080 10.34764 0.67737  -0.57012 0.60106  20 DG B N7    
571 C C5    . DG B 14 ? 2.98560 11.07703 10.36610 0.69112  -0.61172 0.64857  20 DG B C5    
572 C C6    . DG B 14 ? 3.02629 11.11741 10.33749 0.71986  -0.70921 0.69467  20 DG B C6    
573 O O6    . DG B 14 ? 3.03376 11.07031 10.29086 0.73742  -0.77454 0.69900  20 DG B O6    
574 N N1    . DG B 14 ? 3.06470 11.23061 10.37158 0.72652  -0.72809 0.73905  20 DG B N1    
575 C C2    . DG B 14 ? 3.06176 11.29897 10.42751 0.70497  -0.65705 0.73866  20 DG B C2    
576 N N2    . DG B 14 ? 3.10592 11.41964 10.45392 0.71375  -0.69164 0.78978  20 DG B N2    
577 N N3    . DG B 14 ? 3.02238 11.25814 10.45803 0.67582  -0.55920 0.69133  20 DG B N3    
578 C C4    . DG B 14 ? 2.98667 11.14554 10.42414 0.67197  -0.54412 0.64797  20 DG B C4    
579 P P     . DC B 15 ? 2.89691 11.16725 10.69821 0.49676  0.00034  0.45795  21 DC B P     
580 O OP1   . DC B 15 ? 2.89698 11.20000 10.75028 0.50166  0.02208  0.41149  21 DC B OP1   
581 O OP2   . DC B 15 ? 2.86973 11.07304 10.67147 0.47815  0.04236  0.42927  21 DC B OP2   
582 O "O5'" . DC B 15 ? 2.92495 11.26418 10.73983 0.46519  0.04979  0.50990  21 DC B "O5'" 
583 C "C5'" . DC B 15 ? 2.95794 11.35582 10.73055 0.48651  -0.02544 0.57627  21 DC B "C5'" 
584 C "C4'" . DC B 15 ? 2.96883 11.35967 10.69958 0.47623  -0.04365 0.63740  21 DC B "C4'" 
585 O "O4'" . DC B 15 ? 2.96865 11.30785 10.62357 0.51958  -0.16007 0.66039  21 DC B "O4'" 
586 C "C3'" . DC B 15 ? 2.94710 11.29185 10.71062 0.43461  0.04558  0.61389  21 DC B "C3'" 
587 O "O3'" . DC B 15 ? 2.96809 11.37573 10.78309 0.38363  0.14497  0.63181  21 DC B "O3'" 
588 C "C2'" . DC B 15 ? 2.94124 11.22920 10.63961 0.45501  -0.03311 0.64936  21 DC B "C2'" 
589 C "C1'" . DC B 15 ? 2.96621 11.27593 10.59823 0.50217  -0.15325 0.69494  21 DC B "C1'" 
590 N N1    . DC B 15 ? 2.95657 11.19065 10.52057 0.53836  -0.24917 0.69604  21 DC B N1    
591 C C2    . DC B 15 ? 2.98711 11.22953 10.48113 0.57186  -0.35484 0.74846  21 DC B C2    
592 O O2    . DC B 15 ? 3.02202 11.33838 10.50819 0.57389  -0.37404 0.79747  21 DC B O2    
593 N N3    . DC B 15 ? 2.98161 11.15314 10.41662 0.60002  -0.43371 0.74343  21 DC B N3    
594 C C4    . DC B 15 ? 2.94652 11.04920 10.38980 0.59488  -0.41141 0.69497  21 DC B C4    
595 N N4    . DC B 15 ? 2.94458 10.98538 10.32992 0.61892  -0.48669 0.69302  21 DC B N4    
596 C C5    . DC B 15 ? 2.91600 11.01316 10.42604 0.56395  -0.31150 0.64602  21 DC B C5    
597 C C6    . DC B 15 ? 2.92258 11.08280 10.49138 0.53698  -0.23297 0.64550  21 DC B C6    
598 P P     . DA B 16 ? 2.97975 11.39236 10.79551 0.34792  0.17886  0.67588  22 DA B P     
599 O OP1   . DA B 16 ? 3.00865 11.49766 10.88572 0.29270  0.29004  0.68278  22 DA B OP1   
600 O OP2   . DA B 16 ? 2.94868 11.27844 10.76544 0.34263  0.19034  0.63549  22 DA B OP2   
601 O "O5'" . DA B 16 ? 3.00322 11.44196 10.74347 0.38409  0.06106  0.75934  22 DA B "O5'" 
602 C "C5'" . DA B 16 ? 3.04383 11.57996 10.78015 0.37197  0.05882  0.82520  22 DA B "C5'" 
603 C "C4'" . DA B 16 ? 3.06286 11.60831 10.75460 0.37181  0.00687  0.89738  22 DA B "C4'" 
604 O "O4'" . DA B 16 ? 3.05146 11.52698 10.66711 0.42798  -0.11721 0.90137  22 DA B "O4'" 
605 C "C3'" . DA B 16 ? 3.05302 11.57013 10.79039 0.31949  0.09625  0.88890  22 DA B "C3'" 
606 O "O3'" . DA B 16 ? 3.08622 11.68717 10.87652 0.25878  0.19762  0.92014  22 DA B "O3'" 
607 C "C2'" . DA B 16 ? 3.05437 11.53477 10.72727 0.34702  -0.00094 0.93639  22 DA B "C2'" 
608 C "C1'" . DA B 16 ? 3.04353 11.47326 10.64465 0.41497  -0.12232 0.92104  22 DA B "C1'" 
609 N N9    . DA B 16 ? 3.00352 11.33338 10.59748 0.43036  -0.13296 0.85850  22 DA B N9    
610 C C8    . DA B 16 ? 2.97240 11.26432 10.62270 0.40652  -0.04947 0.78883  22 DA B C8    
611 N N7    . DA B 16 ? 2.94359 11.15412 10.56677 0.42823  -0.08804 0.75025  22 DA B N7    
612 C C5    . DA B 16 ? 2.95661 11.14573 10.50279 0.46609  -0.19804 0.79356  22 DA B C5    
613 C C6    . DA B 16 ? 2.94295 11.05685 10.42954 0.49758  -0.27772 0.78210  22 DA B C6    
614 N N6    . DA B 16 ? 2.91065 10.96104 10.40592 0.49670  -0.26074 0.72799  22 DA B N6    
615 N N1    . DA B 16 ? 2.96799 11.07779 10.38427 0.52859  -0.37558 0.82843  22 DA B N1    
616 C C2    . DA B 16 ? 3.00482 11.18388 10.40827 0.53149  -0.39908 0.88599  22 DA B C2    
617 N N3    . DA B 16 ? 3.02072 11.28104 10.47388 0.50407  -0.33418 0.90902  22 DA B N3    
618 C C4    . DA B 16 ? 2.99413 11.25373 10.52021 0.46999  -0.22994 0.85839  22 DA B C4    
619 P P     . DA C 1  ? 8.60298 3.55428  3.71649  0.06828  -0.04040 -0.25089 19 DA C P     
620 O OP1   . DA C 1  ? 8.64161 3.59045  3.80546  -0.08293 0.03485  -0.29742 19 DA C OP1   
621 O OP2   . DA C 1  ? 8.95519 3.62316  3.73936  0.08583  -0.13181 -0.21298 19 DA C OP2   
622 O "O5'" . DA C 1  ? 8.44168 3.58650  3.73368  0.08059  -0.09380 -0.32001 19 DA C "O5'" 
623 C "C5'" . DA C 1  ? 8.18039 3.57141  3.75656  0.02907  -0.04063 -0.38738 19 DA C "C5'" 
624 C "C4'" . DA C 1  ? 7.77342 3.42780  3.64577  0.20067  0.01253  -0.34776 19 DA C "C4'" 
625 O "O4'" . DA C 1  ? 7.54463 3.31246  3.63634  0.23333  0.13745  -0.30703 19 DA C "O4'" 
626 C "C3'" . DA C 1  ? 7.71018 3.48827  3.66699  0.20396  -0.00958 -0.41241 19 DA C "C3'" 
627 O "O3'" . DA C 1  ? 7.61697 3.49752  3.57858  0.33126  -0.07404 -0.39520 19 DA C "O3'" 
628 C "C2'" . DA C 1  ? 7.56519 3.37409  3.70255  0.28569  0.12334  -0.36464 19 DA C "C2'" 
629 C "C1'" . DA C 1  ? 7.22636 3.24060  3.69494  0.25615  0.20369  -0.34078 19 DA C "C1'" 
630 N N9    . DA C 1  ? 7.39415 3.26914  3.85384  0.11515  0.27163  -0.37475 19 DA C N9    
631 C C8    . DA C 1  ? 7.54060 3.31979  3.89061  -0.01895 0.26739  -0.40080 19 DA C C8    
632 N N7    . DA C 1  ? 7.63891 3.34303  4.04807  -0.14160 0.33917  -0.42926 19 DA C N7    
633 C C5    . DA C 1  ? 7.70742 3.31619  4.16354  -0.09070 0.41712  -0.39369 19 DA C C5    
634 C C6    . DA C 1  ? 7.86833 3.31666  4.42798  -0.18996 0.53873  -0.35767 19 DA C C6    
635 N N6    . DA C 1  ? 8.00379 3.38137  4.57916  -0.39079 0.58935  -0.38846 19 DA C N6    
636 N N1    . DA C 1  ? 7.84700 3.24954  4.58865  -0.07246 0.61813  -0.22917 19 DA C N1    
637 C C2    . DA C 1  ? 7.70336 3.21598  4.42749  0.15388  0.56390  -0.19903 19 DA C C2    
638 N N3    . DA C 1  ? 7.56444 3.23674  4.13338  0.22964  0.44168  -0.28289 19 DA C N3    
639 C C4    . DA C 1  ? 7.56040 3.27200  4.03929  0.09099  0.37724  -0.35625 19 DA C C4    
640 P P     . DC C 2  ? 7.68373 3.42311  3.28910  0.33035  -0.16889 -0.44579 20 DC C P     
641 O OP1   . DC C 2  ? 7.46991 3.38378  3.20031  0.48377  -0.20964 -0.41812 20 DC C OP1   
642 O OP2   . DC C 2  ? 8.08407 3.72059  3.40175  0.08716  -0.26323 -0.53332 20 DC C OP2   
643 O "O5'" . DC C 2  ? 7.76825 3.41672  3.29149  0.42649  -0.07772 -0.41192 20 DC C "O5'" 
644 C "C5'" . DC C 2  ? 8.09670 3.85492  3.31548  0.31416  -0.15626 -0.40247 20 DC C "C5'" 
645 C "C4'" . DC C 2  ? 7.63065 3.97187  3.60764  0.41854  -0.02207 -0.12616 20 DC C "C4'" 
646 O "O4'" . DC C 2  ? 7.56552 3.71333  3.74092  0.35421  0.11785  -0.13287 20 DC C "O4'" 
647 C "C3'" . DC C 2  ? 7.55008 4.61386  3.88727  0.26374  -0.10776 0.09952  20 DC C "C3'" 
648 O "O3'" . DC C 2  ? 7.09164 4.68824  4.10348  0.44349  0.00101  0.35086  20 DC C "O3'" 
649 C "C2'" . DC C 2  ? 7.75236 4.72611  4.04912  -0.01866 -0.10386 0.05745  20 DC C "C2'" 
650 C "C1'" . DC C 2  ? 7.59535 4.16658  4.02961  0.10364  0.08636  -0.00346 20 DC C "C1'" 
651 N N1    . DC C 2  ? 7.91109 3.98201  4.00969  -0.11965 0.10833  -0.18125 20 DC C N1    
652 C C2    . DC C 2  ? 7.83182 4.15531  4.30417  -0.29536 0.18804  -0.07662 20 DC C C2    
653 O O2    . DC C 2  ? 7.50239 4.47011  4.58337  -0.26182 0.22989  0.16033  20 DC C O2    
654 N N3    . DC C 2  ? 8.13138 3.98087  4.28004  -0.50153 0.21448  -0.24300 20 DC C N3    
655 C C4    . DC C 2  ? 8.49709 3.64116  3.97822  -0.52750 0.15847  -0.49780 20 DC C C4    
656 N N4    . DC C 2  ? 8.62937 3.60083  4.01660  -0.69941 0.18330  -0.57142 20 DC C N4    
657 C C5    . DC C 2  ? 8.43062 3.54350  3.74090  -0.32653 0.07266  -0.53759 20 DC C C5    
658 C C6    . DC C 2  ? 8.27328 3.63638  3.71015  -0.14416 0.05503  -0.44718 20 DC C C6    
659 P P     . DA C 3  ? 6.56559 4.90129  3.92388  0.46358  -0.09857 0.59175  21 DA C P     
660 O OP1   . DA C 3  ? 6.13394 4.73802  3.98060  0.75224  0.02431  0.76132  21 DA C OP1   
661 O OP2   . DA C 3  ? 6.90574 5.14834  3.72733  0.36563  -0.28319 0.47436  21 DA C OP2   
662 O "O5'" . DA C 3  ? 6.53826 5.36250  4.28506  0.22441  -0.12092 0.75244  21 DA C "O5'" 
663 C "C5'" . DA C 3  ? 6.44948 5.16953  4.45488  0.15015  0.01476  0.75294  21 DA C "C5'" 
664 C "C4'" . DA C 3  ? 6.64127 5.64007  4.69596  -0.16342 -0.07141 0.78941  21 DA C "C4'" 
665 O "O4'" . DA C 3  ? 6.90508 5.37297  4.63404  -0.34138 -0.02063 0.59143  21 DA C "O4'" 
666 C "C3'" . DA C 3  ? 6.94532 6.11734  4.63767  -0.33192 -0.28498 0.76540  21 DA C "C3'" 
667 O "O3'" . DA C 3  ? 6.83601 6.69829  4.97085  -0.45926 -0.35572 0.97882  21 DA C "O3'" 
668 C "C2'" . DA C 3  ? 7.39491 5.99756  4.47143  -0.56898 -0.34252 0.51139  21 DA C "C2'" 
669 C "C1'" . DA C 3  ? 7.29416 5.73949  4.63125  -0.62812 -0.17823 0.49809  21 DA C "C1'" 
670 N N9    . DA C 3  ? 7.65044 5.37910  4.42298  -0.76007 -0.16254 0.23765  21 DA C N9    
671 C C8    . DA C 3  ? 7.93579 5.05742  4.07055  -0.71119 -0.22456 0.01381  21 DA C C8    
672 N N7    . DA C 3  ? 8.24163 4.77439  3.95507  -0.85703 -0.20110 -0.19241 21 DA C N7    
673 C C5    . DA C 3  ? 8.15386 4.92941  4.25069  -1.02322 -0.11227 -0.09883 21 DA C C5    
674 C C6    . DA C 3  ? 8.37539 4.78058  4.30310  -1.23453 -0.04561 -0.22398 21 DA C C6    
675 N N6    . DA C 3  ? 8.75156 4.42092  4.04244  -1.31086 -0.06719 -0.47507 21 DA C N6    
676 N N1    . DA C 3  ? 8.20515 5.01937  4.63953  -1.36590 0.04302  -0.08504 21 DA C N1    
677 C C2    . DA C 3  ? 7.83639 5.38287  4.90889  -1.28273 0.05491  0.16424  21 DA C C2    
678 N N3    . DA C 3  ? 7.60732 5.54961  4.88922  -1.08342 -0.00889 0.30787  21 DA C N3    
679 C C4    . DA C 3  ? 7.78593 5.30557  4.54656  -0.96449 -0.08821 0.16318  21 DA C C4    
680 P P     . DC C 4  ? 6.25230 6.73711  4.74969  -0.30217 -0.43042 1.21480  22 DC C P     
681 O OP1   . DC C 4  ? 6.36574 6.55469  4.41170  -0.15057 -0.49358 1.10824  22 DC C OP1   
682 O OP2   . DC C 4  ? 6.32362 7.37355  5.04221  -0.52429 -0.56057 1.35341  22 DC C OP2   
683 O "O5'" . DC C 4  ? 5.77061 6.50116  4.92936  -0.05724 -0.24674 1.39606  22 DC C "O5'" 
684 C "C5'" . DC C 4  ? 5.59277 6.54334  5.23827  -0.13904 -0.13730 1.48731  22 DC C "C5'" 
685 C "C4'" . DC C 4  ? 5.12458 6.38893  5.40568  0.11910  0.00847  1.68694  22 DC C "C4'" 
686 O "O4'" . DC C 4  ? 4.94125 6.91628  5.67566  0.13942  -0.08357 1.93548  22 DC C "O4'" 
687 C "C3'" . DC C 4  ? 4.96962 5.91161  5.12467  0.41484  0.09255  1.64540  22 DC C "C3'" 
688 O "O3'" . DC C 4  ? 4.60974 5.56511  5.23826  0.59956  0.28425  1.73151  22 DC C "O3'" 
689 C "C2'" . DC C 4  ? 4.88879 6.27912  5.13629  0.51887  -0.03074 1.80677  22 DC C "C2'" 
690 C "C1'" . DC C 4  ? 4.75934 6.83559  5.54241  0.39345  -0.08998 2.03114  22 DC C "C1'" 
691 N N1    . DC C 4  ? 4.89999 7.38916  5.59087  0.31012  -0.28937 2.13262  22 DC C N1    
692 C C2    . DC C 4  ? 4.64087 7.63698  5.73214  0.47953  -0.32024 2.36589  22 DC C C2    
693 O O2    . DC C 4  ? 4.29340 7.39098  5.81176  0.70020  -0.18091 2.48472  22 DC C O2    
694 N N3    . DC C 4  ? 4.78982 8.14164  5.77539  0.39528  -0.50513 2.45507  22 DC C N3    
695 C C4    . DC C 4  ? 5.16726 8.39508  5.68506  0.15587  -0.65197 2.32128  22 DC C C4    
696 N N4    . DC C 4  ? 5.30543 8.89327  5.73310  0.07925  -0.83224 2.41690  22 DC C N4    
697 C C5    . DC C 4  ? 5.43127 8.14882  5.54069  -0.01783 -0.62242 2.08337  22 DC C C5    
698 C C6    . DC C 4  ? 5.29125 7.65266  5.50028  0.06482  -0.44190 1.99792  22 DC C C6    
699 P P     . DC C 5  ? 4.79328 5.15818  5.21807  0.84317  0.43284  1.59085  23 DC C P     
700 O OP1   . DC C 5  ? 4.58645 4.83969  5.36930  0.87177  0.61800  1.60308  23 DC C OP1   
701 O OP2   . DC C 5  ? 5.18076 4.96698  4.86601  0.77243  0.34336  1.33463  23 DC C OP2   
702 O "O5'" . DC C 5  ? 4.48761 5.17036  5.18911  1.12740  0.44434  1.76288  23 DC C "O5'" 
703 C "C5'" . DC C 5  ? 4.22934 5.61707  5.49972  1.16496  0.40984  2.03633  23 DC C "C5'" 
704 C "C4'" . DC C 5  ? 4.03173 5.59545  5.39355  1.41923  0.40296  2.15177  23 DC C "C4'" 
705 O "O4'" . DC C 5  ? 4.17548 6.14223  5.44395  1.32773  0.21381  2.25062  23 DC C "O4'" 
706 C "C3'" . DC C 5  ? 4.12059 5.10198  4.99852  1.56470  0.45032  1.93300  23 DC C "C3'" 
707 O "O3'" . DC C 5  ? 3.87866 4.89049  4.88963  1.55365  0.55040  1.78703  23 DC C "O3'" 
708 C "C2'" . DC C 5  ? 4.45665 5.41414  4.82227  1.46676  0.25689  1.86546  23 DC C "C2'" 
709 C "C1'" . DC C 5  ? 4.35136 6.02008  5.11248  1.41078  0.14711  2.12258  23 DC C "C1'" 
710 N N1    . DC C 5  ? 4.69948 6.49976  5.09024  1.18373  -0.05900 2.08240  23 DC C N1    
711 C C2    . DC C 5  ? 4.67177 6.98621  5.20595  1.19143  -0.18760 2.26714  23 DC C C2    
712 O O2    . DC C 5  ? 4.36850 7.00142  5.32181  1.38172  -0.12597 2.44965  23 DC C O2    
713 N N3    . DC C 5  ? 4.99332 7.42387  5.18995  0.97906  -0.37522 2.22957  23 DC C N3    
714 C C4    . DC C 5  ? 5.32602 7.38420  5.06449  0.76852  -0.43281 2.01869  23 DC C C4    
715 N N4    . DC C 5  ? 5.63686 7.82448  5.05222  0.56317  -0.61841 1.98853  23 DC C N4    
716 C C5    . DC C 5  ? 5.36602 6.89234  4.94707  0.75624  -0.30487 1.82965  23 DC C C5    
717 C C6    . DC C 5  ? 5.04960 6.46486  4.96386  0.96657  -0.12192 1.86905  23 DC C C6    
718 P P     . DG C 6  ? 4.12209 4.60986  4.83949  1.52785  0.64446  1.46835  24 DG C P     
719 O OP1   . DG C 6  ? 3.87672 4.40633  4.84876  1.40847  0.75006  1.43072  24 DG C OP1   
720 O OP2   . DG C 6  ? 4.37420 4.36684  4.66746  1.57208  0.61744  1.32898  24 DG C OP2   
721 O "O5'" . DG C 6  ? 4.08906 4.62737  4.64968  1.55117  0.59588  1.39933  24 DG C "O5'" 
722 C "C5'" . DG C 6  ? 3.95385 4.86104  4.77714  1.51771  0.60537  1.52200  24 DG C "C5'" 
723 C "C4'" . DG C 6  ? 4.08362 5.17531  4.78027  1.59295  0.50590  1.59036  24 DG C "C4'" 
724 O "O4'" . DG C 6  ? 4.31089 5.57548  4.93039  1.64432  0.37118  1.74519  24 DG C "O4'" 
725 C "C3'" . DG C 6  ? 4.13101 4.88718  4.45361  1.62835  0.49369  1.38388  24 DG C "C3'" 
726 O "O3'" . DG C 6  ? 4.00592 4.87051  4.39211  1.59962  0.55528  1.37738  24 DG C "O3'" 
727 C "C2'" . DG C 6  ? 4.42243 5.22546  4.45973  1.72668  0.34932  1.45349  24 DG C "C2'" 
728 C "C1'" . DG C 6  ? 4.49320 5.73137  4.77967  1.69641  0.25634  1.71586  24 DG C "C1'" 
729 N N9    . DG C 6  ? 4.81769 5.99821  4.73130  1.68941  0.08709  1.78691  24 DG C N9    
730 C C8    . DG C 6  ? 5.01892 5.76980  4.57908  1.69669  0.08089  1.70814  24 DG C C8    
731 N N7    . DG C 6  ? 5.37155 6.08607  4.53513  1.48148  -0.07944 1.63550  24 DG C N7    
732 C C5    . DG C 6  ? 5.37826 6.59965  4.64351  1.45195  -0.20907 1.80762  24 DG C C5    
733 C C6    . DG C 6  ? 5.68285 7.10429  4.66379  1.23364  -0.40418 1.80498  24 DG C C6    
734 O O6    . DG C 6  ? 6.01626 7.20323  4.58562  1.01551  -0.50383 1.64400  24 DG C O6    
735 N N1    . DG C 6  ? 5.58152 7.52237  4.78746  1.28577  -0.48632 2.01622  24 DG C N1    
736 C C2    . DG C 6  ? 5.25515 7.40510  4.92848  1.44808  -0.36450 2.11112  24 DG C C2    
737 N N2    . DG C 6  ? 5.26644 7.78456  5.07850  1.39940  -0.43791 2.20137  24 DG C N2    
738 N N3    . DG C 6  ? 4.98357 6.90098  4.92472  1.57550  -0.16171 2.02600  24 DG C N3    
739 C C4    . DG C 6  ? 5.04285 6.54683  4.77169  1.60905  -0.10891 1.92548  24 DG C C4    
740 P P     . DT C 7  ? 4.32138 4.94483  4.37381  1.64565  0.64221  1.23693  25 DT C P     
741 O OP1   . DT C 7  ? 4.25255 4.95873  4.38395  1.62112  0.82452  1.32705  25 DT C OP1   
742 O OP2   . DT C 7  ? 4.40053 4.63361  4.15556  1.64331  0.60469  1.04699  25 DT C OP2   
743 O "O5'" . DT C 7  ? 4.40344 5.17794  4.36880  1.70034  0.51934  1.25723  25 DT C "O5'" 
744 C "C5'" . DT C 7  ? 4.37497 5.52616  4.57893  1.69943  0.51667  1.43269  25 DT C "C5'" 
745 C "C4'" . DT C 7  ? 4.54178 5.86225  4.63224  1.74727  0.35748  1.48969  25 DT C "C4'" 
746 O "O4'" . DT C 7  ? 4.73831 6.11995  4.73856  1.76931  0.23553  1.57284  25 DT C "O4'" 
747 C "C3'" . DT C 7  ? 4.63934 5.72980  4.37427  1.80949  0.34064  1.33380  25 DT C "C3'" 
748 O "O3'" . DT C 7  ? 4.56143 5.77309  4.34759  1.81703  0.41825  1.34874  25 DT C "O3'" 
749 C "C2'" . DT C 7  ? 4.94031 6.15801  4.44361  1.85296  0.16057  1.41676  25 DT C "C2'" 
750 C "C1'" . DT C 7  ? 4.98878 6.41480  4.67430  1.79829  0.08783  1.58333  25 DT C "C1'" 
751 N N1    . DT C 7  ? 5.25275 6.45170  4.55900  1.79027  -0.03432 1.53961  25 DT C N1    
752 C C2    . DT C 7  ? 5.53301 6.95590  4.62648  1.69091  -0.23247 1.65838  25 DT C C2    
753 O O2    . DT C 7  ? 5.55591 7.37235  4.80909  1.62741  -0.31037 1.80045  25 DT C O2    
754 N N3    . DT C 7  ? 5.81718 6.96062  4.45246  1.63045  -0.33540 1.57887  25 DT C N3    
755 C C4    . DT C 7  ? 5.86453 6.49857  4.24034  1.69512  -0.25808 1.40201  25 DT C C4    
756 O O4    . DT C 7  ? 6.18742 6.53242  4.07112  1.60962  -0.35669 1.30771  25 DT C O4    
757 C C5    . DT C 7  ? 5.53475 5.97376  4.21793  1.82219  -0.04851 1.29315  25 DT C C5    
758 C C7    . DT C 7  ? 5.55249 5.44238  4.01366  1.87348  0.05354  1.07525  25 DT C C7    
759 C C6    . DT C 7  ? 5.24459 5.98875  4.36062  1.83818  0.04930  1.36045  25 DT C C6    
760 P P     . DC D 1  ? 6.30235 4.64764  9.39271  -1.07210 -3.18205 0.95202  2  DC F P     
761 O OP1   . DC D 1  ? 6.36568 4.73222  9.45393  -1.00104 -3.18193 1.01847  2  DC F OP1   
762 O OP2   . DC D 1  ? 6.18411 4.75995  9.17755  -1.13562 -3.05318 0.88740  2  DC F OP2   
763 O "O5'" . DC D 1  ? 6.28430 4.43199  9.64567  -1.15385 -3.20862 1.01495  2  DC F "O5'" 
764 C "C5'" . DC D 1  ? 6.34678 4.26697  9.76179  -1.15201 -3.34207 1.00092  2  DC F "C5'" 
765 C "C4'" . DC D 1  ? 6.25720 4.13781  9.82413  -1.26078 -3.30207 0.99588  2  DC F "C4'" 
766 O "O4'" . DC D 1  ? 6.27453 4.08206  9.74222  -1.25871 -3.38434 0.91570  2  DC F "O4'" 
767 C "C3'" . DC D 1  ? 6.12293 4.22882  9.69436  -1.34156 -3.13130 0.97844  2  DC F "C3'" 
768 O "O3'" . DC D 1  ? 6.06582 4.10022  9.88138  -1.42999 -3.08095 1.04494  2  DC F "O3'" 
769 C "C2'" . DC D 1  ? 6.07795 4.26827  9.48394  -1.36067 -3.12467 0.87198  2  DC F "C2'" 
770 C "C1'" . DC D 1  ? 6.15919 4.11083  9.59994  -1.33797 -3.28164 0.85948  2  DC F "C1'" 
771 N N1    . DC D 1  ? 6.17682 4.16351  9.40352  -1.30224 -3.33627 0.75757  2  DC F N1    
772 C C2    . DC D 1  ? 6.12820 4.07017  9.38091  -1.36650 -3.34857 0.70853  2  DC F C2    
773 O O2    . DC D 1  ? 6.08184 4.01432  9.44526  -1.38323 -3.24297 0.75288  2  DC F O2    
774 N N3    . DC D 1  ? 6.14594 4.12201  9.20442  -1.33245 -3.39858 0.61844  2  DC F N3    
775 C C4    . DC D 1  ? 6.20965 4.26119  9.05664  -1.23767 -3.43406 0.57843  2  DC F C4    
776 N N4    . DC D 1  ? 6.22600 4.31217  8.88709  -1.20556 -3.48127 0.49183  2  DC F N4    
777 C C5    . DC D 1  ? 6.26064 4.35770  9.07866  -1.17006 -3.42146 0.62788  2  DC F C5    
778 C C6    . DC D 1  ? 6.24208 4.30382  9.25270  -1.20574 -3.37359 0.71613  2  DC F C6    
779 P P     . DT D 2  ? 5.85946 4.09052  9.74271  -1.51271 -2.89887 1.06395  3  DT F P     
780 O OP1   . DT D 2  ? 5.85201 4.00299  9.93853  -1.52395 -2.84540 1.15166  3  DT F OP1   
781 O OP2   . DT D 2  ? 5.85377 4.29192  9.57727  -1.46453 -2.82084 1.05267  3  DT F OP2   
782 O "O5'" . DT D 2  ? 5.77370 4.08839  9.58322  -1.58259 -2.84409 0.97508  3  DT F "O5'" 
783 C "C5'" . DT D 2  ? 5.78826 4.00134  9.59215  -1.54590 -2.84485 0.95647  3  DT F "C5'" 
784 C "C4'" . DT D 2  ? 5.72571 4.03654  9.39054  -1.58431 -2.79768 0.85979  3  DT F "C4'" 
785 O "O4'" . DT D 2  ? 5.77500 4.05673  9.29104  -1.55578 -2.93123 0.79124  3  DT F "O4'" 
786 C "C3'" . DT D 2  ? 5.62037 4.14272  9.25580  -1.67819 -2.66885 0.82560  3  DT F "C3'" 
787 O "O3'" . DT D 2  ? 5.55954 4.12121  9.24554  -1.70728 -2.52065 0.83069  3  DT F "O3'" 
788 C "C2'" . DT D 2  ? 5.60190 4.22048  9.04756  -1.69305 -2.72233 0.72205  3  DT F "C2'" 
789 C "C1'" . DT D 2  ? 5.69893 4.13412  9.08636  -1.60872 -2.87036 0.70451  3  DT F "C1'" 
790 N N1    . DT D 2  ? 5.74497 4.24780  8.91264  -1.54513 -2.95035 0.63433  3  DT F N1    
791 C C2    . DT D 2  ? 5.73487 4.25309  8.76903  -1.54825 -2.98927 0.54860  3  DT F C2    
792 O O2    . DT D 2  ? 5.69560 4.17941  8.75874  -1.58237 -2.93991 0.52905  3  DT F O2    
793 N N3    . DT D 2  ? 5.78708 4.38680  8.59127  -1.46258 -3.03829 0.49069  3  DT F N3    
794 C C4    . DT D 2  ? 5.84784 4.51285  8.54626  -1.37519 -3.05088 0.51072  3  DT F C4    
795 O O4    . DT D 2  ? 5.89401 4.63161  8.38636  -1.29906 -3.09403 0.45716  3  DT F O4    
796 C C5    . DT D 2  ? 5.85424 4.49808  8.70361  -1.37845 -3.00820 0.60166  3  DT F C5    
797 C C7    . DT D 2  ? 5.91864 4.62899  8.67482  -1.28777 -3.01640 0.63340  3  DT F C7    
798 C C6    . DT D 2  ? 5.80253 4.36849  8.87592  -1.46271 -2.96044 0.65806  3  DT F C6    
799 P P     . DG D 3  ? 5.26827 4.02458  8.96956  -1.80064 -2.35701 0.82247  4  DG F P     
800 O OP1   . DG D 3  ? 5.25200 3.97440  9.07384  -1.79696 -2.23723 0.87581  4  DG F OP1   
801 O OP2   . DG D 3  ? 5.26038 4.11950  8.97191  -1.83392 -2.39475 0.84543  4  DG F OP2   
802 O "O5'" . DG D 3  ? 5.21023 4.08019  8.74868  -1.84590 -2.31586 0.71600  4  DG F "O5'" 
803 C "C5'" . DG D 3  ? 5.21069 4.00692  8.70733  -1.82022 -2.28810 0.67792  4  DG F "C5'" 
804 C "C4'" . DG D 3  ? 5.17965 4.06242  8.50267  -1.84528 -2.30372 0.57730  4  DG F "C4'" 
805 O "O4'" . DG D 3  ? 5.22630 4.10252  8.45813  -1.81357 -2.45342 0.55003  4  DG F "O4'" 
806 C "C3'" . DG D 3  ? 5.09089 4.18147  8.34329  -1.93783 -2.18028 0.52411  4  DG F "C3'" 
807 O "O3'" . DG D 3  ? 5.05036 4.14875  8.28303  -1.96150 -2.06175 0.48879  4  DG F "O3'" 
808 C "C2'" . DG D 3  ? 5.08617 4.28481  8.17146  -1.94620 -2.27463 0.44817  4  DG F "C2'" 
809 C "C1'" . DG D 3  ? 5.17816 4.20851  8.24775  -1.85496 -2.44286 0.45993  4  DG F "C1'" 
810 N N9    . DG D 3  ? 5.21724 4.33336  8.15271  -1.80449 -2.52597 0.43936  4  DG F N9    
811 C C8    . DG D 3  ? 5.25591 4.41224  8.19260  -1.74958 -2.51471 0.49520  4  DG F C8    
812 N N7    . DG D 3  ? 5.30258 4.55304  8.04195  -1.66636 -2.55558 0.45991  4  DG F N7    
813 C C5    . DG D 3  ? 5.29388 4.57064  7.89029  -1.66595 -2.59621 0.37470  4  DG F C5    
814 C C6    . DG D 3  ? 5.33145 4.70388  7.69449  -1.59201 -2.64830 0.30820  4  DG F C6    
815 O O6    . DG D 3  ? 5.38165 4.83617  7.61539  -1.50936 -2.66830 0.31201  4  DG F O6    
816 N N1    . DG D 3  ? 5.30648 4.67701  7.58929  -1.62015 -2.67615 0.23358  4  DG F N1    
817 C C2    . DG D 3  ? 5.25240 4.53663  7.66574  -1.70889 -2.65674 0.22466  4  DG F C2    
818 N N2    . DG D 3  ? 5.23621 4.53430  7.54395  -1.72294 -2.68966 0.14966  4  DG F N2    
819 N N3    . DG D 3  ? 5.21758 4.41020  7.85168  -1.77790 -2.60706 0.28743  4  DG F N3    
820 C C4    . DG D 3  ? 5.24102 4.43634  7.95460  -1.75130 -2.57906 0.36036  4  DG F C4    
821 P P     . DT D 4  ? 4.94761 4.23128  8.13430  -2.05740 -1.89977 0.44384  5  DT F P     
822 O OP1   . DT D 4  ? 4.93243 4.15817  8.14746  -2.05844 -1.78935 0.43496  5  DT F OP1   
823 O OP2   . DT D 4  ? 4.92691 4.31016  8.18924  -2.10112 -1.85779 0.49519  5  DT F OP2   
824 O "O5'" . DT D 4  ? 4.91735 4.33471  7.91820  -2.08787 -1.94298 0.34785  5  DT F "O5'" 
825 C "C5'" . DT D 4  ? 4.94319 4.28163  7.84710  -2.03997 -2.01421 0.29485  5  DT F "C5'" 
826 C "C4'" . DT D 4  ? 4.91665 4.40692  7.63680  -2.06598 -2.05634 0.20803  5  DT F "C4'" 
827 O "O4'" . DT D 4  ? 4.95681 4.47143  7.63097  -2.03134 -2.19573 0.21642  5  DT F "O4'" 
828 C "C3'" . DT D 4  ? 4.83927 4.54706  7.48725  -2.16151 -1.93556 0.16224  5  DT F "C3'" 
829 O "O3'" . DT D 4  ? 4.80326 4.53040  7.38574  -2.18796 -1.84244 0.10043  5  DT F "O3'" 
830 C "C2'" . DT D 4  ? 4.83971 4.70676  7.32884  -2.16101 -2.02745 0.11930  5  DT F "C2'" 
831 C "C1'" . DT D 4  ? 4.92328 4.64227  7.40945  -2.05589 -2.18659 0.14397  5  DT F "C1'" 
832 N N1    . DT D 4  ? 4.96980 4.78766  7.34410  -1.97163 -2.19983 0.16463  5  DT F N1    
833 C C2    . DT D 4  ? 5.00341 4.92613  7.15742  -1.89869 -2.25533 0.10856  5  DT F C2    
834 O O2    . DT D 4  ? 4.99694 4.93693  7.03847  -1.89934 -2.29638 0.04078  5  DT F O2    
835 N N3    . DT D 4  ? 5.04618 5.05624  7.11729  -1.82310 -2.25932 0.13759  5  DT F N3    
836 C C4    . DT D 4  ? 5.05685 5.05999  7.24171  -1.81595 -2.21441 0.21473  5  DT F C4    
837 O O4    . DT D 4  ? 5.09701 5.18210  7.19677  -1.74506 -2.22232 0.23745  5  DT F O4    
838 C C5    . DT D 4  ? 5.01965 4.91159  7.43261  -1.89527 -2.15845 0.26938  5  DT F C5    
839 C C7    . DT D 4  ? 5.02824 4.90523  7.58123  -1.89406 -2.10650 0.35667  5  DT F C7    
840 C C6    . DT D 4  ? 4.97872 4.78561  7.47357  -1.96762 -2.15303 0.24209  5  DT F C6    
841 P P     . DA D 5  ? 4.85804 4.79523  7.34702  -2.28530 -1.70831 0.03901  6  DA F P     
842 O OP1   . DA D 5  ? 4.83569 4.71361  7.34462  -2.29900 -1.59430 0.00847  6  DA F OP1   
843 O OP2   . DA D 5  ? 4.83628 4.88228  7.38843  -2.34062 -1.65482 0.08742  6  DA F OP2   
844 O "O5'" . DA D 5  ? 4.85108 4.93119  7.13628  -2.28444 -1.79301 -0.03729 6  DA F "O5'" 
845 C "C5'" . DA D 5  ? 4.88560 4.87365  7.08936  -2.21489 -1.88651 -0.07810 6  DA F "C5'" 
846 C "C4'" . DA D 5  ? 4.88840 5.03015  6.89169  -2.20397 -1.97067 -0.14011 6  DA F "C4'" 
847 O "O4'" . DA D 5  ? 4.93293 5.10645  6.90963  -2.15147 -2.06070 -0.10123 6  DA F "O4'" 
848 C "C3'" . DA D 5  ? 4.82646 5.20404  6.68868  -2.28653 -1.87137 -0.20152 6  DA F "C3'" 
849 O "O3'" . DA D 5  ? 4.83097 5.28907  6.50538  -2.25387 -1.92113 -0.27589 6  DA F "O3'" 
850 C "C2'" . DA D 5  ? 4.83629 5.36076  6.64112  -2.26884 -1.83557 -0.16859 6  DA F "C2'" 
851 C "C1'" . DA D 5  ? 4.91170 5.32714  6.70966  -2.15138 -1.97382 -0.13395 6  DA F "C1'" 
852 N N9    . DA D 5  ? 4.94178 5.38862  6.77262  -2.10395 -1.95343 -0.06996 6  DA F N9    
853 C C8    . DA D 5  ? 4.92270 5.34351  6.91173  -2.14917 -1.86995 -0.00666 6  DA F C8    
854 N N7    . DA D 5  ? 4.95940 5.41943  6.94218  -2.08781 -1.87269 0.04441  6  DA F N7    
855 C C5    . DA D 5  ? 5.00719 5.52201  6.81395  -1.99482 -1.96322 0.01187  6  DA F C5    
856 C C6    . DA D 5  ? 5.06378 5.63766  6.77711  -1.89629 -2.00886 0.03868  6  DA F C6    
857 N N6    . DA D 5  ? 5.07979 5.66887  6.87016  -1.87694 -1.96882 0.10786  6  DA F N6    
858 N N1    . DA D 5  ? 5.10572 5.72249  6.64307  -1.81647 -2.09647 -0.00692 6  DA F N1    
859 C C2    . DA D 5  ? 5.09014 5.69448  6.55090  -1.83546 -2.13590 -0.07445 6  DA F C2    
860 N N3    . DA D 5  ? 5.03683 5.58934  6.57237  -1.92586 -2.10130 -0.10515 6  DA F N3    
861 C C4    . DA D 5  ? 4.99745 5.50550  6.70779  -2.00287 -2.01362 -0.05886 6  DA F C4    
# 
